data_5EUO
#
_entry.id   5EUO
#
_cell.length_a   134.744
_cell.length_b   54.082
_cell.length_c   149.296
_cell.angle_alpha   90.000
_cell.angle_beta   116.610
_cell.angle_gamma   90.000
#
_symmetry.space_group_name_H-M   'P 1 21 1'
#
loop_
_entity.id
_entity.type
_entity.pdbx_description
1 polymer 'HLA class I histocompatibility antigen, A-2 alpha chain'
2 polymer Beta-2-microglobulin
3 polymer 'PF6 TCR alpha chain'
4 polymer 'PF6 TCR beta chain'
5 polymer 'Matrix protein 1'
6 non-polymer IMIDAZOLE
7 water water
#
loop_
_entity_poly.entity_id
_entity_poly.type
_entity_poly.pdbx_seq_one_letter_code
_entity_poly.pdbx_strand_id
1 'polypeptide(L)'
;MGSHSMRYFFTSVSRPGRGEPRFIAVGYVDDTQFVRFDSDAASQRMEPRAPWIEQEGPEYWDGETRKVKAHSQTHRVDLG
TLRGYYNQSEAGSHTVQRMYGCDVGSDWRFLRGYHQYAYDGKDYIALKEDLRSWTAADMAAQTTKHKWEAAHVAEQLRAY
LEGTCVEWLRRYLENGKETLQRTDAPKTHMTHHAVSDHEATLRCWALSFYPAEITLTWQRDGEDQTQDTELVETRPAGDG
TFQKWAAVVVPSGQEQRYTCHVQHEGLPKPLTLRWE
;
A,C
2 'polypeptide(L)'
;MIQRTPKIQVYSRHPAENGKSNFLNCYVSGFHPSDIEVDLLKNGERIEKVEHSDLSFSKDWSFYLLYYTEFTPTEKDEYA
CRVNHVTLSQPKIVKWDRDM
;
B,D
3 'polypeptide(L)'
;MTQLLEQSPQFLSIQEGENLTVYCNSSSVFSSLQWYRQEPGEGPVLLVTVVTGGEVKKLKRLTFQFGDARKDSSLHITAA
QPGDTGLYLCAGAIGPSNTGKLIFGKGTKLSVKPNIQNPDPAVYQLRDSKSSDKSVCLFTDFDSQTNVSQSKDSDVYITD
KCVLDMRSMDFKSNSAVAWSNKSDFACANAFNNSIIPEDTFFPSPESS
;
E,G
4 'polypeptide(L)'
;GITQSPKYLFRKEGQNVTLSCEQNLNHDAMYWYRQDPGQGLRLIYYSQIVNDFQKGDIAEGYSVSREKKESFPLTVTSAQ
ANPTAFYLCASSIRSSYEQYFGPGTRLTVTEDLKNVFPPEVAVFEPSEAEISHTQKATLVCLATGFYPDHVELSWWVNGK
EVHSGVCTDPQPLKEQPALNDSRYSLSSRLRVSATFWQNPRNHFRCQVQFYGLSENDEWTQDRAKPVTQIVSAEAWGRAD
;
F,H
5 'polypeptide(L)' GILGFVFTL I,J
#
# COMPACT_ATOMS: atom_id res chain seq x y z
N GLY A 2 16.76 -0.20 12.78
CA GLY A 2 17.84 -1.13 13.07
C GLY A 2 19.11 -0.70 12.38
N SER A 3 19.98 -1.65 12.08
CA SER A 3 21.22 -1.30 11.41
C SER A 3 21.33 -1.93 10.05
N HIS A 4 22.09 -1.28 9.18
CA HIS A 4 22.15 -1.71 7.80
C HIS A 4 23.55 -1.64 7.21
N SER A 5 23.76 -2.48 6.21
CA SER A 5 25.05 -2.66 5.60
C SER A 5 24.90 -2.73 4.11
N MET A 6 25.87 -2.22 3.39
CA MET A 6 25.98 -2.51 1.97
C MET A 6 27.30 -3.23 1.77
N ARG A 7 27.30 -4.33 1.02
CA ARG A 7 28.55 -5.06 0.82
C ARG A 7 28.66 -5.56 -0.60
N TYR A 8 29.86 -5.47 -1.16
CA TYR A 8 30.17 -6.10 -2.44
C TYR A 8 31.22 -7.20 -2.27
N PHE A 9 31.10 -8.23 -3.10
CA PHE A 9 31.93 -9.41 -3.01
C PHE A 9 32.39 -9.72 -4.42
N PHE A 10 33.69 -9.97 -4.58
CA PHE A 10 34.31 -10.24 -5.87
C PHE A 10 35.15 -11.50 -5.78
N THR A 11 35.00 -12.39 -6.75
CA THR A 11 35.76 -13.62 -6.74
C THR A 11 36.39 -13.83 -8.10
N SER A 12 37.70 -14.01 -8.11
CA SER A 12 38.44 -14.17 -9.37
C SER A 12 39.17 -15.52 -9.34
N VAL A 13 38.93 -16.36 -10.34
CA VAL A 13 39.57 -17.68 -10.33
C VAL A 13 40.30 -17.94 -11.63
N SER A 14 41.55 -18.33 -11.52
CA SER A 14 42.34 -18.66 -12.70
C SER A 14 41.88 -20.00 -13.23
N ARG A 15 41.55 -20.07 -14.51
CA ARG A 15 41.27 -21.34 -15.15
C ARG A 15 42.34 -21.60 -16.19
N PRO A 16 43.56 -21.92 -15.74
CA PRO A 16 44.77 -21.90 -16.58
C PRO A 16 44.58 -22.67 -17.88
N GLY A 17 44.98 -22.07 -18.99
CA GLY A 17 44.81 -22.67 -20.30
C GLY A 17 43.40 -22.58 -20.86
N ARG A 18 42.39 -22.60 -20.01
CA ARG A 18 41.00 -22.62 -20.46
C ARG A 18 40.34 -21.25 -20.38
N GLY A 19 40.79 -20.32 -21.22
CA GLY A 19 40.33 -18.94 -21.14
C GLY A 19 41.15 -18.17 -20.12
N GLU A 20 40.68 -16.97 -19.78
CA GLU A 20 41.36 -16.16 -18.76
C GLU A 20 40.34 -15.97 -17.61
N PRO A 21 40.80 -15.70 -16.38
CA PRO A 21 40.03 -15.97 -15.16
C PRO A 21 38.53 -15.67 -15.14
N ARG A 22 37.83 -16.48 -14.35
CA ARG A 22 36.42 -16.29 -14.08
C ARG A 22 36.24 -15.17 -13.06
N PHE A 23 35.39 -14.20 -13.37
CA PHE A 23 35.11 -13.10 -12.45
C PHE A 23 33.62 -13.05 -12.05
N ILE A 24 33.33 -13.09 -10.76
CA ILE A 24 31.94 -13.00 -10.27
C ILE A 24 31.83 -11.95 -9.18
N ALA A 25 30.90 -11.02 -9.36
CA ALA A 25 30.66 -9.95 -8.40
C ALA A 25 29.20 -9.92 -7.95
N VAL A 26 28.95 -9.79 -6.65
CA VAL A 26 27.58 -9.58 -6.20
C VAL A 26 27.56 -8.47 -5.16
N GLY A 27 26.43 -7.77 -5.10
CA GLY A 27 26.20 -6.74 -4.11
C GLY A 27 25.00 -7.08 -3.24
N TYR A 28 25.10 -6.75 -1.95
CA TYR A 28 24.05 -6.98 -0.99
C TYR A 28 23.70 -5.71 -0.25
N VAL A 29 22.43 -5.54 0.07
CA VAL A 29 22.04 -4.60 1.11
C VAL A 29 21.46 -5.44 2.23
N ASP A 30 22.05 -5.36 3.42
CA ASP A 30 21.69 -6.26 4.51
C ASP A 30 21.78 -7.71 4.01
N ASP A 31 20.67 -8.43 4.04
CA ASP A 31 20.73 -9.82 3.61
C ASP A 31 20.07 -10.05 2.26
N THR A 32 19.83 -8.96 1.54
CA THR A 32 19.22 -9.01 0.22
C THR A 32 20.21 -8.64 -0.90
N GLN A 33 20.51 -9.60 -1.76
CA GLN A 33 21.32 -9.35 -2.95
C GLN A 33 20.60 -8.45 -3.96
N PHE A 34 21.32 -7.49 -4.59
CA PHE A 34 20.67 -6.64 -5.59
C PHE A 34 21.36 -6.54 -6.96
N VAL A 35 22.65 -6.84 -7.06
CA VAL A 35 23.30 -6.84 -8.39
C VAL A 35 24.16 -8.08 -8.58
N ARG A 36 24.44 -8.39 -9.82
CA ARG A 36 25.50 -9.35 -10.10
C ARG A 36 26.24 -8.99 -11.37
N PHE A 37 27.46 -9.49 -11.48
CA PHE A 37 28.18 -9.47 -12.73
C PHE A 37 28.90 -10.80 -12.84
N ASP A 38 28.80 -11.41 -14.00
CA ASP A 38 29.50 -12.66 -14.27
C ASP A 38 30.19 -12.50 -15.62
N SER A 39 31.50 -12.72 -15.66
CA SER A 39 32.27 -12.52 -16.89
C SER A 39 32.00 -13.65 -17.90
N ASP A 40 31.37 -14.72 -17.47
CA ASP A 40 31.04 -15.83 -18.36
C ASP A 40 29.68 -15.66 -19.03
N ALA A 41 28.73 -15.05 -18.30
CA ALA A 41 27.41 -14.75 -18.87
C ALA A 41 27.52 -13.96 -20.16
N ALA A 42 26.48 -14.03 -20.99
CA ALA A 42 26.56 -13.50 -22.36
C ALA A 42 26.33 -11.99 -22.44
N SER A 43 25.69 -11.43 -21.43
CA SER A 43 25.24 -10.03 -21.47
C SER A 43 26.36 -9.00 -21.31
N GLN A 44 27.43 -9.41 -20.62
CA GLN A 44 28.54 -8.52 -20.27
C GLN A 44 28.06 -7.23 -19.61
N ARG A 45 27.08 -7.37 -18.71
CA ARG A 45 26.57 -6.25 -17.95
C ARG A 45 26.49 -6.55 -16.46
N MET A 46 26.45 -5.49 -15.66
CA MET A 46 25.98 -5.60 -14.29
C MET A 46 24.48 -5.80 -14.42
N GLU A 47 23.89 -6.74 -13.66
CA GLU A 47 22.47 -7.07 -13.79
C GLU A 47 21.71 -6.91 -12.45
N PRO A 48 20.43 -6.52 -12.52
CA PRO A 48 19.65 -6.36 -11.30
C PRO A 48 19.29 -7.71 -10.71
N ARG A 49 19.16 -7.82 -9.39
CA ARG A 49 18.73 -9.10 -8.81
C ARG A 49 17.66 -8.90 -7.75
N ALA A 50 17.48 -7.67 -7.28
CA ALA A 50 16.29 -7.25 -6.53
C ALA A 50 15.45 -6.33 -7.44
N PRO A 51 14.12 -6.28 -7.23
CA PRO A 51 13.36 -5.44 -8.17
C PRO A 51 13.53 -3.92 -7.92
N TRP A 52 13.71 -3.51 -6.68
CA TRP A 52 13.82 -2.08 -6.37
C TRP A 52 15.09 -1.39 -6.94
N ILE A 53 16.06 -2.16 -7.44
CA ILE A 53 17.24 -1.52 -8.00
C ILE A 53 16.92 -1.10 -9.43
N GLU A 54 15.80 -1.61 -9.93
CA GLU A 54 15.41 -1.23 -11.29
C GLU A 54 14.82 0.17 -11.34
N GLN A 55 14.66 0.81 -10.18
CA GLN A 55 14.39 2.24 -10.17
C GLN A 55 15.57 3.05 -10.74
N GLU A 56 16.77 2.45 -10.75
CA GLU A 56 17.94 3.11 -11.35
C GLU A 56 17.87 3.17 -12.86
N GLY A 57 18.22 4.32 -13.41
CA GLY A 57 18.23 4.53 -14.85
C GLY A 57 19.40 3.89 -15.60
N PRO A 58 19.45 4.13 -16.92
CA PRO A 58 20.41 3.50 -17.83
C PRO A 58 21.85 3.96 -17.62
N GLU A 59 22.04 5.13 -17.00
CA GLU A 59 23.38 5.67 -16.71
C GLU A 59 24.00 4.98 -15.47
N TYR A 60 23.16 4.71 -14.45
CA TYR A 60 23.54 3.82 -13.35
C TYR A 60 24.14 2.55 -13.90
N TRP A 61 23.41 1.92 -14.82
CA TRP A 61 23.78 0.61 -15.33
C TRP A 61 25.02 0.63 -16.18
N ASP A 62 25.16 1.67 -16.99
CA ASP A 62 26.34 1.87 -17.83
C ASP A 62 27.56 2.03 -16.94
N GLY A 63 27.46 2.91 -15.95
CA GLY A 63 28.55 3.16 -15.01
C GLY A 63 28.99 1.92 -14.25
N GLU A 64 28.02 1.26 -13.61
CA GLU A 64 28.29 0.07 -12.82
C GLU A 64 28.95 -1.00 -13.67
N THR A 65 28.48 -1.13 -14.91
CA THR A 65 29.06 -2.10 -15.83
C THR A 65 30.52 -1.72 -16.22
N ARG A 66 30.78 -0.42 -16.35
CA ARG A 66 32.12 -0.01 -16.77
C ARG A 66 33.05 -0.15 -15.57
N LYS A 67 32.55 0.19 -14.39
CA LYS A 67 33.35 0.05 -13.18
C LYS A 67 33.61 -1.43 -12.88
N VAL A 68 32.60 -2.30 -13.01
CA VAL A 68 32.81 -3.68 -12.59
C VAL A 68 33.73 -4.40 -13.57
N LYS A 69 33.76 -3.96 -14.81
CA LYS A 69 34.67 -4.54 -15.78
C LYS A 69 36.15 -4.16 -15.46
N ALA A 70 36.36 -2.94 -14.99
CA ALA A 70 37.66 -2.51 -14.55
C ALA A 70 38.10 -3.34 -13.33
N HIS A 71 37.18 -3.61 -12.40
CA HIS A 71 37.48 -4.51 -11.30
C HIS A 71 37.95 -5.84 -11.84
N SER A 72 37.24 -6.30 -12.86
CA SER A 72 37.49 -7.60 -13.43
C SER A 72 38.94 -7.73 -13.93
N GLN A 73 39.39 -6.72 -14.67
CA GLN A 73 40.75 -6.76 -15.21
C GLN A 73 41.81 -6.57 -14.12
N THR A 74 41.49 -5.72 -13.14
CA THR A 74 42.39 -5.48 -12.03
C THR A 74 42.70 -6.74 -11.25
N HIS A 75 41.69 -7.58 -11.01
CA HIS A 75 41.96 -8.81 -10.25
C HIS A 75 42.48 -9.92 -11.15
N ARG A 76 42.24 -9.81 -12.45
CA ARG A 76 42.95 -10.67 -13.42
C ARG A 76 44.45 -10.43 -13.26
N VAL A 77 44.86 -9.18 -13.36
CA VAL A 77 46.26 -8.79 -13.14
C VAL A 77 46.74 -9.20 -11.76
N ASP A 78 45.88 -9.09 -10.75
CA ASP A 78 46.28 -9.46 -9.39
C ASP A 78 46.69 -10.91 -9.32
N LEU A 79 46.05 -11.74 -10.15
CA LEU A 79 46.30 -13.18 -10.09
C LEU A 79 47.69 -13.49 -10.61
N GLY A 80 48.08 -12.84 -11.71
CA GLY A 80 49.43 -12.98 -12.25
C GLY A 80 50.49 -12.47 -11.29
N THR A 81 50.20 -11.35 -10.65
CA THR A 81 51.13 -10.77 -9.68
C THR A 81 51.36 -11.66 -8.47
N LEU A 82 50.28 -12.19 -7.90
CA LEU A 82 50.43 -12.96 -6.68
C LEU A 82 51.09 -14.30 -6.95
N ARG A 83 50.93 -14.80 -8.15
CA ARG A 83 51.60 -16.03 -8.51
C ARG A 83 53.13 -15.83 -8.45
N GLY A 84 53.61 -14.62 -8.79
CA GLY A 84 55.00 -14.25 -8.63
C GLY A 84 55.42 -14.21 -7.17
N TYR A 85 54.77 -13.34 -6.39
CA TYR A 85 55.07 -13.14 -4.96
C TYR A 85 55.17 -14.44 -4.14
N TYR A 86 54.66 -15.55 -4.69
CA TYR A 86 54.71 -16.86 -4.02
C TYR A 86 55.34 -17.96 -4.88
N ASN A 87 55.79 -17.60 -6.07
CA ASN A 87 56.55 -18.52 -6.94
C ASN A 87 55.78 -19.74 -7.42
N GLN A 88 54.51 -19.54 -7.79
CA GLN A 88 53.65 -20.67 -8.16
C GLN A 88 53.66 -20.94 -9.65
N SER A 89 52.75 -21.81 -10.08
CA SER A 89 52.78 -22.41 -11.41
C SER A 89 51.58 -22.04 -12.26
N GLU A 90 51.74 -22.15 -13.57
CA GLU A 90 50.68 -21.82 -14.52
C GLU A 90 49.74 -22.98 -14.81
N ALA A 91 49.78 -24.00 -13.96
CA ALA A 91 48.81 -25.09 -14.04
C ALA A 91 47.84 -24.90 -12.90
N GLY A 92 48.39 -24.50 -11.75
CA GLY A 92 47.59 -24.25 -10.56
C GLY A 92 46.51 -23.20 -10.74
N SER A 93 45.27 -23.59 -10.43
CA SER A 93 44.16 -22.65 -10.39
C SER A 93 44.23 -21.95 -9.04
N HIS A 94 43.96 -20.65 -9.02
CA HIS A 94 44.07 -19.89 -7.79
C HIS A 94 42.96 -18.85 -7.66
N THR A 95 42.75 -18.37 -6.44
CA THR A 95 41.62 -17.51 -6.17
C THR A 95 42.00 -16.21 -5.49
N VAL A 96 41.53 -15.10 -6.05
CA VAL A 96 41.57 -13.81 -5.35
C VAL A 96 40.16 -13.44 -4.90
N GLN A 97 40.00 -13.14 -3.62
CA GLN A 97 38.72 -12.69 -3.13
C GLN A 97 38.84 -11.30 -2.57
N ARG A 98 37.79 -10.50 -2.79
CA ARG A 98 37.76 -9.12 -2.34
C ARG A 98 36.38 -8.81 -1.83
N MET A 99 36.31 -8.13 -0.69
CA MET A 99 35.02 -7.72 -0.17
C MET A 99 35.13 -6.32 0.40
N TYR A 100 34.16 -5.48 0.07
CA TYR A 100 34.09 -4.17 0.72
C TYR A 100 32.69 -3.65 0.90
N GLY A 101 32.57 -2.67 1.78
CA GLY A 101 31.30 -2.03 2.03
C GLY A 101 31.25 -1.26 3.33
N CYS A 102 30.06 -0.81 3.69
CA CYS A 102 29.90 0.02 4.86
C CYS A 102 28.73 -0.46 5.72
N ASP A 103 28.79 -0.13 7.00
CA ASP A 103 27.69 -0.34 7.93
C ASP A 103 27.15 1.02 8.36
N VAL A 104 25.84 1.11 8.57
CA VAL A 104 25.25 2.29 9.19
C VAL A 104 24.32 1.92 10.35
N GLY A 105 24.21 2.80 11.34
CA GLY A 105 23.40 2.58 12.52
C GLY A 105 21.92 2.90 12.32
N SER A 106 21.19 2.95 13.44
CA SER A 106 19.76 3.25 13.40
C SER A 106 19.50 4.64 12.86
N ASP A 107 20.32 5.60 13.29
CA ASP A 107 20.24 6.95 12.76
C ASP A 107 20.65 7.05 11.29
N TRP A 108 20.98 5.90 10.69
CA TRP A 108 21.39 5.83 9.29
C TRP A 108 22.66 6.62 9.00
N ARG A 109 23.54 6.72 9.99
CA ARG A 109 24.77 7.45 9.80
C ARG A 109 25.94 6.47 9.87
N PHE A 110 27.12 6.92 9.48
CA PHE A 110 28.26 6.03 9.33
C PHE A 110 28.65 5.33 10.64
N LEU A 111 28.83 4.01 10.55
CA LEU A 111 29.29 3.21 11.68
C LEU A 111 30.67 2.64 11.43
N ARG A 112 30.82 1.90 10.34
CA ARG A 112 32.02 1.14 10.09
C ARG A 112 32.20 0.83 8.59
N GLY A 113 33.45 0.63 8.17
CA GLY A 113 33.74 0.32 6.78
C GLY A 113 34.71 -0.83 6.63
N TYR A 114 34.64 -1.53 5.51
CA TYR A 114 35.40 -2.77 5.31
C TYR A 114 36.05 -2.80 3.94
N HIS A 115 37.29 -3.26 3.86
CA HIS A 115 37.91 -3.50 2.56
C HIS A 115 39.06 -4.49 2.71
N GLN A 116 38.90 -5.69 2.16
CA GLN A 116 39.87 -6.76 2.41
C GLN A 116 39.96 -7.77 1.30
N TYR A 117 41.09 -8.46 1.24
CA TYR A 117 41.39 -9.43 0.19
C TYR A 117 41.81 -10.76 0.79
N ALA A 118 41.62 -11.82 0.03
CA ALA A 118 42.15 -13.11 0.43
C ALA A 118 42.75 -13.77 -0.78
N TYR A 119 43.79 -14.56 -0.57
CA TYR A 119 44.40 -15.27 -1.67
C TYR A 119 44.34 -16.76 -1.37
N ASP A 120 43.72 -17.51 -2.30
CA ASP A 120 43.48 -18.94 -2.08
C ASP A 120 42.82 -19.22 -0.71
N GLY A 121 41.90 -18.35 -0.30
CA GLY A 121 41.09 -18.62 0.88
C GLY A 121 41.75 -18.31 2.20
N LYS A 122 42.83 -17.54 2.17
CA LYS A 122 43.48 -17.08 3.41
C LYS A 122 43.67 -15.58 3.32
N ASP A 123 43.46 -14.88 4.42
CA ASP A 123 43.65 -13.44 4.47
C ASP A 123 44.96 -12.96 3.83
N TYR A 124 44.85 -11.92 3.01
CA TYR A 124 46.00 -11.30 2.36
C TYR A 124 46.24 -9.95 2.98
N ILE A 125 45.29 -9.05 2.79
CA ILE A 125 45.41 -7.71 3.33
C ILE A 125 44.02 -7.15 3.64
N ALA A 126 43.94 -6.34 4.69
CA ALA A 126 42.67 -5.78 5.14
C ALA A 126 42.85 -4.39 5.72
N LEU A 127 41.95 -3.50 5.33
CA LEU A 127 41.90 -2.17 5.90
C LEU A 127 41.38 -2.27 7.34
N LYS A 128 42.06 -1.67 8.30
CA LYS A 128 41.63 -1.71 9.71
C LYS A 128 40.48 -0.76 9.92
N GLU A 129 39.76 -0.90 11.03
CA GLU A 129 38.57 -0.08 11.23
C GLU A 129 38.87 1.43 11.24
N ASP A 130 40.09 1.83 11.58
CA ASP A 130 40.36 3.26 11.56
C ASP A 130 40.41 3.82 10.12
N LEU A 131 40.39 2.90 9.14
CA LEU A 131 40.40 3.25 7.72
C LEU A 131 41.65 4.04 7.34
N ARG A 132 42.74 3.82 8.07
CA ARG A 132 43.97 4.56 7.84
C ARG A 132 45.16 3.65 7.65
N SER A 133 45.09 2.45 8.22
CA SER A 133 46.21 1.53 8.19
C SER A 133 45.80 0.14 7.71
N TRP A 134 46.78 -0.63 7.27
CA TRP A 134 46.54 -1.95 6.75
C TRP A 134 46.97 -3.05 7.69
N THR A 135 46.43 -4.24 7.44
CA THR A 135 46.84 -5.45 8.12
C THR A 135 47.28 -6.45 7.06
N ALA A 136 48.59 -6.61 6.92
CA ALA A 136 49.12 -7.52 5.91
C ALA A 136 49.39 -8.86 6.57
N ALA A 137 48.85 -9.92 6.00
CA ALA A 137 48.95 -11.24 6.63
C ALA A 137 50.39 -11.67 6.70
N ASP A 138 51.04 -11.62 5.54
CA ASP A 138 52.41 -12.05 5.41
C ASP A 138 53.23 -10.93 4.78
N MET A 139 54.45 -11.27 4.41
CA MET A 139 55.38 -10.32 3.84
C MET A 139 54.99 -9.91 2.41
N ALA A 140 54.46 -10.85 1.63
CA ALA A 140 54.05 -10.56 0.25
C ALA A 140 53.03 -9.42 0.25
N ALA A 141 52.10 -9.49 1.20
CA ALA A 141 51.10 -8.47 1.33
C ALA A 141 51.72 -7.19 1.86
N GLN A 142 52.84 -7.32 2.57
CA GLN A 142 53.53 -6.13 3.04
C GLN A 142 54.04 -5.37 1.81
N THR A 143 54.38 -6.10 0.76
CA THR A 143 54.77 -5.47 -0.51
C THR A 143 53.60 -4.62 -1.06
N THR A 144 52.40 -5.20 -1.04
CA THR A 144 51.20 -4.47 -1.45
C THR A 144 50.99 -3.30 -0.51
N LYS A 145 51.16 -3.59 0.77
CA LYS A 145 51.00 -2.59 1.83
C LYS A 145 51.87 -1.35 1.57
N HIS A 146 53.14 -1.55 1.22
CA HIS A 146 54.04 -0.41 1.01
C HIS A 146 53.62 0.37 -0.23
N LYS A 147 53.28 -0.33 -1.30
CA LYS A 147 52.81 0.32 -2.52
C LYS A 147 51.51 1.09 -2.28
N TRP A 148 50.59 0.50 -1.50
CA TRP A 148 49.28 1.11 -1.24
C TRP A 148 49.42 2.30 -0.29
N GLU A 149 50.40 2.21 0.60
CA GLU A 149 50.76 3.31 1.50
C GLU A 149 51.41 4.49 0.78
N ALA A 150 52.39 4.19 -0.07
CA ALA A 150 53.04 5.21 -0.90
C ALA A 150 52.07 5.92 -1.85
N ALA A 151 51.09 5.18 -2.36
CA ALA A 151 50.15 5.81 -3.30
C ALA A 151 48.84 6.18 -2.59
N HIS A 152 48.87 6.06 -1.25
CA HIS A 152 47.81 6.54 -0.39
C HIS A 152 46.41 6.05 -0.78
N VAL A 153 46.32 4.75 -1.03
CA VAL A 153 45.07 4.07 -1.28
C VAL A 153 44.02 4.29 -0.18
N ALA A 154 44.43 4.11 1.07
CA ALA A 154 43.48 4.17 2.17
C ALA A 154 42.73 5.49 2.20
N GLU A 155 43.44 6.60 1.95
CA GLU A 155 42.77 7.88 2.07
C GLU A 155 41.65 8.04 1.05
N GLN A 156 41.83 7.48 -0.14
CA GLN A 156 40.77 7.61 -1.13
C GLN A 156 39.66 6.61 -0.82
N LEU A 157 40.02 5.38 -0.43
CA LEU A 157 39.07 4.41 0.06
C LEU A 157 38.16 4.97 1.14
N ARG A 158 38.76 5.74 2.04
CA ARG A 158 38.04 6.29 3.17
C ARG A 158 36.97 7.25 2.70
N ALA A 159 37.26 7.99 1.64
CA ALA A 159 36.26 8.89 1.07
C ALA A 159 35.05 8.14 0.51
N TYR A 160 35.28 6.94 -0.01
CA TYR A 160 34.18 6.15 -0.54
C TYR A 160 33.40 5.45 0.59
N LEU A 161 34.13 4.82 1.51
CA LEU A 161 33.48 4.01 2.53
C LEU A 161 32.60 4.85 3.46
N GLU A 162 33.15 5.94 3.98
CA GLU A 162 32.41 6.86 4.85
C GLU A 162 31.48 7.81 4.12
N GLY A 163 31.54 7.83 2.78
CA GLY A 163 30.83 8.85 2.04
C GLY A 163 29.91 8.23 1.01
N THR A 164 30.43 8.13 -0.21
CA THR A 164 29.75 7.50 -1.32
C THR A 164 29.04 6.21 -0.97
N CYS A 165 29.73 5.35 -0.21
CA CYS A 165 29.18 4.04 0.12
C CYS A 165 27.91 4.23 0.95
N VAL A 166 28.01 5.11 1.94
CA VAL A 166 26.88 5.39 2.80
C VAL A 166 25.76 6.11 2.05
N GLU A 167 26.12 6.99 1.13
CA GLU A 167 25.12 7.68 0.33
C GLU A 167 24.34 6.68 -0.52
N TRP A 168 25.01 5.71 -1.13
CA TRP A 168 24.30 4.70 -1.91
C TRP A 168 23.35 3.91 -1.02
N LEU A 169 23.85 3.47 0.14
CA LEU A 169 23.09 2.63 1.04
C LEU A 169 21.79 3.32 1.42
N ARG A 170 21.87 4.57 1.83
CA ARG A 170 20.69 5.37 2.16
C ARG A 170 19.68 5.40 1.01
N ARG A 171 20.20 5.63 -0.19
CA ARG A 171 19.34 5.73 -1.35
C ARG A 171 18.68 4.39 -1.62
N TYR A 172 19.47 3.33 -1.52
CA TYR A 172 18.96 1.99 -1.71
C TYR A 172 17.89 1.66 -0.64
N LEU A 173 18.17 2.03 0.61
CA LEU A 173 17.25 1.72 1.70
C LEU A 173 15.91 2.41 1.50
N GLU A 174 15.92 3.67 1.05
CA GLU A 174 14.68 4.41 0.86
C GLU A 174 13.98 3.99 -0.43
N ASN A 175 14.74 3.73 -1.48
CA ASN A 175 14.15 3.23 -2.72
C ASN A 175 13.42 1.91 -2.53
N GLY A 176 14.05 0.97 -1.83
CA GLY A 176 13.48 -0.37 -1.67
C GLY A 176 12.85 -0.56 -0.31
N LYS A 177 12.45 0.56 0.31
CA LYS A 177 11.89 0.57 1.66
C LYS A 177 10.86 -0.54 1.89
N GLU A 178 9.99 -0.73 0.90
CA GLU A 178 8.87 -1.67 0.98
C GLU A 178 9.27 -3.15 1.09
N THR A 179 10.56 -3.47 1.10
CA THR A 179 11.01 -4.84 1.30
C THR A 179 12.19 -4.87 2.26
N LEU A 180 13.13 -3.97 2.01
CA LEU A 180 14.36 -3.86 2.78
C LEU A 180 14.14 -3.44 4.22
N GLN A 181 13.19 -2.53 4.44
CA GLN A 181 12.92 -2.02 5.77
C GLN A 181 11.78 -2.81 6.43
N ARG A 182 11.32 -3.86 5.77
CA ARG A 182 10.22 -4.67 6.29
C ARG A 182 10.73 -5.77 7.21
N THR A 183 9.96 -6.05 8.26
CA THR A 183 10.26 -7.15 9.17
C THR A 183 9.41 -8.37 8.80
N ASP A 184 10.02 -9.55 8.77
CA ASP A 184 9.26 -10.78 8.66
C ASP A 184 9.48 -11.61 9.93
N ALA A 185 8.40 -11.87 10.66
CA ALA A 185 8.46 -12.71 11.86
C ALA A 185 8.60 -14.17 11.46
N PRO A 186 9.43 -14.93 12.19
CA PRO A 186 9.59 -16.37 11.91
C PRO A 186 8.27 -17.11 12.12
N LYS A 187 8.06 -18.23 11.43
CA LYS A 187 6.85 -18.99 11.63
C LYS A 187 7.22 -20.31 12.31
N THR A 188 7.04 -20.33 13.63
CA THR A 188 7.57 -21.36 14.51
C THR A 188 6.73 -22.61 14.54
N HIS A 189 7.39 -23.76 14.74
CA HIS A 189 6.73 -25.01 15.11
C HIS A 189 7.74 -26.07 15.58
N MET A 190 7.32 -26.96 16.48
CA MET A 190 8.22 -27.96 17.08
C MET A 190 7.98 -29.38 16.58
N THR A 191 9.02 -30.22 16.63
CA THR A 191 8.98 -31.57 16.07
C THR A 191 9.59 -32.66 16.95
N HIS A 192 8.92 -33.83 17.00
CA HIS A 192 9.29 -34.93 17.90
C HIS A 192 9.71 -36.22 17.16
N HIS A 193 10.83 -36.81 17.54
CA HIS A 193 11.32 -38.04 16.92
C HIS A 193 11.73 -39.16 17.92
N ALA A 194 11.82 -40.41 17.43
CA ALA A 194 12.15 -41.57 18.25
C ALA A 194 13.50 -42.21 17.94
N VAL A 195 14.44 -41.57 18.45
CA VAL A 195 15.85 -41.69 18.40
C VAL A 195 16.02 -42.84 19.34
N SER A 196 17.05 -43.19 20.11
CA SER A 196 17.13 -44.52 20.72
C SER A 196 16.02 -44.77 21.72
N ASP A 197 14.90 -45.31 21.25
CA ASP A 197 13.77 -45.58 22.10
C ASP A 197 13.84 -44.59 23.25
N HIS A 198 14.91 -44.81 24.07
CA HIS A 198 14.58 -44.19 25.35
C HIS A 198 14.31 -42.68 25.40
N GLU A 199 14.84 -42.34 24.24
CA GLU A 199 15.24 -40.95 24.01
C GLU A 199 14.46 -40.23 22.92
N ALA A 200 14.21 -38.92 23.09
CA ALA A 200 13.43 -38.18 22.10
C ALA A 200 14.22 -36.97 21.60
N THR A 201 14.06 -36.65 20.31
CA THR A 201 14.65 -35.44 19.75
C THR A 201 13.58 -34.35 19.59
N LEU A 202 13.78 -33.21 20.23
CA LEU A 202 12.90 -32.06 20.05
C LEU A 202 13.53 -31.04 19.10
N ARG A 203 12.87 -30.79 17.97
CA ARG A 203 13.40 -29.88 16.96
C ARG A 203 12.53 -28.64 16.80
N CYS A 204 13.05 -27.51 17.23
CA CYS A 204 12.36 -26.23 17.18
C CYS A 204 12.65 -25.46 15.90
N TRP A 205 11.62 -25.22 15.07
CA TRP A 205 11.79 -24.54 13.76
C TRP A 205 11.40 -23.08 13.74
N ALA A 206 12.07 -22.32 12.88
CA ALA A 206 11.73 -20.94 12.60
C ALA A 206 11.87 -20.74 11.10
N LEU A 207 10.83 -20.19 10.46
CA LEU A 207 10.75 -20.14 9.01
C LEU A 207 10.23 -18.80 8.48
N SER A 208 10.49 -18.58 7.19
CA SER A 208 10.20 -17.34 6.45
C SER A 208 10.44 -16.06 7.24
N PHE A 209 11.60 -15.94 7.88
CA PHE A 209 11.90 -14.65 8.49
C PHE A 209 12.94 -13.86 7.67
N TYR A 210 12.96 -12.55 7.90
CA TYR A 210 13.96 -11.63 7.38
C TYR A 210 14.11 -10.51 8.41
N PRO A 211 15.36 -10.12 8.74
CA PRO A 211 16.66 -10.61 8.21
C PRO A 211 17.07 -11.98 8.77
N ALA A 212 18.27 -12.44 8.43
CA ALA A 212 18.70 -13.78 8.81
C ALA A 212 19.09 -13.86 10.28
N GLU A 213 19.41 -12.71 10.89
CA GLU A 213 19.71 -12.63 12.32
C GLU A 213 18.58 -13.23 13.16
N ILE A 214 18.94 -14.10 14.10
CA ILE A 214 17.99 -14.81 14.94
C ILE A 214 18.73 -15.53 16.07
N THR A 215 18.05 -15.74 17.20
CA THR A 215 18.59 -16.58 18.26
C THR A 215 17.53 -17.61 18.69
N LEU A 216 17.97 -18.87 18.76
CA LEU A 216 17.14 -20.00 19.18
C LEU A 216 17.73 -20.63 20.43
N THR A 217 17.11 -20.37 21.57
CA THR A 217 17.60 -20.87 22.84
C THR A 217 16.67 -21.96 23.38
N TRP A 218 17.26 -23.08 23.81
CA TRP A 218 16.51 -24.12 24.47
C TRP A 218 16.48 -23.84 25.95
N GLN A 219 15.72 -24.62 26.68
CA GLN A 219 15.68 -24.36 28.07
C GLN A 219 14.84 -25.38 28.76
N ARG A 220 15.05 -25.49 30.07
CA ARG A 220 14.31 -26.40 30.91
C ARG A 220 13.33 -25.62 31.78
N ASP A 221 12.92 -26.22 32.87
CA ASP A 221 12.05 -25.57 33.77
C ASP A 221 12.80 -24.35 34.26
N GLY A 222 14.12 -24.50 34.37
CA GLY A 222 15.05 -23.42 34.78
C GLY A 222 15.73 -22.67 33.64
N GLU A 223 16.97 -23.02 33.29
CA GLU A 223 17.62 -22.30 32.19
C GLU A 223 18.08 -23.09 30.97
N ASP A 224 18.96 -22.50 30.17
CA ASP A 224 19.43 -23.09 28.93
C ASP A 224 19.94 -24.48 29.04
N GLN A 225 19.82 -25.20 27.94
CA GLN A 225 20.26 -26.56 27.82
C GLN A 225 21.27 -26.57 26.70
N THR A 226 22.55 -26.57 27.05
CA THR A 226 23.55 -26.59 26.01
C THR A 226 23.88 -27.99 25.62
N GLN A 227 24.13 -28.84 26.59
CA GLN A 227 24.52 -30.20 26.24
C GLN A 227 23.46 -30.83 25.35
N ASP A 228 23.88 -31.81 24.55
CA ASP A 228 22.96 -32.62 23.74
C ASP A 228 22.08 -31.82 22.79
N THR A 229 22.48 -30.59 22.52
CA THR A 229 21.79 -29.78 21.52
C THR A 229 22.64 -29.63 20.27
N GLU A 230 21.97 -29.36 19.15
CA GLU A 230 22.69 -28.90 17.97
C GLU A 230 21.93 -27.76 17.33
N LEU A 231 22.64 -27.01 16.51
CA LEU A 231 22.12 -25.79 15.96
C LEU A 231 22.57 -25.73 14.51
N VAL A 232 21.62 -25.65 13.61
CA VAL A 232 21.92 -25.67 12.19
C VAL A 232 22.44 -24.31 11.73
N GLU A 233 23.21 -24.30 10.66
CA GLU A 233 23.57 -23.04 10.04
C GLU A 233 22.31 -22.43 9.43
N THR A 234 22.04 -21.16 9.74
CA THR A 234 20.95 -20.44 9.10
C THR A 234 21.08 -20.56 7.58
N ARG A 235 20.01 -21.00 6.94
CA ARG A 235 20.04 -21.31 5.51
C ARG A 235 19.00 -20.45 4.80
N PRO A 236 19.19 -20.22 3.49
CA PRO A 236 18.24 -19.36 2.77
C PRO A 236 17.04 -20.15 2.22
N ALA A 237 15.85 -19.56 2.27
CA ALA A 237 14.66 -20.28 1.84
C ALA A 237 14.58 -20.31 0.31
N GLY A 238 15.08 -19.25 -0.32
CA GLY A 238 15.10 -19.13 -1.77
C GLY A 238 14.20 -18.02 -2.29
N ASP A 239 13.65 -17.25 -1.37
CA ASP A 239 12.63 -16.24 -1.67
C ASP A 239 12.93 -14.99 -0.86
N GLY A 240 14.13 -14.93 -0.31
CA GLY A 240 14.60 -13.75 0.38
C GLY A 240 14.42 -13.84 1.87
N THR A 241 13.73 -14.90 2.32
CA THR A 241 13.55 -15.19 3.74
C THR A 241 14.44 -16.35 4.19
N PHE A 242 14.51 -16.55 5.51
CA PHE A 242 15.45 -17.54 6.03
C PHE A 242 14.81 -18.56 6.98
N GLN A 243 15.59 -19.61 7.23
CA GLN A 243 15.19 -20.73 8.08
C GLN A 243 16.33 -21.16 8.97
N LYS A 244 16.00 -21.77 10.11
CA LYS A 244 16.99 -22.29 11.04
C LYS A 244 16.32 -23.18 12.06
N TRP A 245 16.90 -24.33 12.36
CA TRP A 245 16.34 -25.17 13.42
C TRP A 245 17.34 -25.54 14.51
N ALA A 246 16.79 -26.00 15.63
CA ALA A 246 17.59 -26.36 16.80
C ALA A 246 16.98 -27.59 17.47
N ALA A 247 17.80 -28.61 17.66
CA ALA A 247 17.35 -29.88 18.22
C ALA A 247 17.95 -30.15 19.61
N VAL A 248 17.27 -31.00 20.38
CA VAL A 248 17.85 -31.56 21.60
C VAL A 248 17.48 -33.03 21.67
N VAL A 249 18.33 -33.84 22.29
CA VAL A 249 17.89 -35.18 22.63
C VAL A 249 17.51 -35.17 24.11
N VAL A 250 16.41 -35.86 24.44
CA VAL A 250 15.83 -35.81 25.79
C VAL A 250 15.42 -37.20 26.25
N PRO A 251 15.30 -37.41 27.58
CA PRO A 251 14.75 -38.69 28.06
C PRO A 251 13.25 -38.79 27.82
N SER A 252 12.79 -39.91 27.25
CA SER A 252 11.37 -40.15 27.03
C SER A 252 10.53 -39.81 28.27
N GLY A 253 9.39 -39.16 28.05
CA GLY A 253 8.52 -38.78 29.14
C GLY A 253 8.85 -37.43 29.73
N GLN A 254 10.03 -36.89 29.40
CA GLN A 254 10.43 -35.59 29.91
C GLN A 254 10.29 -34.47 28.85
N GLU A 255 9.88 -34.86 27.63
CA GLU A 255 9.83 -33.94 26.48
C GLU A 255 9.15 -32.61 26.77
N GLN A 256 7.88 -32.67 27.18
CA GLN A 256 7.06 -31.47 27.30
C GLN A 256 7.52 -30.49 28.37
N ARG A 257 8.70 -30.72 28.92
CA ARG A 257 9.22 -29.88 29.98
C ARG A 257 10.25 -28.89 29.38
N TYR A 258 10.63 -29.10 28.12
CA TYR A 258 11.56 -28.16 27.50
C TYR A 258 10.85 -27.04 26.76
N THR A 259 11.47 -25.86 26.72
CA THR A 259 10.91 -24.74 25.96
C THR A 259 11.96 -24.15 25.03
N CYS A 260 11.56 -23.99 23.77
CA CYS A 260 12.36 -23.26 22.80
C CYS A 260 12.05 -21.77 22.94
N HIS A 261 13.06 -20.93 22.71
CA HIS A 261 12.87 -19.49 22.80
C HIS A 261 13.40 -18.81 21.54
N VAL A 262 12.52 -18.07 20.86
CA VAL A 262 12.85 -17.49 19.55
C VAL A 262 12.94 -15.96 19.61
N GLN A 263 14.15 -15.45 19.34
CA GLN A 263 14.38 -14.00 19.35
C GLN A 263 14.63 -13.48 17.93
N HIS A 264 14.03 -12.32 17.63
CA HIS A 264 14.01 -11.73 16.28
C HIS A 264 13.35 -10.35 16.39
N GLU A 265 13.59 -9.46 15.43
CA GLU A 265 12.93 -8.16 15.51
C GLU A 265 11.64 -8.14 14.71
N GLY A 266 11.20 -9.30 14.30
CA GLY A 266 9.94 -9.41 13.63
C GLY A 266 8.87 -9.73 14.66
N LEU A 267 9.25 -9.79 15.94
CA LEU A 267 8.33 -10.09 17.00
C LEU A 267 8.50 -9.10 18.09
N PRO A 268 7.33 -8.70 18.71
CA PRO A 268 7.54 -7.75 19.81
C PRO A 268 8.32 -8.48 20.87
N LYS A 269 7.64 -9.46 21.45
CA LYS A 269 8.14 -10.31 22.50
C LYS A 269 8.55 -11.61 21.84
N PRO A 270 9.53 -12.30 22.40
CA PRO A 270 9.93 -13.56 21.77
C PRO A 270 8.87 -14.59 21.97
N LEU A 271 8.93 -15.65 21.21
CA LEU A 271 7.97 -16.70 21.35
C LEU A 271 8.56 -17.94 21.99
N THR A 272 7.72 -18.63 22.74
CA THR A 272 8.11 -19.86 23.42
C THR A 272 7.34 -21.05 22.83
N LEU A 273 8.00 -22.20 22.74
CA LEU A 273 7.37 -23.39 22.19
C LEU A 273 7.56 -24.61 23.10
N ARG A 274 6.53 -25.47 23.12
CA ARG A 274 6.61 -26.79 23.77
C ARG A 274 6.12 -27.85 22.81
N TRP A 275 6.29 -29.12 23.17
CA TRP A 275 5.83 -30.19 22.32
C TRP A 275 4.48 -30.76 22.78
N MET B 1 47.83 -24.62 -1.04
CA MET B 1 46.45 -24.14 -0.97
C MET B 1 45.70 -24.68 0.25
N ILE B 2 44.94 -23.82 0.91
CA ILE B 2 44.06 -24.26 1.99
C ILE B 2 42.70 -24.66 1.41
N GLN B 3 42.20 -25.82 1.85
CA GLN B 3 40.96 -26.38 1.34
C GLN B 3 39.95 -26.67 2.45
N ARG B 4 38.74 -26.13 2.31
CA ARG B 4 37.69 -26.36 3.28
C ARG B 4 36.61 -27.26 2.67
N THR B 5 36.02 -28.12 3.50
CA THR B 5 35.07 -29.10 3.00
C THR B 5 33.63 -28.59 3.08
N PRO B 6 32.86 -28.82 2.02
CA PRO B 6 31.49 -28.32 1.92
C PRO B 6 30.54 -28.91 2.97
N LYS B 7 29.79 -28.04 3.64
CA LYS B 7 28.68 -28.44 4.47
C LYS B 7 27.42 -28.49 3.62
N ILE B 8 26.52 -29.42 3.93
CA ILE B 8 25.37 -29.68 3.06
C ILE B 8 24.03 -29.73 3.82
N GLN B 9 23.07 -28.93 3.35
CA GLN B 9 21.72 -29.04 3.88
C GLN B 9 20.69 -29.17 2.76
N VAL B 10 19.91 -30.24 2.81
CA VAL B 10 18.81 -30.45 1.87
C VAL B 10 17.48 -30.21 2.55
N TYR B 11 16.62 -29.42 1.91
CA TYR B 11 15.38 -29.00 2.53
C TYR B 11 14.47 -28.33 1.50
N SER B 12 13.22 -28.13 1.89
CA SER B 12 12.25 -27.47 1.02
C SER B 12 12.10 -26.01 1.41
N ARG B 13 11.73 -25.17 0.45
CA ARG B 13 11.45 -23.74 0.73
C ARG B 13 10.29 -23.58 1.70
N HIS B 14 9.21 -24.31 1.44
CA HIS B 14 8.00 -24.25 2.26
C HIS B 14 7.80 -25.60 2.98
N PRO B 15 6.94 -25.65 4.01
CA PRO B 15 6.70 -26.96 4.61
C PRO B 15 6.11 -27.89 3.56
N ALA B 16 6.67 -29.09 3.43
CA ALA B 16 6.33 -29.97 2.33
C ALA B 16 4.99 -30.67 2.49
N GLU B 17 3.91 -30.03 2.04
CA GLU B 17 2.60 -30.69 1.93
C GLU B 17 2.52 -31.45 0.62
N ASN B 18 2.12 -32.72 0.68
CA ASN B 18 2.14 -33.56 -0.50
C ASN B 18 1.14 -33.08 -1.58
N GLY B 19 1.57 -33.10 -2.84
CA GLY B 19 0.73 -32.71 -3.96
C GLY B 19 0.59 -31.20 -4.12
N LYS B 20 1.36 -30.45 -3.34
CA LYS B 20 1.38 -28.99 -3.43
C LYS B 20 2.75 -28.49 -3.91
N SER B 21 2.74 -27.50 -4.81
CA SER B 21 3.99 -26.98 -5.38
C SER B 21 4.92 -26.37 -4.30
N ASN B 22 6.15 -26.86 -4.28
CA ASN B 22 7.17 -26.39 -3.35
C ASN B 22 8.50 -26.22 -4.11
N PHE B 23 9.59 -26.01 -3.38
CA PHE B 23 10.92 -25.96 -3.99
C PHE B 23 11.87 -26.91 -3.26
N LEU B 24 12.62 -27.69 -4.02
CA LEU B 24 13.70 -28.49 -3.46
C LEU B 24 15.04 -27.71 -3.44
N ASN B 25 15.53 -27.34 -2.26
CA ASN B 25 16.80 -26.60 -2.13
C ASN B 25 17.96 -27.46 -1.64
N CYS B 26 19.16 -27.20 -2.17
CA CYS B 26 20.38 -27.80 -1.63
C CYS B 26 21.46 -26.74 -1.41
N TYR B 27 21.75 -26.47 -0.14
CA TYR B 27 22.65 -25.40 0.27
C TYR B 27 24.02 -25.93 0.61
N VAL B 28 25.00 -25.60 -0.24
CA VAL B 28 26.37 -25.95 0.07
C VAL B 28 27.09 -24.70 0.55
N SER B 29 27.88 -24.87 1.60
CA SER B 29 28.59 -23.74 2.20
C SER B 29 29.91 -24.16 2.83
N GLY B 30 30.67 -23.17 3.28
CA GLY B 30 31.92 -23.41 3.99
C GLY B 30 33.02 -24.12 3.21
N PHE B 31 33.01 -24.01 1.89
CA PHE B 31 34.00 -24.73 1.08
C PHE B 31 35.01 -23.83 0.34
N HIS B 32 36.17 -24.42 0.06
CA HIS B 32 37.24 -23.77 -0.71
C HIS B 32 38.14 -24.84 -1.32
N PRO B 33 38.51 -24.69 -2.60
CA PRO B 33 38.19 -23.63 -3.57
C PRO B 33 36.74 -23.68 -4.04
N SER B 34 36.37 -22.76 -4.92
CA SER B 34 34.97 -22.57 -5.29
C SER B 34 34.46 -23.63 -6.27
N ASP B 35 35.36 -24.24 -7.06
CA ASP B 35 34.99 -25.24 -8.05
C ASP B 35 34.19 -26.41 -7.44
N ILE B 36 33.01 -26.68 -7.98
CA ILE B 36 32.08 -27.61 -7.35
C ILE B 36 30.99 -28.16 -8.29
N GLU B 37 30.79 -29.47 -8.27
CA GLU B 37 29.67 -30.05 -9.00
C GLU B 37 28.59 -30.47 -7.99
N VAL B 38 27.37 -29.98 -8.19
CA VAL B 38 26.25 -30.26 -7.28
C VAL B 38 24.98 -30.77 -7.99
N ASP B 39 24.64 -32.02 -7.74
CA ASP B 39 23.56 -32.71 -8.42
C ASP B 39 22.38 -33.03 -7.51
N LEU B 40 21.21 -32.52 -7.88
CA LEU B 40 19.97 -32.93 -7.27
C LEU B 40 19.53 -34.25 -7.90
N LEU B 41 19.26 -35.24 -7.05
CA LEU B 41 18.87 -36.56 -7.52
C LEU B 41 17.43 -36.89 -7.05
N LYS B 42 16.70 -37.64 -7.86
CA LYS B 42 15.38 -38.14 -7.46
C LYS B 42 15.33 -39.63 -7.72
N ASN B 43 15.29 -40.40 -6.63
CA ASN B 43 15.40 -41.85 -6.69
C ASN B 43 16.69 -42.29 -7.36
N GLY B 44 17.77 -41.58 -7.05
CA GLY B 44 19.07 -41.90 -7.59
C GLY B 44 19.24 -41.32 -8.99
N GLU B 45 18.26 -40.56 -9.44
CA GLU B 45 18.29 -40.00 -10.79
C GLU B 45 18.45 -38.48 -10.76
N ARG B 46 19.46 -37.97 -11.47
CA ARG B 46 19.72 -36.54 -11.47
C ARG B 46 18.61 -35.79 -12.18
N ILE B 47 18.05 -34.82 -11.47
CA ILE B 47 17.08 -33.88 -12.04
C ILE B 47 17.79 -32.95 -13.03
N GLU B 48 17.20 -32.83 -14.23
CA GLU B 48 17.66 -31.88 -15.23
C GLU B 48 17.14 -30.49 -14.86
N LYS B 49 17.67 -29.45 -15.47
CA LYS B 49 17.21 -28.07 -15.24
C LYS B 49 17.45 -27.59 -13.80
N VAL B 50 18.63 -27.87 -13.27
CA VAL B 50 19.03 -27.37 -11.96
C VAL B 50 19.33 -25.87 -12.06
N GLU B 51 19.40 -25.19 -10.93
CA GLU B 51 19.51 -23.74 -10.90
C GLU B 51 20.12 -23.30 -9.57
N HIS B 52 21.19 -22.51 -9.63
CA HIS B 52 21.90 -22.09 -8.42
C HIS B 52 21.88 -20.57 -8.25
N SER B 53 22.35 -20.08 -7.10
CA SER B 53 22.49 -18.65 -6.86
C SER B 53 23.85 -18.09 -7.31
N ASP B 54 24.05 -16.79 -7.18
CA ASP B 54 25.31 -16.19 -7.61
C ASP B 54 26.39 -16.52 -6.58
N LEU B 55 27.51 -17.09 -7.03
CA LEU B 55 28.62 -17.40 -6.14
C LEU B 55 28.91 -16.24 -5.18
N SER B 56 28.89 -16.53 -3.89
CA SER B 56 29.25 -15.53 -2.90
C SER B 56 30.08 -16.20 -1.82
N PHE B 57 30.37 -15.49 -0.74
CA PHE B 57 31.14 -16.07 0.34
C PHE B 57 30.95 -15.38 1.67
N SER B 58 31.37 -16.07 2.71
CA SER B 58 31.19 -15.61 4.08
C SER B 58 32.43 -14.88 4.59
N LYS B 59 32.36 -14.38 5.81
CA LYS B 59 33.46 -13.60 6.38
C LYS B 59 34.80 -14.38 6.39
N ASP B 60 34.74 -15.70 6.55
CA ASP B 60 35.96 -16.49 6.60
C ASP B 60 36.44 -16.88 5.19
N TRP B 61 35.86 -16.22 4.19
CA TRP B 61 36.20 -16.39 2.77
C TRP B 61 35.64 -17.68 2.17
N SER B 62 35.01 -18.52 2.98
CA SER B 62 34.49 -19.77 2.44
C SER B 62 33.26 -19.49 1.56
N PHE B 63 33.14 -20.23 0.47
CA PHE B 63 32.09 -19.98 -0.50
C PHE B 63 30.76 -20.61 -0.08
N TYR B 64 29.66 -20.06 -0.59
CA TYR B 64 28.35 -20.70 -0.43
C TYR B 64 27.49 -20.55 -1.68
N LEU B 65 26.58 -21.49 -1.86
CA LEU B 65 25.73 -21.58 -3.04
C LEU B 65 24.40 -22.27 -2.69
N LEU B 66 23.30 -21.73 -3.21
CA LEU B 66 21.98 -22.35 -3.10
C LEU B 66 21.54 -22.94 -4.44
N TYR B 67 21.63 -24.25 -4.59
CA TYR B 67 21.03 -24.94 -5.74
C TYR B 67 19.56 -25.24 -5.45
N TYR B 68 18.71 -25.07 -6.46
CA TYR B 68 17.29 -25.31 -6.24
C TYR B 68 16.53 -25.73 -7.48
N THR B 69 15.37 -26.34 -7.24
CA THR B 69 14.41 -26.70 -8.29
C THR B 69 12.98 -26.61 -7.75
N GLU B 70 12.05 -26.30 -8.63
CA GLU B 70 10.63 -26.31 -8.30
C GLU B 70 10.01 -27.69 -8.33
N PHE B 71 9.72 -28.26 -7.15
CA PHE B 71 9.10 -29.58 -7.14
C PHE B 71 7.82 -29.76 -6.32
N THR B 72 7.32 -30.99 -6.35
CA THR B 72 6.12 -31.37 -5.62
C THR B 72 6.35 -32.73 -4.98
N PRO B 73 6.33 -32.76 -3.63
CA PRO B 73 6.64 -33.97 -2.88
C PRO B 73 5.52 -35.02 -2.99
N THR B 74 5.90 -36.27 -3.25
CA THR B 74 4.97 -37.42 -3.24
C THR B 74 5.49 -38.49 -2.29
N GLU B 75 4.57 -39.03 -1.48
CA GLU B 75 4.88 -39.76 -0.27
C GLU B 75 5.96 -40.85 -0.41
N LYS B 76 6.03 -41.50 -1.57
CA LYS B 76 6.96 -42.61 -1.73
C LYS B 76 8.28 -42.22 -2.41
N ASP B 77 8.35 -41.02 -2.98
CA ASP B 77 9.51 -40.67 -3.78
C ASP B 77 10.62 -39.95 -2.99
N GLU B 78 11.84 -40.44 -3.18
CA GLU B 78 13.02 -39.93 -2.53
C GLU B 78 13.71 -38.74 -3.16
N TYR B 79 14.11 -37.80 -2.34
CA TYR B 79 14.83 -36.63 -2.81
C TYR B 79 16.19 -36.55 -2.10
N ALA B 80 17.22 -36.19 -2.85
CA ALA B 80 18.58 -36.08 -2.31
C ALA B 80 19.42 -35.07 -3.10
N CYS B 81 20.57 -34.69 -2.52
CA CYS B 81 21.55 -33.82 -3.17
C CYS B 81 22.89 -34.55 -3.23
N ARG B 82 23.65 -34.35 -4.28
CA ARG B 82 24.90 -35.07 -4.47
C ARG B 82 26.04 -34.11 -4.81
N VAL B 83 27.20 -34.31 -4.20
CA VAL B 83 28.30 -33.34 -4.34
C VAL B 83 29.68 -33.93 -4.66
N ASN B 84 30.35 -33.40 -5.68
CA ASN B 84 31.76 -33.69 -5.85
C ASN B 84 32.62 -32.44 -5.71
N HIS B 85 33.85 -32.63 -5.21
CA HIS B 85 34.73 -31.54 -4.79
C HIS B 85 36.12 -32.13 -4.48
N VAL B 86 37.16 -31.34 -4.70
CA VAL B 86 38.54 -31.84 -4.59
C VAL B 86 38.87 -32.32 -3.18
N THR B 87 38.09 -31.85 -2.21
CA THR B 87 38.32 -32.20 -0.82
C THR B 87 37.60 -33.51 -0.47
N LEU B 88 36.93 -34.10 -1.45
CA LEU B 88 36.16 -35.32 -1.22
C LEU B 88 36.78 -36.53 -1.92
N SER B 89 36.90 -37.63 -1.16
CA SER B 89 37.39 -38.91 -1.67
C SER B 89 36.55 -39.43 -2.86
N GLN B 90 35.31 -38.96 -2.95
CA GLN B 90 34.33 -39.44 -3.92
C GLN B 90 33.07 -38.58 -3.78
N PRO B 91 32.12 -38.70 -4.72
CA PRO B 91 30.87 -37.97 -4.47
C PRO B 91 30.21 -38.36 -3.15
N LYS B 92 29.60 -37.39 -2.48
CA LYS B 92 28.90 -37.59 -1.22
C LYS B 92 27.40 -37.34 -1.41
N ILE B 93 26.54 -38.15 -0.80
CA ILE B 93 25.10 -37.97 -0.95
C ILE B 93 24.37 -37.68 0.36
N VAL B 94 23.55 -36.63 0.35
CA VAL B 94 22.73 -36.27 1.51
C VAL B 94 21.24 -36.31 1.14
N LYS B 95 20.51 -37.27 1.70
CA LYS B 95 19.11 -37.51 1.34
C LYS B 95 18.17 -36.52 2.03
N TRP B 96 17.10 -36.14 1.33
CA TRP B 96 16.12 -35.22 1.91
C TRP B 96 15.23 -35.93 2.91
N ASP B 97 15.51 -35.76 4.19
CA ASP B 97 14.49 -36.02 5.18
C ASP B 97 13.52 -34.86 5.09
N ARG B 98 12.24 -35.14 5.02
CA ARG B 98 11.30 -34.06 5.00
C ARG B 98 11.05 -33.60 6.40
N ASP B 99 11.93 -34.00 7.32
CA ASP B 99 11.85 -33.66 8.74
C ASP B 99 13.07 -32.88 9.23
N MET B 100 13.93 -32.51 8.30
CA MET B 100 15.13 -31.73 8.55
C MET B 100 15.37 -30.78 7.38
N GLY C 2 -21.79 19.24 -2.24
CA GLY C 2 -22.58 18.60 -3.27
C GLY C 2 -23.61 17.67 -2.66
N SER C 3 -24.36 16.98 -3.50
CA SER C 3 -25.37 16.03 -3.06
C SER C 3 -24.71 14.75 -2.53
N HIS C 4 -25.48 13.95 -1.79
CA HIS C 4 -24.96 12.67 -1.30
C HIS C 4 -26.03 11.58 -1.32
N SER C 5 -25.58 10.33 -1.25
CA SER C 5 -26.49 9.20 -1.26
C SER C 5 -26.07 8.13 -0.24
N MET C 6 -27.06 7.36 0.23
CA MET C 6 -26.77 6.12 0.94
C MET C 6 -27.48 4.96 0.27
N ARG C 7 -26.73 3.91 -0.08
CA ARG C 7 -27.28 2.77 -0.83
C ARG C 7 -26.85 1.43 -0.27
N TYR C 8 -27.80 0.51 -0.17
CA TYR C 8 -27.48 -0.87 0.17
C TYR C 8 -27.86 -1.82 -0.97
N PHE C 9 -27.02 -2.80 -1.17
CA PHE C 9 -27.15 -3.69 -2.30
C PHE C 9 -27.21 -5.10 -1.75
N PHE C 10 -28.18 -5.88 -2.20
CA PHE C 10 -28.36 -7.24 -1.70
C PHE C 10 -28.47 -8.20 -2.87
N THR C 11 -27.72 -9.30 -2.77
CA THR C 11 -27.66 -10.29 -3.82
C THR C 11 -27.88 -11.65 -3.19
N SER C 12 -28.85 -12.39 -3.70
CA SER C 12 -29.07 -13.73 -3.20
C SER C 12 -29.11 -14.69 -4.41
N VAL C 13 -28.33 -15.77 -4.33
CA VAL C 13 -28.20 -16.70 -5.46
C VAL C 13 -28.46 -18.14 -5.02
N SER C 14 -29.49 -18.75 -5.58
CA SER C 14 -29.81 -20.12 -5.19
C SER C 14 -28.82 -21.08 -5.83
N ARG C 15 -28.66 -22.22 -5.19
CA ARG C 15 -27.66 -23.19 -5.58
C ARG C 15 -28.17 -24.58 -5.23
N PRO C 16 -29.31 -25.00 -5.85
CA PRO C 16 -30.10 -26.15 -5.37
C PRO C 16 -29.29 -27.43 -5.24
N GLY C 17 -29.37 -28.06 -4.07
CA GLY C 17 -28.59 -29.27 -3.82
C GLY C 17 -27.12 -29.02 -3.57
N ARG C 18 -26.76 -27.77 -3.22
CA ARG C 18 -25.40 -27.43 -2.89
C ARG C 18 -25.52 -26.45 -1.70
N GLY C 19 -26.60 -26.63 -0.95
CA GLY C 19 -26.85 -25.86 0.25
C GLY C 19 -27.77 -24.66 0.07
N GLU C 20 -27.84 -23.84 1.11
CA GLU C 20 -28.70 -22.67 1.11
C GLU C 20 -28.20 -21.63 0.10
N PRO C 21 -29.03 -20.65 -0.24
CA PRO C 21 -28.58 -19.62 -1.16
C PRO C 21 -27.44 -18.80 -0.59
N ARG C 22 -26.51 -18.36 -1.43
CA ARG C 22 -25.48 -17.39 -1.03
C ARG C 22 -26.13 -16.01 -0.90
N PHE C 23 -25.88 -15.35 0.23
CA PHE C 23 -26.39 -14.00 0.45
C PHE C 23 -25.25 -13.01 0.65
N ILE C 24 -25.24 -11.93 -0.13
CA ILE C 24 -24.22 -10.88 0.02
C ILE C 24 -24.86 -9.50 0.09
N ALA C 25 -24.54 -8.76 1.15
CA ALA C 25 -25.00 -7.39 1.32
C ALA C 25 -23.83 -6.44 1.42
N VAL C 26 -23.89 -5.32 0.70
CA VAL C 26 -22.91 -4.27 0.85
C VAL C 26 -23.62 -2.92 0.96
N GLY C 27 -23.05 -2.01 1.76
CA GLY C 27 -23.58 -0.66 1.94
C GLY C 27 -22.57 0.39 1.46
N TYR C 28 -23.06 1.46 0.82
CA TYR C 28 -22.25 2.57 0.31
C TYR C 28 -22.78 3.91 0.79
N VAL C 29 -21.86 4.80 1.16
CA VAL C 29 -22.15 6.22 1.21
C VAL C 29 -21.42 6.82 0.02
N ASP C 30 -22.17 7.51 -0.85
CA ASP C 30 -21.68 7.98 -2.16
C ASP C 30 -20.97 6.85 -2.87
N ASP C 31 -19.68 7.04 -3.19
CA ASP C 31 -18.94 5.95 -3.81
C ASP C 31 -18.01 5.22 -2.84
N THR C 32 -18.30 5.27 -1.53
CA THR C 32 -17.47 4.52 -0.57
C THR C 32 -18.21 3.40 0.17
N GLN C 33 -17.76 2.18 -0.05
CA GLN C 33 -18.33 1.01 0.60
C GLN C 33 -17.96 1.06 2.08
N PHE C 34 -18.93 0.81 2.96
CA PHE C 34 -18.62 0.88 4.40
C PHE C 34 -19.05 -0.35 5.24
N VAL C 35 -19.96 -1.19 4.72
CA VAL C 35 -20.24 -2.45 5.39
C VAL C 35 -20.42 -3.57 4.38
N ARG C 36 -20.33 -4.80 4.90
CA ARG C 36 -20.67 -5.98 4.13
C ARG C 36 -21.19 -7.10 5.03
N PHE C 37 -21.91 -8.05 4.42
CA PHE C 37 -22.25 -9.32 5.05
C PHE C 37 -22.18 -10.45 4.03
N ASP C 38 -21.68 -11.60 4.46
CA ASP C 38 -21.57 -12.75 3.55
C ASP C 38 -21.97 -14.01 4.29
N SER C 39 -23.15 -14.56 3.92
CA SER C 39 -23.75 -15.73 4.56
C SER C 39 -22.84 -16.93 4.55
N ASP C 40 -21.86 -16.90 3.65
CA ASP C 40 -20.86 -17.95 3.55
C ASP C 40 -19.54 -17.63 4.30
N ALA C 41 -19.41 -16.43 4.85
CA ALA C 41 -18.20 -16.14 5.64
C ALA C 41 -18.33 -16.66 7.08
N ALA C 42 -17.20 -16.81 7.75
CA ALA C 42 -17.13 -17.47 9.05
C ALA C 42 -17.73 -16.63 10.17
N SER C 43 -17.54 -15.32 10.07
CA SER C 43 -17.88 -14.43 11.19
C SER C 43 -19.37 -14.37 11.47
N GLN C 44 -20.19 -14.49 10.43
CA GLN C 44 -21.65 -14.32 10.55
C GLN C 44 -21.99 -13.00 11.23
N ARG C 45 -21.18 -11.98 10.91
CA ARG C 45 -21.40 -10.62 11.37
C ARG C 45 -21.46 -9.64 10.19
N MET C 46 -22.25 -8.58 10.34
CA MET C 46 -22.08 -7.41 9.49
C MET C 46 -20.67 -6.87 9.76
N GLU C 47 -19.86 -6.66 8.73
CA GLU C 47 -18.47 -6.24 8.94
C GLU C 47 -18.16 -4.81 8.43
N PRO C 48 -17.24 -4.13 9.14
CA PRO C 48 -16.77 -2.80 8.70
C PRO C 48 -15.94 -2.90 7.42
N ARG C 49 -16.08 -1.92 6.53
CA ARG C 49 -15.22 -1.81 5.34
C ARG C 49 -14.68 -0.37 5.11
N ALA C 50 -15.07 0.57 5.96
CA ALA C 50 -14.43 1.89 5.96
C ALA C 50 -14.16 2.30 7.41
N PRO C 51 -13.04 3.03 7.65
CA PRO C 51 -12.59 3.24 9.04
C PRO C 51 -13.55 4.08 9.87
N TRP C 52 -14.27 5.02 9.26
CA TRP C 52 -15.21 5.82 10.05
C TRP C 52 -16.45 5.08 10.62
N ILE C 53 -16.81 3.91 10.09
CA ILE C 53 -17.99 3.18 10.62
C ILE C 53 -17.54 2.40 11.85
N GLU C 54 -16.22 2.29 12.02
CA GLU C 54 -15.66 1.61 13.18
C GLU C 54 -15.85 2.39 14.48
N GLN C 55 -16.23 3.65 14.43
CA GLN C 55 -16.59 4.30 15.70
C GLN C 55 -18.04 3.98 16.12
N GLU C 56 -18.73 3.10 15.40
CA GLU C 56 -20.01 2.63 15.89
C GLU C 56 -19.77 1.56 16.95
N GLY C 57 -20.50 1.64 18.05
CA GLY C 57 -20.31 0.68 19.13
C GLY C 57 -20.90 -0.71 18.87
N PRO C 58 -20.88 -1.56 19.90
CA PRO C 58 -21.36 -2.94 19.85
C PRO C 58 -22.86 -3.05 19.56
N GLU C 59 -23.66 -2.08 19.99
CA GLU C 59 -25.10 -2.10 19.77
C GLU C 59 -25.42 -1.91 18.28
N TYR C 60 -24.61 -1.08 17.62
CA TYR C 60 -24.78 -0.83 16.18
C TYR C 60 -24.56 -2.14 15.46
N TRP C 61 -23.48 -2.83 15.81
CA TRP C 61 -23.06 -4.01 15.06
C TRP C 61 -23.95 -5.24 15.27
N ASP C 62 -24.50 -5.41 16.49
CA ASP C 62 -25.48 -6.48 16.75
C ASP C 62 -26.77 -6.20 16.02
N GLY C 63 -27.19 -4.94 16.06
CA GLY C 63 -28.43 -4.52 15.44
C GLY C 63 -28.34 -4.75 13.95
N GLU C 64 -27.27 -4.22 13.32
CA GLU C 64 -27.09 -4.40 11.89
C GLU C 64 -26.92 -5.89 11.52
N THR C 65 -26.22 -6.65 12.36
CA THR C 65 -26.07 -8.09 12.13
C THR C 65 -27.43 -8.82 12.20
N ARG C 66 -28.25 -8.45 13.18
CA ARG C 66 -29.60 -9.03 13.35
C ARG C 66 -30.49 -8.69 12.16
N LYS C 67 -30.44 -7.44 11.74
CA LYS C 67 -31.26 -6.95 10.64
C LYS C 67 -30.90 -7.62 9.31
N VAL C 68 -29.61 -7.80 9.06
CA VAL C 68 -29.18 -8.29 7.75
C VAL C 68 -29.37 -9.78 7.67
N LYS C 69 -29.34 -10.46 8.82
CA LYS C 69 -29.69 -11.88 8.82
C LYS C 69 -31.19 -12.07 8.51
N ALA C 70 -32.02 -11.15 9.00
CA ALA C 70 -33.44 -11.23 8.62
C ALA C 70 -33.61 -11.00 7.12
N HIS C 71 -32.85 -10.04 6.56
CA HIS C 71 -32.87 -9.83 5.10
C HIS C 71 -32.52 -11.11 4.37
N SER C 72 -31.45 -11.76 4.83
CA SER C 72 -31.00 -12.99 4.21
C SER C 72 -32.10 -14.08 4.16
N GLN C 73 -32.83 -14.25 5.26
CA GLN C 73 -33.86 -15.28 5.31
C GLN C 73 -35.02 -14.92 4.39
N THR C 74 -35.33 -13.64 4.31
CA THR C 74 -36.39 -13.10 3.47
C THR C 74 -36.16 -13.36 1.97
N HIS C 75 -34.95 -13.09 1.51
CA HIS C 75 -34.60 -13.26 0.12
C HIS C 75 -34.38 -14.72 -0.20
N ARG C 76 -34.10 -15.51 0.82
CA ARG C 76 -34.07 -16.94 0.66
C ARG C 76 -35.48 -17.45 0.35
N VAL C 77 -36.49 -16.98 1.10
CA VAL C 77 -37.88 -17.36 0.86
C VAL C 77 -38.33 -16.79 -0.50
N ASP C 78 -37.92 -15.56 -0.78
CA ASP C 78 -38.22 -14.91 -2.08
C ASP C 78 -37.77 -15.74 -3.28
N LEU C 79 -36.58 -16.31 -3.23
CA LEU C 79 -36.14 -17.18 -4.32
C LEU C 79 -37.18 -18.32 -4.52
N GLY C 80 -37.63 -18.92 -3.42
CA GLY C 80 -38.68 -19.93 -3.49
C GLY C 80 -39.96 -19.38 -4.10
N THR C 81 -40.45 -18.26 -3.59
CA THR C 81 -41.66 -17.65 -4.11
C THR C 81 -41.56 -17.35 -5.60
N LEU C 82 -40.45 -16.73 -6.01
CA LEU C 82 -40.28 -16.31 -7.38
C LEU C 82 -40.24 -17.50 -8.34
N ARG C 83 -39.59 -18.59 -7.92
CA ARG C 83 -39.58 -19.79 -8.76
C ARG C 83 -41.02 -20.24 -9.04
N GLY C 84 -41.88 -20.12 -8.02
CA GLY C 84 -43.27 -20.54 -8.13
C GLY C 84 -44.11 -19.59 -8.98
N TYR C 85 -43.91 -18.28 -8.82
CA TYR C 85 -44.61 -17.31 -9.66
C TYR C 85 -44.33 -17.52 -11.16
N TYR C 86 -43.09 -17.86 -11.49
CA TYR C 86 -42.70 -18.12 -12.87
C TYR C 86 -42.85 -19.58 -13.21
N ASN C 87 -43.36 -20.35 -12.24
CA ASN C 87 -43.52 -21.81 -12.35
C ASN C 87 -42.29 -22.46 -13.00
N GLN C 88 -41.12 -22.13 -12.48
CA GLN C 88 -39.86 -22.66 -12.97
C GLN C 88 -39.46 -23.93 -12.24
N SER C 89 -38.55 -24.69 -12.84
CA SER C 89 -38.01 -25.90 -12.23
C SER C 89 -37.36 -25.61 -10.88
N GLU C 90 -37.30 -26.60 -10.01
CA GLU C 90 -36.59 -26.42 -8.76
C GLU C 90 -35.13 -26.75 -8.97
N ALA C 91 -34.76 -27.09 -10.21
CA ALA C 91 -33.38 -27.55 -10.43
C ALA C 91 -32.42 -26.40 -10.77
N GLY C 92 -32.96 -25.27 -11.25
CA GLY C 92 -32.13 -24.18 -11.71
C GLY C 92 -31.64 -23.20 -10.64
N SER C 93 -30.49 -22.59 -10.92
CA SER C 93 -29.94 -21.57 -10.07
C SER C 93 -30.51 -20.22 -10.48
N HIS C 94 -30.97 -19.44 -9.50
CA HIS C 94 -31.48 -18.11 -9.83
C HIS C 94 -30.95 -17.04 -8.89
N THR C 95 -31.23 -15.80 -9.27
CA THR C 95 -30.66 -14.65 -8.59
C THR C 95 -31.75 -13.66 -8.25
N VAL C 96 -31.71 -13.18 -7.01
CA VAL C 96 -32.55 -12.09 -6.52
C VAL C 96 -31.64 -10.93 -6.11
N GLN C 97 -31.89 -9.75 -6.67
CA GLN C 97 -31.13 -8.55 -6.25
C GLN C 97 -32.09 -7.49 -5.77
N ARG C 98 -31.62 -6.73 -4.79
CA ARG C 98 -32.42 -5.67 -4.21
C ARG C 98 -31.51 -4.54 -3.88
N MET C 99 -31.99 -3.31 -4.11
CA MET C 99 -31.22 -2.13 -3.77
C MET C 99 -32.17 -1.12 -3.17
N TYR C 100 -31.70 -0.38 -2.18
CA TYR C 100 -32.55 0.67 -1.65
C TYR C 100 -31.72 1.73 -0.98
N GLY C 101 -32.29 2.91 -0.81
CA GLY C 101 -31.56 4.01 -0.21
C GLY C 101 -32.14 5.39 -0.48
N CYS C 102 -31.37 6.43 -0.17
CA CYS C 102 -31.83 7.82 -0.30
C CYS C 102 -30.75 8.76 -0.83
N ASP C 103 -31.19 9.79 -1.57
CA ASP C 103 -30.32 10.88 -2.02
C ASP C 103 -30.66 12.12 -1.21
N VAL C 104 -29.64 12.85 -0.79
CA VAL C 104 -29.84 14.18 -0.20
C VAL C 104 -29.13 15.22 -1.05
N GLY C 105 -29.66 16.44 -1.08
CA GLY C 105 -28.99 17.55 -1.76
C GLY C 105 -27.78 18.12 -1.00
N SER C 106 -27.44 19.39 -1.27
CA SER C 106 -26.30 20.03 -0.61
C SER C 106 -26.58 20.48 0.82
N ASP C 107 -27.83 20.86 1.08
CA ASP C 107 -28.25 21.17 2.44
C ASP C 107 -28.30 19.93 3.34
N TRP C 108 -28.01 18.75 2.76
CA TRP C 108 -28.19 17.45 3.42
C TRP C 108 -29.66 17.11 3.71
N ARG C 109 -30.59 17.67 2.93
CA ARG C 109 -32.02 17.33 3.04
C ARG C 109 -32.45 16.28 2.00
N PHE C 110 -33.48 15.51 2.35
CA PHE C 110 -34.01 14.46 1.47
C PHE C 110 -34.28 14.98 0.08
N LEU C 111 -33.77 14.26 -0.92
CA LEU C 111 -34.01 14.59 -2.31
C LEU C 111 -34.85 13.50 -2.99
N ARG C 112 -34.43 12.24 -2.83
CA ARG C 112 -35.07 11.10 -3.51
C ARG C 112 -34.84 9.76 -2.80
N GLY C 113 -35.84 8.88 -2.84
CA GLY C 113 -35.72 7.56 -2.24
C GLY C 113 -35.91 6.48 -3.28
N TYR C 114 -35.25 5.34 -3.08
CA TYR C 114 -35.33 4.20 -3.99
C TYR C 114 -35.52 2.89 -3.23
N HIS C 115 -36.21 1.94 -3.86
CA HIS C 115 -36.34 0.59 -3.31
C HIS C 115 -36.84 -0.34 -4.41
N GLN C 116 -35.98 -1.23 -4.89
CA GLN C 116 -36.33 -1.95 -6.10
C GLN C 116 -35.60 -3.28 -6.15
N TYR C 117 -36.18 -4.20 -6.92
CA TYR C 117 -35.73 -5.57 -7.04
C TYR C 117 -35.54 -5.97 -8.48
N ALA C 118 -34.76 -7.02 -8.68
CA ALA C 118 -34.60 -7.66 -9.97
C ALA C 118 -34.56 -9.15 -9.79
N TYR C 119 -35.05 -9.88 -10.77
CA TYR C 119 -34.99 -11.33 -10.72
C TYR C 119 -34.25 -11.80 -11.95
N ASP C 120 -33.18 -12.57 -11.72
CA ASP C 120 -32.27 -12.96 -12.79
C ASP C 120 -31.84 -11.78 -13.66
N GLY C 121 -31.49 -10.67 -13.01
CA GLY C 121 -30.96 -9.51 -13.71
C GLY C 121 -31.98 -8.70 -14.50
N LYS C 122 -33.27 -9.01 -14.39
CA LYS C 122 -34.34 -8.18 -14.97
C LYS C 122 -35.14 -7.46 -13.91
N ASP C 123 -35.47 -6.19 -14.14
CA ASP C 123 -36.44 -5.48 -13.30
C ASP C 123 -37.60 -6.38 -12.88
N TYR C 124 -37.88 -6.38 -11.59
CA TYR C 124 -39.01 -7.13 -11.03
C TYR C 124 -40.05 -6.16 -10.55
N ILE C 125 -39.73 -5.46 -9.47
CA ILE C 125 -40.64 -4.46 -8.90
C ILE C 125 -39.80 -3.33 -8.35
N ALA C 126 -40.37 -2.12 -8.40
CA ALA C 126 -39.65 -0.92 -7.99
C ALA C 126 -40.62 0.07 -7.39
N LEU C 127 -40.21 0.71 -6.30
CA LEU C 127 -40.98 1.80 -5.75
C LEU C 127 -40.77 3.06 -6.62
N LYS C 128 -41.85 3.70 -7.04
CA LYS C 128 -41.72 4.92 -7.85
C LYS C 128 -41.23 6.09 -6.99
N GLU C 129 -40.85 7.18 -7.63
CA GLU C 129 -40.28 8.32 -6.93
C GLU C 129 -41.25 8.99 -5.97
N ASP C 130 -42.54 8.93 -6.25
CA ASP C 130 -43.54 9.45 -5.30
C ASP C 130 -43.59 8.67 -3.97
N LEU C 131 -42.88 7.56 -3.91
CA LEU C 131 -42.82 6.69 -2.71
C LEU C 131 -44.20 6.19 -2.28
N ARG C 132 -45.08 6.00 -3.24
CA ARG C 132 -46.44 5.61 -2.96
C ARG C 132 -46.88 4.43 -3.81
N SER C 133 -46.38 4.37 -5.03
CA SER C 133 -46.86 3.35 -5.94
C SER C 133 -45.72 2.51 -6.50
N TRP C 134 -46.09 1.39 -7.07
CA TRP C 134 -45.14 0.40 -7.48
C TRP C 134 -45.15 0.19 -8.99
N THR C 135 -43.98 -0.06 -9.54
CA THR C 135 -43.88 -0.45 -10.94
C THR C 135 -43.58 -1.92 -11.00
N ALA C 136 -44.50 -2.71 -11.52
CA ALA C 136 -44.33 -4.16 -11.61
C ALA C 136 -44.04 -4.53 -13.05
N ALA C 137 -42.97 -5.28 -13.29
CA ALA C 137 -42.46 -5.50 -14.64
C ALA C 137 -43.24 -6.57 -15.42
N ASP C 138 -43.96 -7.43 -14.70
CA ASP C 138 -44.72 -8.54 -15.34
C ASP C 138 -45.80 -9.02 -14.38
N MET C 139 -46.45 -10.14 -14.73
CA MET C 139 -47.57 -10.66 -13.94
C MET C 139 -47.15 -11.18 -12.55
N ALA C 140 -45.97 -11.74 -12.45
CA ALA C 140 -45.47 -12.22 -11.17
C ALA C 140 -45.32 -11.04 -10.24
N ALA C 141 -44.73 -9.98 -10.74
CA ALA C 141 -44.51 -8.79 -9.95
C ALA C 141 -45.84 -8.10 -9.61
N GLN C 142 -46.85 -8.26 -10.47
CA GLN C 142 -48.16 -7.73 -10.12
C GLN C 142 -48.73 -8.48 -8.90
N THR C 143 -48.44 -9.77 -8.80
CA THR C 143 -48.79 -10.52 -7.59
C THR C 143 -48.13 -9.95 -6.32
N THR C 144 -46.82 -9.73 -6.37
CA THR C 144 -46.12 -9.06 -5.29
C THR C 144 -46.73 -7.69 -4.96
N LYS C 145 -46.93 -6.89 -6.01
CA LYS C 145 -47.50 -5.54 -5.87
C LYS C 145 -48.86 -5.54 -5.15
N HIS C 146 -49.72 -6.49 -5.50
CA HIS C 146 -51.01 -6.66 -4.82
C HIS C 146 -50.84 -6.96 -3.32
N LYS C 147 -49.95 -7.88 -2.98
CA LYS C 147 -49.65 -8.20 -1.59
C LYS C 147 -49.08 -6.99 -0.82
N TRP C 148 -48.25 -6.20 -1.48
CA TRP C 148 -47.55 -5.10 -0.80
C TRP C 148 -48.50 -3.94 -0.65
N GLU C 149 -49.49 -3.87 -1.53
CA GLU C 149 -50.50 -2.83 -1.40
C GLU C 149 -51.50 -3.20 -0.29
N ALA C 150 -51.91 -4.45 -0.23
CA ALA C 150 -52.80 -4.89 0.87
C ALA C 150 -52.15 -4.70 2.25
N ALA C 151 -50.83 -4.86 2.36
CA ALA C 151 -50.22 -4.77 3.71
C ALA C 151 -49.48 -3.45 3.90
N HIS C 152 -49.80 -2.50 3.03
CA HIS C 152 -49.25 -1.15 3.00
C HIS C 152 -47.75 -1.02 3.28
N VAL C 153 -46.96 -1.82 2.56
CA VAL C 153 -45.50 -1.73 2.62
C VAL C 153 -44.93 -0.32 2.36
N ALA C 154 -45.32 0.28 1.23
CA ALA C 154 -44.75 1.52 0.75
C ALA C 154 -44.78 2.59 1.84
N GLU C 155 -45.90 2.71 2.53
CA GLU C 155 -46.00 3.76 3.53
C GLU C 155 -44.93 3.62 4.58
N GLN C 156 -44.65 2.39 4.97
CA GLN C 156 -43.65 2.22 6.03
C GLN C 156 -42.25 2.41 5.45
N LEU C 157 -42.03 1.94 4.22
CA LEU C 157 -40.80 2.21 3.49
C LEU C 157 -40.54 3.70 3.37
N ARG C 158 -41.60 4.46 3.16
CA ARG C 158 -41.48 5.90 3.04
C ARG C 158 -40.85 6.52 4.29
N ALA C 159 -41.23 6.03 5.46
CA ALA C 159 -40.77 6.61 6.72
C ALA C 159 -39.30 6.35 6.89
N TYR C 160 -38.84 5.23 6.38
CA TYR C 160 -37.44 4.92 6.41
C TYR C 160 -36.63 5.70 5.34
N LEU C 161 -37.10 5.75 4.10
CA LEU C 161 -36.33 6.43 3.05
C LEU C 161 -36.22 7.94 3.27
N GLU C 162 -37.27 8.56 3.78
CA GLU C 162 -37.30 10.02 4.00
C GLU C 162 -36.74 10.44 5.35
N GLY C 163 -36.99 9.64 6.39
CA GLY C 163 -36.57 9.97 7.74
C GLY C 163 -35.33 9.20 8.14
N THR C 164 -35.52 7.95 8.53
CA THR C 164 -34.43 7.13 9.06
C THR C 164 -33.18 7.08 8.18
N CYS C 165 -33.36 6.82 6.88
CA CYS C 165 -32.24 6.68 5.93
C CYS C 165 -31.40 7.97 5.85
N VAL C 166 -32.08 9.11 5.81
CA VAL C 166 -31.42 10.40 5.78
C VAL C 166 -30.62 10.66 7.06
N GLU C 167 -31.21 10.32 8.21
CA GLU C 167 -30.53 10.48 9.48
C GLU C 167 -29.24 9.69 9.53
N TRP C 168 -29.26 8.45 9.07
CA TRP C 168 -28.01 7.68 9.06
C TRP C 168 -26.99 8.31 8.11
N LEU C 169 -27.45 8.77 6.95
CA LEU C 169 -26.60 9.41 5.94
C LEU C 169 -25.88 10.60 6.56
N ARG C 170 -26.66 11.54 7.10
CA ARG C 170 -26.08 12.66 7.83
C ARG C 170 -25.10 12.22 8.92
N ARG C 171 -25.50 11.25 9.73
CA ARG C 171 -24.62 10.78 10.80
C ARG C 171 -23.28 10.28 10.25
N TYR C 172 -23.36 9.51 9.17
CA TYR C 172 -22.17 8.92 8.56
C TYR C 172 -21.26 9.98 7.95
N LEU C 173 -21.86 11.02 7.37
CA LEU C 173 -21.11 12.06 6.67
C LEU C 173 -20.26 12.88 7.66
N GLU C 174 -20.84 13.14 8.83
CA GLU C 174 -20.12 13.78 9.90
C GLU C 174 -18.96 12.91 10.39
N ASN C 175 -19.23 11.66 10.75
CA ASN C 175 -18.19 10.80 11.34
C ASN C 175 -17.07 10.49 10.35
N GLY C 176 -17.40 10.49 9.06
CA GLY C 176 -16.44 10.18 8.02
C GLY C 176 -16.02 11.38 7.20
N LYS C 177 -16.27 12.57 7.74
CA LYS C 177 -16.03 13.84 7.04
C LYS C 177 -14.68 13.96 6.33
N GLU C 178 -13.63 13.56 7.05
CA GLU C 178 -12.24 13.67 6.62
C GLU C 178 -11.98 12.92 5.31
N THR C 179 -12.82 11.93 5.02
CA THR C 179 -12.70 11.16 3.79
C THR C 179 -13.95 11.31 2.90
N LEU C 180 -15.15 11.15 3.47
CA LEU C 180 -16.38 11.18 2.68
C LEU C 180 -16.68 12.57 2.09
N GLN C 181 -16.21 13.61 2.77
CA GLN C 181 -16.52 14.96 2.31
C GLN C 181 -15.31 15.58 1.63
N ARG C 182 -14.23 14.81 1.54
CA ARG C 182 -13.04 15.25 0.83
C ARG C 182 -13.15 14.92 -0.66
N THR C 183 -13.14 15.94 -1.52
CA THR C 183 -13.06 15.70 -2.97
C THR C 183 -11.59 15.73 -3.43
N ASP C 184 -11.20 14.79 -4.30
CA ASP C 184 -9.87 14.81 -4.91
C ASP C 184 -9.99 15.11 -6.39
N ALA C 185 -9.42 16.22 -6.82
CA ALA C 185 -9.45 16.59 -8.23
C ALA C 185 -8.71 15.54 -9.04
N PRO C 186 -9.19 15.28 -10.26
CA PRO C 186 -8.44 14.37 -11.12
C PRO C 186 -7.04 14.90 -11.42
N LYS C 187 -6.05 14.04 -11.35
CA LYS C 187 -4.74 14.33 -11.89
C LYS C 187 -4.85 13.93 -13.34
N THR C 188 -4.49 14.83 -14.24
CA THR C 188 -4.78 14.60 -15.64
C THR C 188 -3.54 14.65 -16.47
N HIS C 189 -3.54 13.90 -17.56
CA HIS C 189 -2.48 14.01 -18.53
C HIS C 189 -2.95 13.43 -19.85
N MET C 190 -2.25 13.76 -20.94
CA MET C 190 -2.58 13.28 -22.26
C MET C 190 -1.49 12.37 -22.79
N THR C 191 -1.91 11.36 -23.54
CA THR C 191 -1.00 10.43 -24.18
C THR C 191 -1.22 10.51 -25.68
N HIS C 192 -0.21 10.10 -26.43
CA HIS C 192 -0.24 10.22 -27.88
C HIS C 192 0.40 9.00 -28.53
N HIS C 193 -0.39 8.29 -29.33
CA HIS C 193 0.09 7.10 -30.00
C HIS C 193 -0.21 7.14 -31.51
N ALA C 194 0.82 7.04 -32.34
CA ALA C 194 0.60 6.92 -33.77
C ALA C 194 -0.04 5.57 -34.07
N VAL C 195 -1.16 5.61 -34.78
CA VAL C 195 -1.87 4.42 -35.19
C VAL C 195 -1.77 4.31 -36.70
N SER C 196 -0.66 4.85 -37.23
CA SER C 196 -0.34 4.85 -38.66
C SER C 196 0.65 5.98 -38.91
N ASP C 197 0.56 6.49 -40.11
CA ASP C 197 1.27 7.65 -40.60
C ASP C 197 0.18 8.63 -41.09
N HIS C 198 -1.07 8.29 -40.88
CA HIS C 198 -2.20 8.99 -41.36
C HIS C 198 -3.08 9.37 -40.23
N GLU C 199 -2.92 8.67 -39.12
CA GLU C 199 -3.80 8.87 -37.98
C GLU C 199 -3.00 8.79 -36.67
N ALA C 200 -3.39 9.57 -35.67
CA ALA C 200 -2.86 9.39 -34.32
C ALA C 200 -4.02 9.22 -33.34
N THR C 201 -3.74 8.62 -32.19
CA THR C 201 -4.71 8.49 -31.10
C THR C 201 -4.36 9.43 -29.95
N LEU C 202 -5.29 10.28 -29.55
CA LEU C 202 -5.08 11.11 -28.36
C LEU C 202 -5.89 10.49 -27.24
N ARG C 203 -5.24 10.24 -26.10
CA ARG C 203 -5.95 9.69 -24.95
C ARG C 203 -5.85 10.60 -23.75
N CYS C 204 -7.00 11.11 -23.33
CA CYS C 204 -7.11 11.97 -22.17
C CYS C 204 -7.28 11.11 -20.92
N TRP C 205 -6.38 11.26 -19.94
CA TRP C 205 -6.38 10.48 -18.71
C TRP C 205 -6.82 11.26 -17.48
N ALA C 206 -7.75 10.70 -16.70
CA ALA C 206 -8.11 11.26 -15.41
C ALA C 206 -7.83 10.23 -14.31
N LEU C 207 -7.04 10.61 -13.30
CA LEU C 207 -6.65 9.65 -12.27
C LEU C 207 -6.82 10.18 -10.86
N SER C 208 -6.96 9.25 -9.90
CA SER C 208 -6.99 9.55 -8.48
C SER C 208 -8.04 10.57 -8.07
N PHE C 209 -9.24 10.48 -8.62
CA PHE C 209 -10.25 11.47 -8.27
C PHE C 209 -11.34 10.81 -7.41
N TYR C 210 -12.07 11.66 -6.69
CA TYR C 210 -13.19 11.26 -5.86
C TYR C 210 -14.05 12.52 -5.73
N PRO C 211 -15.39 12.40 -5.88
CA PRO C 211 -16.16 11.17 -6.12
C PRO C 211 -16.01 10.66 -7.54
N ALA C 212 -16.65 9.55 -7.87
CA ALA C 212 -16.42 8.87 -9.15
C ALA C 212 -17.06 9.60 -10.30
N GLU C 213 -17.98 10.52 -10.00
CA GLU C 213 -18.66 11.28 -11.05
C GLU C 213 -17.65 12.20 -11.75
N ILE C 214 -17.50 12.01 -13.07
CA ILE C 214 -16.63 12.86 -13.89
C ILE C 214 -17.12 12.93 -15.35
N THR C 215 -16.85 14.03 -16.05
CA THR C 215 -17.14 14.07 -17.47
C THR C 215 -15.90 14.41 -18.29
N LEU C 216 -15.58 13.49 -19.21
CA LEU C 216 -14.48 13.68 -20.15
C LEU C 216 -15.06 13.89 -21.55
N THR C 217 -14.91 15.09 -22.08
CA THR C 217 -15.52 15.43 -23.36
C THR C 217 -14.48 15.87 -24.38
N TRP C 218 -14.36 15.13 -25.48
CA TRP C 218 -13.44 15.54 -26.53
C TRP C 218 -14.10 16.58 -27.41
N GLN C 219 -13.30 17.54 -27.88
CA GLN C 219 -13.80 18.62 -28.72
C GLN C 219 -12.87 18.88 -29.90
N ARG C 220 -13.46 19.16 -31.05
CA ARG C 220 -12.72 19.70 -32.18
C ARG C 220 -13.19 21.13 -32.47
N ASP C 221 -12.23 22.06 -32.46
CA ASP C 221 -12.49 23.47 -32.62
C ASP C 221 -13.57 23.94 -31.63
N GLY C 222 -13.42 23.54 -30.37
CA GLY C 222 -14.32 23.97 -29.32
C GLY C 222 -15.71 23.36 -29.44
N GLU C 223 -15.88 22.32 -30.26
CA GLU C 223 -17.18 21.65 -30.43
C GLU C 223 -17.14 20.14 -30.18
N ASP C 224 -18.06 19.65 -29.37
CA ASP C 224 -18.10 18.24 -28.97
C ASP C 224 -18.04 17.28 -30.15
N GLN C 225 -17.31 16.19 -29.98
CA GLN C 225 -17.14 15.18 -31.01
C GLN C 225 -17.48 13.79 -30.50
N THR C 226 -18.25 13.03 -31.27
CA THR C 226 -18.56 11.65 -30.89
C THR C 226 -17.85 10.67 -31.82
N GLN C 227 -17.73 11.07 -33.08
CA GLN C 227 -17.04 10.27 -34.09
C GLN C 227 -15.60 9.93 -33.70
N ASP C 228 -15.27 8.65 -33.83
CA ASP C 228 -13.93 8.12 -33.59
C ASP C 228 -13.41 8.44 -32.18
N THR C 229 -14.33 8.42 -31.21
CA THR C 229 -13.96 8.46 -29.79
C THR C 229 -14.30 7.16 -29.05
N GLU C 230 -13.40 6.75 -28.16
CA GLU C 230 -13.68 5.67 -27.23
C GLU C 230 -13.56 6.17 -25.80
N LEU C 231 -14.50 5.75 -24.96
CA LEU C 231 -14.53 6.15 -23.56
C LEU C 231 -14.72 4.92 -22.67
N VAL C 232 -13.82 4.67 -21.72
CA VAL C 232 -14.01 3.53 -20.80
C VAL C 232 -14.90 3.86 -19.65
N GLU C 233 -15.46 2.81 -19.05
CA GLU C 233 -16.14 2.91 -17.77
C GLU C 233 -15.18 3.47 -16.69
N THR C 234 -15.67 4.37 -15.84
CA THR C 234 -14.94 4.80 -14.66
C THR C 234 -14.61 3.57 -13.78
N ARG C 235 -13.34 3.43 -13.40
CA ARG C 235 -12.86 2.22 -12.73
C ARG C 235 -12.13 2.56 -11.43
N PRO C 236 -12.29 1.71 -10.38
CA PRO C 236 -11.70 1.99 -9.08
C PRO C 236 -10.19 1.81 -9.09
N ALA C 237 -9.46 2.73 -8.47
CA ALA C 237 -7.99 2.59 -8.44
C ALA C 237 -7.61 1.49 -7.45
N GLY C 238 -8.37 1.42 -6.35
CA GLY C 238 -8.22 0.36 -5.38
C GLY C 238 -8.00 0.95 -4.00
N ASP C 239 -7.90 2.28 -3.94
CA ASP C 239 -7.48 3.00 -2.75
C ASP C 239 -8.52 4.03 -2.34
N GLY C 240 -9.71 3.91 -2.92
CA GLY C 240 -10.78 4.84 -2.60
C GLY C 240 -11.03 5.82 -3.72
N THR C 241 -10.08 5.94 -4.65
CA THR C 241 -10.21 6.90 -5.77
C THR C 241 -10.49 6.19 -7.10
N PHE C 242 -10.73 6.99 -8.15
CA PHE C 242 -11.10 6.40 -9.45
C PHE C 242 -10.24 6.91 -10.62
N GLN C 243 -10.33 6.18 -11.73
CA GLN C 243 -9.64 6.42 -12.97
C GLN C 243 -10.62 6.39 -14.15
N LYS C 244 -10.33 7.19 -15.17
CA LYS C 244 -11.08 7.12 -16.43
C LYS C 244 -10.19 7.68 -17.55
N TRP C 245 -10.36 7.18 -18.78
CA TRP C 245 -9.81 7.88 -19.94
C TRP C 245 -10.81 7.97 -21.11
N ALA C 246 -10.49 8.85 -22.05
CA ALA C 246 -11.27 9.02 -23.26
C ALA C 246 -10.28 9.19 -24.36
N ALA C 247 -10.54 8.59 -25.52
CA ALA C 247 -9.64 8.69 -26.64
C ALA C 247 -10.35 9.24 -27.87
N VAL C 248 -9.54 9.75 -28.81
CA VAL C 248 -10.00 10.12 -30.16
C VAL C 248 -8.91 9.77 -31.15
N VAL C 249 -9.29 9.34 -32.34
CA VAL C 249 -8.28 9.22 -33.37
C VAL C 249 -8.41 10.44 -34.30
N VAL C 250 -7.27 11.05 -34.60
CA VAL C 250 -7.29 12.29 -35.36
C VAL C 250 -6.34 12.23 -36.56
N PRO C 251 -6.54 13.13 -37.53
CA PRO C 251 -5.57 13.34 -38.61
C PRO C 251 -4.20 13.67 -38.06
N SER C 252 -3.15 13.02 -38.55
CA SER C 252 -1.79 13.12 -37.95
C SER C 252 -1.12 14.49 -37.86
N GLY C 253 -1.77 15.54 -38.37
CA GLY C 253 -1.24 16.86 -38.17
C GLY C 253 -2.28 17.86 -37.66
N GLN C 254 -3.47 17.40 -37.32
CA GLN C 254 -4.51 18.30 -36.85
C GLN C 254 -4.73 18.24 -35.31
N GLU C 255 -3.76 17.65 -34.58
CA GLU C 255 -3.86 17.45 -33.12
C GLU C 255 -4.26 18.71 -32.37
N GLN C 256 -3.77 19.85 -32.84
CA GLN C 256 -3.98 21.11 -32.13
C GLN C 256 -5.46 21.54 -32.20
N ARG C 257 -6.23 20.97 -33.12
CA ARG C 257 -7.66 21.28 -33.21
C ARG C 257 -8.46 20.59 -32.08
N TYR C 258 -7.83 19.58 -31.48
CA TYR C 258 -8.53 18.68 -30.56
C TYR C 258 -8.19 18.97 -29.12
N THR C 259 -9.20 19.06 -28.28
CA THR C 259 -8.96 19.35 -26.88
C THR C 259 -9.90 18.55 -25.96
N CYS C 260 -9.40 18.18 -24.78
CA CYS C 260 -10.14 17.32 -23.85
C CYS C 260 -10.73 18.12 -22.70
N HIS C 261 -12.03 18.02 -22.51
CA HIS C 261 -12.67 18.77 -21.44
C HIS C 261 -13.15 17.89 -20.29
N VAL C 262 -12.60 18.21 -19.13
CA VAL C 262 -12.77 17.45 -17.90
C VAL C 262 -13.61 18.22 -16.88
N GLN C 263 -14.79 17.72 -16.55
CA GLN C 263 -15.50 18.35 -15.43
C GLN C 263 -15.62 17.42 -14.22
N HIS C 264 -15.32 17.97 -13.05
CA HIS C 264 -15.34 17.21 -11.80
C HIS C 264 -15.59 18.15 -10.63
N GLU C 265 -16.33 17.67 -9.62
CA GLU C 265 -16.59 18.46 -8.42
C GLU C 265 -15.30 19.02 -7.83
N GLY C 266 -14.25 18.21 -7.84
CA GLY C 266 -12.96 18.62 -7.28
C GLY C 266 -12.24 19.78 -7.96
N LEU C 267 -12.74 20.23 -9.10
CA LEU C 267 -12.11 21.32 -9.85
C LEU C 267 -12.95 22.59 -9.80
N PRO C 268 -12.37 23.70 -9.32
CA PRO C 268 -13.08 24.97 -9.25
C PRO C 268 -13.61 25.38 -10.63
N LYS C 269 -12.71 25.39 -11.61
CA LYS C 269 -13.07 25.64 -13.01
C LYS C 269 -12.68 24.42 -13.84
N PRO C 270 -13.59 23.98 -14.75
CA PRO C 270 -13.34 22.81 -15.61
C PRO C 270 -12.02 22.94 -16.36
N LEU C 271 -11.34 21.81 -16.62
CA LEU C 271 -10.04 21.88 -17.28
C LEU C 271 -10.15 21.56 -18.76
N THR C 272 -9.27 22.19 -19.53
CA THR C 272 -9.13 21.96 -20.95
C THR C 272 -7.73 21.41 -21.19
N LEU C 273 -7.60 20.15 -21.60
CA LEU C 273 -6.29 19.60 -21.93
C LEU C 273 -6.03 19.57 -23.43
N ARG C 274 -4.75 19.69 -23.80
CA ARG C 274 -4.30 19.67 -25.17
C ARG C 274 -3.07 18.81 -25.27
N TRP C 275 -2.71 18.41 -26.48
CA TRP C 275 -1.49 17.67 -26.68
C TRP C 275 -0.37 18.68 -26.82
N GLU C 276 0.74 18.46 -26.13
CA GLU C 276 1.87 19.39 -26.19
C GLU C 276 3.18 18.64 -26.39
N MET D 1 -33.30 -16.04 -18.89
CA MET D 1 -32.02 -16.28 -19.57
C MET D 1 -31.25 -14.97 -19.81
N ILE D 2 -31.10 -14.19 -18.74
CA ILE D 2 -30.45 -12.90 -18.82
C ILE D 2 -28.96 -13.08 -18.55
N GLN D 3 -28.18 -13.09 -19.63
CA GLN D 3 -26.74 -13.30 -19.50
C GLN D 3 -25.96 -12.20 -20.23
N ARG D 4 -25.10 -11.49 -19.49
CA ARG D 4 -24.24 -10.45 -20.01
C ARG D 4 -22.76 -10.83 -19.81
N THR D 5 -21.94 -10.61 -20.84
CA THR D 5 -20.50 -10.88 -20.79
C THR D 5 -19.77 -9.82 -19.98
N PRO D 6 -18.75 -10.24 -19.21
CA PRO D 6 -18.01 -9.24 -18.44
C PRO D 6 -17.15 -8.32 -19.33
N LYS D 7 -17.15 -7.03 -19.04
CA LYS D 7 -16.14 -6.14 -19.54
C LYS D 7 -14.95 -6.34 -18.62
N ILE D 8 -13.75 -6.12 -19.15
CA ILE D 8 -12.53 -6.38 -18.43
C ILE D 8 -11.54 -5.26 -18.62
N GLN D 9 -11.04 -4.69 -17.53
CA GLN D 9 -9.92 -3.75 -17.65
C GLN D 9 -8.81 -4.23 -16.74
N VAL D 10 -7.57 -4.10 -17.24
CA VAL D 10 -6.34 -4.47 -16.51
C VAL D 10 -5.41 -3.26 -16.41
N TYR D 11 -4.97 -2.93 -15.20
CA TYR D 11 -4.29 -1.67 -14.99
C TYR D 11 -3.69 -1.61 -13.59
N SER D 12 -2.81 -0.65 -13.40
CA SER D 12 -2.09 -0.51 -12.15
C SER D 12 -2.72 0.60 -11.34
N ARG D 13 -2.68 0.47 -10.02
CA ARG D 13 -3.26 1.51 -9.15
C ARG D 13 -2.62 2.85 -9.44
N HIS D 14 -1.28 2.89 -9.48
CA HIS D 14 -0.54 4.12 -9.73
C HIS D 14 0.14 4.01 -11.07
N PRO D 15 0.57 5.15 -11.63
CA PRO D 15 1.30 5.04 -12.91
C PRO D 15 2.51 4.11 -12.75
N ALA D 16 2.71 3.21 -13.71
CA ALA D 16 3.69 2.15 -13.56
C ALA D 16 5.12 2.67 -13.71
N GLU D 17 5.95 2.34 -12.74
CA GLU D 17 7.36 2.70 -12.73
C GLU D 17 8.17 1.46 -12.39
N ASN D 18 8.97 1.01 -13.37
CA ASN D 18 9.83 -0.14 -13.21
C ASN D 18 10.58 -0.09 -11.88
N GLY D 19 10.41 -1.13 -11.06
CA GLY D 19 11.08 -1.23 -9.78
C GLY D 19 10.39 -0.60 -8.57
N LYS D 20 9.24 0.05 -8.75
CA LYS D 20 8.53 0.64 -7.62
C LYS D 20 7.26 -0.13 -7.26
N SER D 21 6.98 -0.18 -5.96
CA SER D 21 5.84 -0.91 -5.44
C SER D 21 4.49 -0.33 -5.93
N ASN D 22 3.60 -1.22 -6.39
CA ASN D 22 2.32 -0.84 -6.99
C ASN D 22 1.27 -1.94 -6.75
N PHE D 23 0.08 -1.78 -7.33
CA PHE D 23 -0.97 -2.81 -7.31
C PHE D 23 -1.47 -3.10 -8.71
N LEU D 24 -1.56 -4.37 -9.04
CA LEU D 24 -2.09 -4.79 -10.30
C LEU D 24 -3.59 -5.02 -10.12
N ASN D 25 -4.40 -4.34 -10.92
CA ASN D 25 -5.87 -4.48 -10.87
C ASN D 25 -6.48 -5.22 -12.04
N CYS D 26 -7.50 -6.03 -11.77
CA CYS D 26 -8.34 -6.52 -12.85
C CYS D 26 -9.82 -6.27 -12.52
N TYR D 27 -10.42 -5.31 -13.22
CA TYR D 27 -11.77 -4.87 -12.93
C TYR D 27 -12.72 -5.48 -13.94
N VAL D 28 -13.61 -6.30 -13.41
CA VAL D 28 -14.61 -6.95 -14.24
C VAL D 28 -15.99 -6.40 -13.88
N SER D 29 -16.80 -6.16 -14.91
CA SER D 29 -18.03 -5.40 -14.71
C SER D 29 -19.02 -5.78 -15.80
N GLY D 30 -20.28 -5.37 -15.62
CA GLY D 30 -21.26 -5.57 -16.69
C GLY D 30 -21.73 -7.00 -16.89
N PHE D 31 -21.48 -7.89 -15.92
CA PHE D 31 -21.80 -9.30 -16.14
C PHE D 31 -22.99 -9.81 -15.32
N HIS D 32 -23.59 -10.88 -15.84
CA HIS D 32 -24.69 -11.60 -15.21
C HIS D 32 -24.73 -13.00 -15.81
N PRO D 33 -24.80 -14.04 -14.97
CA PRO D 33 -24.97 -13.93 -13.52
C PRO D 33 -23.66 -13.71 -12.76
N SER D 34 -23.73 -13.80 -11.43
CA SER D 34 -22.66 -13.29 -10.56
C SER D 34 -21.49 -14.24 -10.44
N ASP D 35 -21.67 -15.49 -10.85
CA ASP D 35 -20.60 -16.47 -10.70
C ASP D 35 -19.55 -16.21 -11.78
N ILE D 36 -18.31 -15.97 -11.35
CA ILE D 36 -17.24 -15.63 -12.27
C ILE D 36 -15.86 -16.04 -11.73
N GLU D 37 -14.98 -16.43 -12.63
CA GLU D 37 -13.63 -16.85 -12.22
C GLU D 37 -12.58 -15.92 -12.81
N VAL D 38 -11.81 -15.31 -11.93
CA VAL D 38 -10.81 -14.33 -12.34
C VAL D 38 -9.45 -14.70 -11.76
N ASP D 39 -8.45 -14.72 -12.63
CA ASP D 39 -7.07 -14.93 -12.20
C ASP D 39 -6.19 -13.80 -12.71
N LEU D 40 -5.30 -13.34 -11.84
CA LEU D 40 -4.22 -12.46 -12.27
C LEU D 40 -3.04 -13.33 -12.67
N LEU D 41 -2.38 -12.96 -13.76
CA LEU D 41 -1.29 -13.75 -14.27
C LEU D 41 0.03 -12.98 -14.28
N LYS D 42 1.10 -13.68 -13.90
CA LYS D 42 2.43 -13.14 -14.11
C LYS D 42 3.19 -14.08 -15.04
N ASN D 43 3.45 -13.61 -16.25
CA ASN D 43 4.17 -14.37 -17.25
C ASN D 43 3.53 -15.75 -17.44
N GLY D 44 2.23 -15.74 -17.72
CA GLY D 44 1.53 -16.94 -18.10
C GLY D 44 1.09 -17.84 -16.97
N GLU D 45 1.59 -17.57 -15.75
CA GLU D 45 1.24 -18.40 -14.59
C GLU D 45 0.41 -17.67 -13.55
N ARG D 46 -0.41 -18.42 -12.84
CA ARG D 46 -1.27 -17.89 -11.79
C ARG D 46 -0.51 -17.21 -10.66
N ILE D 47 -0.87 -15.95 -10.39
CA ILE D 47 -0.41 -15.27 -9.19
C ILE D 47 -1.23 -15.78 -8.03
N GLU D 48 -0.62 -15.94 -6.87
CA GLU D 48 -1.22 -16.73 -5.79
C GLU D 48 -2.07 -15.95 -4.76
N LYS D 49 -1.57 -14.82 -4.28
CA LYS D 49 -2.28 -14.09 -3.23
C LYS D 49 -3.02 -12.87 -3.78
N VAL D 50 -4.11 -13.17 -4.50
CA VAL D 50 -4.96 -12.18 -5.13
C VAL D 50 -6.25 -12.02 -4.31
N GLU D 51 -6.60 -10.77 -4.04
CA GLU D 51 -7.84 -10.47 -3.34
C GLU D 51 -8.89 -9.89 -4.30
N HIS D 52 -10.15 -9.85 -3.86
CA HIS D 52 -11.18 -9.14 -4.62
C HIS D 52 -12.15 -8.40 -3.72
N SER D 53 -12.86 -7.43 -4.30
CA SER D 53 -13.79 -6.60 -3.55
C SER D 53 -15.07 -7.42 -3.27
N ASP D 54 -15.98 -6.84 -2.50
CA ASP D 54 -17.26 -7.50 -2.17
C ASP D 54 -18.27 -7.35 -3.31
N LEU D 55 -19.02 -8.40 -3.58
CA LEU D 55 -19.92 -8.39 -4.74
C LEU D 55 -20.90 -7.20 -4.66
N SER D 56 -20.89 -6.37 -5.69
CA SER D 56 -21.89 -5.32 -5.83
C SER D 56 -22.37 -5.23 -7.27
N PHE D 57 -23.26 -4.29 -7.53
CA PHE D 57 -23.82 -4.19 -8.86
C PHE D 57 -24.25 -2.77 -9.16
N SER D 58 -24.41 -2.51 -10.45
CA SER D 58 -24.76 -1.20 -10.94
C SER D 58 -26.26 -1.05 -11.10
N LYS D 59 -26.64 0.13 -11.54
CA LYS D 59 -28.02 0.48 -11.86
C LYS D 59 -28.75 -0.58 -12.67
N ASP D 60 -28.19 -0.96 -13.81
CA ASP D 60 -28.82 -1.95 -14.70
C ASP D 60 -28.76 -3.38 -14.15
N TRP D 61 -28.31 -3.51 -12.90
CA TRP D 61 -28.27 -4.78 -12.14
C TRP D 61 -27.08 -5.68 -12.49
N SER D 62 -26.24 -5.24 -13.43
CA SER D 62 -25.08 -6.04 -13.80
C SER D 62 -24.03 -5.95 -12.69
N PHE D 63 -23.26 -7.01 -12.50
CA PHE D 63 -22.31 -7.08 -11.39
C PHE D 63 -20.94 -6.49 -11.68
N TYR D 64 -20.23 -6.08 -10.64
CA TYR D 64 -18.81 -5.68 -10.81
C TYR D 64 -17.98 -6.11 -9.61
N LEU D 65 -16.73 -6.48 -9.92
CA LEU D 65 -15.70 -6.90 -8.96
C LEU D 65 -14.29 -6.40 -9.36
N LEU D 66 -13.57 -5.88 -8.36
CA LEU D 66 -12.15 -5.57 -8.47
C LEU D 66 -11.27 -6.70 -7.90
N TYR D 67 -10.52 -7.39 -8.77
CA TYR D 67 -9.48 -8.33 -8.33
C TYR D 67 -8.15 -7.62 -8.35
N TYR D 68 -7.29 -7.91 -7.38
CA TYR D 68 -6.05 -7.15 -7.28
C TYR D 68 -4.97 -7.81 -6.41
N THR D 69 -3.72 -7.53 -6.75
CA THR D 69 -2.61 -7.91 -5.88
C THR D 69 -1.44 -6.97 -6.07
N GLU D 70 -0.69 -6.77 -5.00
CA GLU D 70 0.46 -5.89 -5.01
C GLU D 70 1.52 -6.47 -5.93
N PHE D 71 2.22 -5.58 -6.62
CA PHE D 71 3.28 -5.97 -7.52
C PHE D 71 4.34 -4.92 -7.74
N THR D 72 5.43 -5.33 -8.34
CA THR D 72 6.55 -4.46 -8.63
C THR D 72 6.92 -4.77 -10.03
N PRO D 73 6.40 -3.90 -10.95
CA PRO D 73 6.73 -4.22 -12.33
C PRO D 73 8.17 -4.05 -12.71
N THR D 74 8.58 -4.84 -13.67
CA THR D 74 9.92 -4.81 -14.22
C THR D 74 9.73 -4.71 -15.70
N GLU D 75 10.80 -4.70 -16.49
CA GLU D 75 10.63 -4.50 -17.92
C GLU D 75 10.25 -5.76 -18.70
N LYS D 76 10.72 -6.94 -18.29
CA LYS D 76 10.36 -8.15 -19.02
C LYS D 76 9.15 -8.89 -18.41
N ASP D 77 8.84 -8.60 -17.15
CA ASP D 77 7.67 -9.22 -16.51
C ASP D 77 6.35 -8.80 -17.18
N GLU D 78 5.65 -9.77 -17.78
CA GLU D 78 4.39 -9.53 -18.47
C GLU D 78 3.18 -10.01 -17.67
N TYR D 79 2.25 -9.09 -17.41
CA TYR D 79 1.08 -9.37 -16.59
C TYR D 79 -0.21 -9.40 -17.41
N ALA D 80 -1.17 -10.21 -16.92
CA ALA D 80 -2.42 -10.45 -17.64
C ALA D 80 -3.54 -10.84 -16.69
N CYS D 81 -4.77 -10.72 -17.18
CA CYS D 81 -5.95 -11.17 -16.43
C CYS D 81 -6.63 -12.29 -17.18
N ARG D 82 -7.07 -13.32 -16.46
CA ARG D 82 -7.82 -14.43 -17.05
C ARG D 82 -9.21 -14.57 -16.44
N VAL D 83 -10.24 -14.47 -17.26
CA VAL D 83 -11.60 -14.45 -16.77
C VAL D 83 -12.42 -15.58 -17.37
N ASN D 84 -13.11 -16.33 -16.51
CA ASN D 84 -14.05 -17.33 -16.97
C ASN D 84 -15.47 -17.12 -16.39
N HIS D 85 -16.45 -17.13 -17.29
CA HIS D 85 -17.84 -16.81 -17.00
C HIS D 85 -18.68 -17.67 -17.93
N VAL D 86 -19.90 -18.02 -17.55
CA VAL D 86 -20.74 -18.90 -18.38
C VAL D 86 -20.94 -18.34 -19.80
N THR D 87 -20.81 -17.03 -19.97
CA THR D 87 -21.00 -16.42 -21.29
C THR D 87 -19.75 -16.49 -22.20
N LEU D 88 -18.66 -17.04 -21.69
CA LEU D 88 -17.42 -17.19 -22.45
C LEU D 88 -17.21 -18.67 -22.81
N SER D 89 -16.86 -18.94 -24.06
CA SER D 89 -16.63 -20.32 -24.48
C SER D 89 -15.29 -20.84 -23.94
N GLN D 90 -14.36 -19.93 -23.67
CA GLN D 90 -13.09 -20.26 -23.02
C GLN D 90 -12.53 -19.00 -22.38
N PRO D 91 -11.60 -19.16 -21.42
CA PRO D 91 -11.05 -18.00 -20.72
C PRO D 91 -10.63 -16.85 -21.64
N LYS D 92 -11.13 -15.65 -21.36
CA LYS D 92 -10.69 -14.47 -22.07
C LYS D 92 -9.52 -13.89 -21.32
N ILE D 93 -8.38 -13.78 -22.01
CA ILE D 93 -7.13 -13.30 -21.44
C ILE D 93 -6.92 -11.85 -21.83
N VAL D 94 -6.80 -10.97 -20.85
CA VAL D 94 -6.56 -9.58 -21.17
C VAL D 94 -5.21 -9.16 -20.60
N LYS D 95 -4.30 -8.78 -21.51
CA LYS D 95 -2.93 -8.45 -21.16
C LYS D 95 -2.82 -7.04 -20.60
N TRP D 96 -1.96 -6.87 -19.62
CA TRP D 96 -1.67 -5.54 -19.08
C TRP D 96 -0.93 -4.71 -20.11
N ASP D 97 -1.38 -3.49 -20.35
CA ASP D 97 -0.66 -2.57 -21.21
C ASP D 97 -0.46 -1.23 -20.50
N ARG D 98 0.79 -0.93 -20.16
CA ARG D 98 1.06 0.18 -19.25
C ARG D 98 1.10 1.55 -19.94
N ASP D 99 1.43 1.59 -21.23
CA ASP D 99 1.63 2.88 -21.89
C ASP D 99 0.40 3.37 -22.63
N MET D 100 -0.77 2.85 -22.23
CA MET D 100 -2.04 3.32 -22.79
C MET D 100 -2.26 4.79 -22.45
N LEU E 4 35.06 20.57 -8.46
CA LEU E 4 35.45 21.94 -8.75
C LEU E 4 36.86 22.24 -8.19
N LEU E 5 37.62 23.06 -8.92
CA LEU E 5 38.98 23.39 -8.54
C LEU E 5 39.37 24.73 -9.16
N GLU E 6 39.64 25.71 -8.32
CA GLU E 6 39.98 27.05 -8.79
C GLU E 6 41.36 27.40 -8.24
N GLN E 7 42.16 28.10 -9.03
CA GLN E 7 43.46 28.58 -8.58
C GLN E 7 43.42 30.09 -8.44
N SER E 8 44.24 30.63 -7.53
CA SER E 8 44.25 32.06 -7.23
C SER E 8 45.65 32.56 -6.88
N PRO E 9 46.02 33.77 -7.36
CA PRO E 9 45.30 34.55 -8.35
C PRO E 9 45.69 34.07 -9.73
N GLN E 10 45.06 34.57 -10.79
CA GLN E 10 45.46 34.13 -12.12
C GLN E 10 46.88 34.57 -12.42
N PHE E 11 47.23 35.74 -11.90
CA PHE E 11 48.50 36.37 -12.23
C PHE E 11 49.04 37.07 -11.00
N LEU E 12 50.36 37.09 -10.89
CA LEU E 12 50.98 37.68 -9.72
C LEU E 12 52.36 38.21 -10.10
N SER E 13 52.57 39.49 -9.93
CA SER E 13 53.88 40.03 -10.24
C SER E 13 54.61 40.33 -8.96
N ILE E 14 55.87 39.95 -8.92
CA ILE E 14 56.67 40.05 -7.72
C ILE E 14 58.10 40.38 -8.09
N GLN E 15 58.62 41.47 -7.56
CA GLN E 15 60.02 41.77 -7.79
C GLN E 15 60.81 40.97 -6.76
N GLU E 16 62.04 40.53 -7.10
CA GLU E 16 62.76 39.53 -6.30
C GLU E 16 62.78 39.79 -4.80
N GLY E 17 63.01 38.73 -4.04
CA GLY E 17 63.22 38.83 -2.61
C GLY E 17 61.94 38.84 -1.81
N GLU E 18 60.88 39.37 -2.42
CA GLU E 18 59.57 39.36 -1.76
C GLU E 18 59.09 37.93 -1.60
N ASN E 19 58.03 37.75 -0.83
CA ASN E 19 57.43 36.44 -0.68
C ASN E 19 56.01 36.44 -1.23
N LEU E 20 55.64 35.32 -1.84
CA LEU E 20 54.34 35.21 -2.49
C LEU E 20 53.65 33.93 -2.03
N THR E 21 52.32 33.93 -2.04
CA THR E 21 51.56 32.74 -1.68
C THR E 21 50.37 32.54 -2.63
N VAL E 22 50.43 31.53 -3.49
CA VAL E 22 49.33 31.25 -4.41
C VAL E 22 48.46 30.12 -3.87
N TYR E 23 47.21 30.07 -4.31
CA TYR E 23 46.23 29.21 -3.67
C TYR E 23 45.49 28.25 -4.60
N CYS E 24 44.95 27.17 -4.03
CA CYS E 24 44.20 26.18 -4.78
C CYS E 24 43.07 25.67 -3.90
N ASN E 25 41.84 25.75 -4.40
CA ASN E 25 40.66 25.51 -3.59
C ASN E 25 39.59 24.66 -4.27
N SER E 26 38.82 23.94 -3.49
CA SER E 26 37.79 23.14 -4.06
C SER E 26 36.51 23.16 -3.28
N SER E 27 35.41 23.08 -3.98
CA SER E 27 34.13 23.02 -3.31
C SER E 27 33.93 21.64 -2.72
N SER E 28 34.82 20.71 -3.07
CA SER E 28 34.71 19.38 -2.57
C SER E 28 35.88 19.09 -1.66
N VAL E 29 36.33 17.85 -1.61
CA VAL E 29 37.42 17.46 -0.77
C VAL E 29 38.43 16.63 -1.57
N PHE E 30 39.70 16.94 -1.45
CA PHE E 30 40.71 16.19 -2.17
C PHE E 30 41.25 15.02 -1.39
N SER E 31 41.44 13.88 -2.04
CA SER E 31 42.09 12.73 -1.42
C SER E 31 43.59 12.75 -1.69
N SER E 32 43.99 13.61 -2.61
CA SER E 32 45.40 13.98 -2.82
C SER E 32 45.46 15.19 -3.74
N LEU E 33 46.49 16.01 -3.58
CA LEU E 33 46.59 17.23 -4.34
C LEU E 33 48.01 17.41 -4.83
N GLN E 34 48.15 17.75 -6.10
CA GLN E 34 49.47 17.90 -6.70
C GLN E 34 49.71 19.32 -7.14
N TRP E 35 50.96 19.77 -7.01
CA TRP E 35 51.42 21.03 -7.59
C TRP E 35 52.46 20.73 -8.66
N TYR E 36 52.35 21.43 -9.79
CA TYR E 36 53.23 21.29 -10.94
C TYR E 36 53.78 22.64 -11.36
N ARG E 37 54.94 22.61 -12.01
CA ARG E 37 55.35 23.70 -12.87
C ARG E 37 55.14 23.28 -14.31
N GLN E 38 54.59 24.16 -15.15
CA GLN E 38 54.58 23.79 -16.56
C GLN E 38 55.08 24.87 -17.46
N GLU E 39 56.08 24.50 -18.24
CA GLU E 39 56.55 25.32 -19.33
C GLU E 39 55.74 24.97 -20.57
N PRO E 40 55.18 25.98 -21.23
CA PRO E 40 54.42 25.76 -22.47
C PRO E 40 55.24 24.97 -23.50
N GLY E 41 54.60 24.00 -24.13
CA GLY E 41 55.25 23.21 -25.17
C GLY E 41 56.04 22.07 -24.59
N GLU E 42 56.04 21.96 -23.27
CA GLU E 42 56.68 20.83 -22.60
C GLU E 42 55.72 20.16 -21.61
N GLY E 43 56.11 19.00 -21.09
CA GLY E 43 55.29 18.32 -20.11
C GLY E 43 55.43 18.96 -18.74
N PRO E 44 54.30 19.11 -18.03
CA PRO E 44 54.30 19.63 -16.67
C PRO E 44 55.25 18.82 -15.79
N VAL E 45 55.84 19.47 -14.79
CA VAL E 45 56.82 18.83 -13.94
C VAL E 45 56.31 18.77 -12.52
N LEU E 46 56.35 17.59 -11.92
CA LEU E 46 55.74 17.39 -10.61
C LEU E 46 56.60 17.93 -9.45
N LEU E 47 56.07 18.92 -8.73
CA LEU E 47 56.73 19.47 -7.56
C LEU E 47 56.48 18.63 -6.31
N VAL E 48 55.21 18.41 -5.99
CA VAL E 48 54.87 17.75 -4.74
C VAL E 48 53.45 17.19 -4.77
N THR E 49 53.24 16.17 -3.93
CA THR E 49 51.91 15.65 -3.61
C THR E 49 51.65 15.85 -2.12
N VAL E 50 50.47 16.33 -1.75
CA VAL E 50 50.06 16.36 -0.35
C VAL E 50 48.79 15.55 -0.13
N VAL E 51 48.67 14.93 1.04
CA VAL E 51 47.62 13.94 1.28
C VAL E 51 46.97 14.06 2.67
N THR E 52 47.74 14.52 3.64
CA THR E 52 47.25 14.59 5.01
C THR E 52 46.84 16.02 5.38
N GLY E 53 45.58 16.19 5.75
CA GLY E 53 45.06 17.50 6.09
C GLY E 53 45.92 18.19 7.13
N GLY E 54 46.29 19.43 6.87
CA GLY E 54 47.06 20.21 7.81
C GLY E 54 48.55 20.13 7.57
N GLU E 55 48.98 19.18 6.74
CA GLU E 55 50.39 18.91 6.58
C GLU E 55 51.10 20.04 5.84
N VAL E 56 52.41 20.08 6.05
CA VAL E 56 53.28 21.10 5.49
C VAL E 56 54.51 20.40 4.94
N LYS E 57 54.84 20.70 3.68
CA LYS E 57 55.99 20.12 3.02
C LYS E 57 56.85 21.25 2.50
N LYS E 58 58.16 21.05 2.53
CA LYS E 58 59.12 22.02 1.97
C LYS E 58 59.96 21.42 0.85
N LEU E 59 60.23 22.23 -0.16
CA LEU E 59 61.13 21.85 -1.22
C LEU E 59 61.96 23.08 -1.53
N LYS E 60 63.18 23.14 -0.99
CA LYS E 60 64.03 24.34 -1.09
C LYS E 60 63.24 25.57 -0.65
N ARG E 61 63.21 26.61 -1.48
CA ARG E 61 62.51 27.85 -1.15
C ARG E 61 60.96 27.73 -1.13
N LEU E 62 60.44 26.60 -1.60
CA LEU E 62 59.00 26.41 -1.69
C LEU E 62 58.41 25.75 -0.47
N THR E 63 57.23 26.21 -0.06
CA THR E 63 56.53 25.57 1.05
C THR E 63 55.06 25.33 0.75
N PHE E 64 54.69 24.06 0.63
CA PHE E 64 53.30 23.70 0.38
C PHE E 64 52.58 23.36 1.66
N GLN E 65 51.37 23.89 1.79
CA GLN E 65 50.54 23.60 2.95
C GLN E 65 49.19 23.07 2.48
N PHE E 66 48.62 22.18 3.27
CA PHE E 66 47.32 21.60 2.96
C PHE E 66 46.31 21.96 4.03
N GLY E 67 45.19 22.54 3.63
CA GLY E 67 44.15 22.88 4.58
C GLY E 67 43.68 21.71 5.42
N ASP E 68 43.01 22.01 6.54
CA ASP E 68 42.53 20.98 7.47
C ASP E 68 41.53 20.02 6.85
N ALA E 69 40.54 20.58 6.17
CA ALA E 69 39.49 19.75 5.61
C ALA E 69 39.88 19.29 4.21
N ARG E 70 41.16 19.47 3.87
CA ARG E 70 41.69 19.09 2.56
C ARG E 70 40.91 19.68 1.38
N LYS E 71 40.51 20.95 1.48
CA LYS E 71 39.66 21.59 0.48
C LYS E 71 40.44 22.65 -0.28
N ASP E 72 41.60 22.96 0.28
CA ASP E 72 42.42 24.03 -0.21
C ASP E 72 43.88 23.66 -0.02
N SER E 73 44.73 24.35 -0.75
CA SER E 73 46.17 24.19 -0.58
C SER E 73 46.85 25.47 -1.00
N SER E 74 48.06 25.68 -0.48
CA SER E 74 48.82 26.88 -0.82
C SER E 74 50.27 26.59 -1.14
N LEU E 75 50.82 27.38 -2.04
CA LEU E 75 52.23 27.33 -2.37
C LEU E 75 52.82 28.64 -1.92
N HIS E 76 53.87 28.54 -1.11
CA HIS E 76 54.61 29.71 -0.64
C HIS E 76 56.01 29.66 -1.21
N ILE E 77 56.46 30.77 -1.76
CA ILE E 77 57.85 30.90 -2.11
C ILE E 77 58.45 31.93 -1.18
N THR E 78 59.44 31.53 -0.40
CA THR E 78 60.15 32.51 0.39
C THR E 78 61.39 32.94 -0.39
N ALA E 79 61.66 34.25 -0.42
CA ALA E 79 62.80 34.83 -1.16
C ALA E 79 62.76 34.50 -2.65
N ALA E 80 61.70 34.98 -3.31
CA ALA E 80 61.45 34.72 -4.74
C ALA E 80 62.64 35.04 -5.63
N GLN E 81 62.85 34.20 -6.66
CA GLN E 81 63.92 34.41 -7.64
C GLN E 81 63.37 34.43 -9.07
N PRO E 82 64.08 35.09 -10.00
CA PRO E 82 63.59 35.19 -11.39
C PRO E 82 63.51 33.85 -12.14
N GLY E 83 64.00 32.79 -11.53
CA GLY E 83 63.83 31.47 -12.09
C GLY E 83 62.53 30.85 -11.62
N ASP E 84 61.89 31.46 -10.62
CA ASP E 84 60.63 30.95 -10.10
C ASP E 84 59.48 31.44 -10.95
N THR E 85 59.79 32.22 -11.98
CA THR E 85 58.80 32.69 -12.92
C THR E 85 58.24 31.55 -13.75
N GLY E 86 56.93 31.53 -13.93
CA GLY E 86 56.30 30.55 -14.81
C GLY E 86 54.89 30.29 -14.40
N LEU E 87 54.26 29.33 -15.06
CA LEU E 87 52.91 28.92 -14.67
C LEU E 87 52.97 27.81 -13.63
N TYR E 88 52.26 28.01 -12.52
CA TYR E 88 52.14 27.00 -11.48
C TYR E 88 50.74 26.38 -11.47
N LEU E 89 50.72 25.06 -11.56
CA LEU E 89 49.48 24.35 -11.84
C LEU E 89 49.14 23.38 -10.71
N CYS E 90 47.92 23.49 -10.22
CA CYS E 90 47.41 22.63 -9.17
C CYS E 90 46.50 21.53 -9.75
N ALA E 91 46.65 20.30 -9.25
CA ALA E 91 45.80 19.19 -9.64
C ALA E 91 45.44 18.34 -8.43
N GLY E 92 44.40 17.53 -8.55
CA GLY E 92 44.04 16.66 -7.45
C GLY E 92 42.98 15.62 -7.73
N ALA E 93 42.88 14.67 -6.82
CA ALA E 93 41.80 13.70 -6.85
C ALA E 93 40.69 14.16 -5.93
N ILE E 94 39.47 14.20 -6.46
CA ILE E 94 38.31 14.53 -5.64
C ILE E 94 37.73 13.28 -4.98
N GLY E 95 37.93 13.15 -3.67
CA GLY E 95 37.46 12.02 -2.88
C GLY E 95 36.00 11.65 -3.12
N PRO E 96 35.08 12.53 -2.76
CA PRO E 96 33.64 12.29 -2.95
C PRO E 96 33.25 11.88 -4.38
N SER E 97 34.07 12.22 -5.37
CA SER E 97 33.70 11.97 -6.76
C SER E 97 33.71 10.49 -7.14
N ASN E 98 34.43 9.67 -6.37
CA ASN E 98 34.53 8.24 -6.69
C ASN E 98 34.97 7.99 -8.13
N THR E 99 36.03 8.68 -8.60
CA THR E 99 36.58 8.48 -9.95
C THR E 99 38.09 8.21 -9.94
N GLY E 100 38.58 7.70 -11.08
CA GLY E 100 39.98 7.36 -11.26
C GLY E 100 40.73 8.36 -12.12
N LYS E 101 40.41 9.64 -11.98
CA LYS E 101 41.10 10.68 -12.72
C LYS E 101 41.44 11.86 -11.82
N LEU E 102 42.42 12.65 -12.25
CA LEU E 102 42.72 13.91 -11.60
C LEU E 102 42.04 15.07 -12.33
N ILE E 103 41.77 16.12 -11.57
CA ILE E 103 41.24 17.39 -12.07
C ILE E 103 42.39 18.40 -12.11
N PHE E 104 42.44 19.29 -13.12
CA PHE E 104 43.50 20.30 -13.21
C PHE E 104 42.98 21.74 -13.18
N GLY E 105 43.78 22.61 -12.59
CA GLY E 105 43.40 24.02 -12.50
C GLY E 105 43.80 24.71 -13.77
N LYS E 106 43.53 26.00 -13.88
CA LYS E 106 43.97 26.78 -15.04
C LYS E 106 45.38 27.34 -14.86
N GLY E 107 45.93 27.20 -13.66
CA GLY E 107 47.32 27.58 -13.41
C GLY E 107 47.48 29.02 -12.95
N THR E 108 48.31 29.24 -11.94
CA THR E 108 48.66 30.62 -11.61
C THR E 108 49.95 30.94 -12.33
N LYS E 109 49.97 32.08 -13.01
CA LYS E 109 51.17 32.49 -13.69
C LYS E 109 51.91 33.58 -12.87
N LEU E 110 53.14 33.25 -12.47
CA LEU E 110 53.96 34.12 -11.66
C LEU E 110 55.07 34.78 -12.47
N SER E 111 55.16 36.10 -12.38
CA SER E 111 56.29 36.83 -12.98
C SER E 111 57.18 37.44 -11.88
N VAL E 112 58.41 36.95 -11.77
CA VAL E 112 59.42 37.58 -10.92
C VAL E 112 60.39 38.44 -11.75
N LYS E 113 60.31 39.73 -11.50
CA LYS E 113 61.12 40.76 -12.14
C LYS E 113 62.59 40.78 -11.75
N PRO E 114 63.46 40.79 -12.82
CA PRO E 114 64.89 40.78 -12.47
C PRO E 114 65.44 42.10 -11.98
N ASN E 115 66.23 42.07 -10.94
CA ASN E 115 66.82 43.27 -10.34
C ASN E 115 67.92 43.97 -11.13
N ILE E 116 67.57 44.51 -12.28
CA ILE E 116 68.53 45.20 -13.13
C ILE E 116 69.30 46.28 -12.40
N GLN E 117 70.61 46.05 -12.29
CA GLN E 117 71.49 46.97 -11.57
C GLN E 117 71.73 48.31 -12.26
N ASN E 118 72.35 48.28 -13.42
CA ASN E 118 72.60 49.52 -14.15
C ASN E 118 71.91 49.48 -15.51
N PRO E 119 70.62 49.87 -15.54
CA PRO E 119 69.87 49.86 -16.80
C PRO E 119 70.56 50.73 -17.82
N ASP E 120 70.64 50.24 -19.06
CA ASP E 120 71.29 51.01 -20.09
C ASP E 120 70.43 51.12 -21.36
N PRO E 121 69.16 51.56 -21.23
CA PRO E 121 68.21 51.44 -22.34
C PRO E 121 68.65 52.10 -23.65
N ALA E 122 68.73 51.29 -24.70
CA ALA E 122 69.01 51.81 -26.03
C ALA E 122 68.39 50.97 -27.14
N VAL E 123 68.27 51.59 -28.32
CA VAL E 123 67.82 50.90 -29.51
C VAL E 123 68.91 50.90 -30.56
N TYR E 124 69.28 49.73 -31.04
CA TYR E 124 70.38 49.58 -31.96
C TYR E 124 69.84 49.07 -33.28
N GLN E 125 70.51 49.44 -34.37
CA GLN E 125 70.18 48.88 -35.67
C GLN E 125 71.23 47.83 -36.03
N LEU E 126 70.77 46.68 -36.50
CA LEU E 126 71.65 45.59 -36.87
C LEU E 126 71.44 45.24 -38.34
N ARG E 127 72.54 45.09 -39.09
CA ARG E 127 72.44 44.74 -40.52
C ARG E 127 72.70 43.26 -40.82
N ASP E 128 71.99 42.75 -41.83
CA ASP E 128 72.12 41.35 -42.28
C ASP E 128 73.57 41.04 -42.66
N SER E 129 74.05 39.89 -42.21
CA SER E 129 75.41 39.44 -42.52
C SER E 129 75.58 39.04 -43.99
N LYS E 130 74.49 39.03 -44.74
CA LYS E 130 74.52 38.54 -46.11
C LYS E 130 74.27 39.68 -47.11
N SER E 131 73.13 40.36 -46.96
CA SER E 131 72.80 41.45 -47.90
C SER E 131 72.98 42.82 -47.25
N SER E 132 72.87 43.85 -48.09
CA SER E 132 73.04 45.22 -47.67
C SER E 132 71.85 45.73 -46.87
N ASP E 133 70.69 45.62 -47.50
CA ASP E 133 69.50 46.39 -47.13
C ASP E 133 68.71 45.86 -45.95
N LYS E 134 68.81 44.57 -45.68
CA LYS E 134 68.01 43.97 -44.61
C LYS E 134 68.57 44.36 -43.23
N SER E 135 67.68 44.78 -42.32
CA SER E 135 68.10 45.10 -40.96
C SER E 135 67.00 44.86 -39.93
N VAL E 136 67.40 44.77 -38.66
CA VAL E 136 66.46 44.68 -37.54
C VAL E 136 66.74 45.74 -36.49
N CYS E 137 65.79 45.92 -35.58
CA CYS E 137 65.94 46.85 -34.48
C CYS E 137 65.98 46.08 -33.21
N LEU E 138 66.91 46.45 -32.33
CA LEU E 138 67.08 45.77 -31.05
C LEU E 138 66.94 46.76 -29.92
N PHE E 139 65.94 46.54 -29.08
CA PHE E 139 65.75 47.33 -27.87
C PHE E 139 66.31 46.50 -26.75
N THR E 140 67.29 47.03 -26.01
CA THR E 140 67.97 46.20 -25.04
C THR E 140 68.40 46.98 -23.81
N ASP E 141 68.70 46.24 -22.75
CA ASP E 141 69.33 46.79 -21.54
C ASP E 141 68.42 47.72 -20.76
N PHE E 142 67.11 47.64 -21.02
CA PHE E 142 66.16 48.39 -20.20
C PHE E 142 65.85 47.61 -18.91
N ASP E 143 65.18 48.26 -17.97
CA ASP E 143 64.93 47.63 -16.67
C ASP E 143 63.60 46.85 -16.64
N SER E 144 63.28 46.28 -15.48
CA SER E 144 62.06 45.47 -15.28
C SER E 144 60.75 46.25 -15.38
N GLN E 145 60.79 47.53 -15.02
CA GLN E 145 59.62 48.41 -15.03
C GLN E 145 59.15 48.78 -16.42
N THR E 146 59.96 48.47 -17.42
CA THR E 146 59.59 48.80 -18.80
C THR E 146 58.87 47.61 -19.43
N ASN E 147 57.74 47.88 -20.07
CA ASN E 147 57.14 46.88 -20.94
C ASN E 147 57.18 47.37 -22.38
N VAL E 148 57.48 46.47 -23.30
CA VAL E 148 57.32 46.80 -24.70
C VAL E 148 55.93 46.37 -25.13
N SER E 149 55.21 47.30 -25.74
CA SER E 149 53.87 47.06 -26.25
C SER E 149 53.96 46.34 -27.57
N GLN E 150 52.86 45.72 -27.99
CA GLN E 150 52.78 45.14 -29.33
C GLN E 150 52.82 46.26 -30.34
N SER E 151 53.09 45.93 -31.59
CA SER E 151 53.07 46.97 -32.61
C SER E 151 51.63 47.44 -32.84
N LYS E 152 51.44 48.76 -32.84
CA LYS E 152 50.20 49.39 -33.28
C LYS E 152 50.01 49.20 -34.79
N ASP E 153 51.05 48.74 -35.46
CA ASP E 153 51.13 48.71 -36.92
C ASP E 153 51.26 47.27 -37.42
N SER E 154 50.56 46.94 -38.49
CA SER E 154 50.68 45.61 -39.09
C SER E 154 51.81 45.56 -40.14
N ASP E 155 52.43 46.71 -40.42
CA ASP E 155 53.64 46.75 -41.26
C ASP E 155 54.90 46.37 -40.50
N VAL E 156 54.86 46.51 -39.17
CA VAL E 156 56.04 46.37 -38.35
C VAL E 156 55.89 45.22 -37.36
N TYR E 157 56.87 44.32 -37.32
CA TYR E 157 56.86 43.21 -36.37
C TYR E 157 57.68 43.55 -35.12
N ILE E 158 57.13 43.30 -33.94
CA ILE E 158 57.83 43.50 -32.67
C ILE E 158 57.68 42.29 -31.78
N THR E 159 58.79 41.72 -31.34
CA THR E 159 58.72 40.61 -30.38
C THR E 159 58.50 41.19 -28.98
N ASP E 160 58.04 40.38 -28.04
CA ASP E 160 58.00 40.86 -26.67
C ASP E 160 59.37 40.61 -26.02
N LYS E 161 59.50 40.94 -24.74
CA LYS E 161 60.74 40.74 -23.99
C LYS E 161 61.18 39.28 -23.94
N CYS E 162 62.49 39.10 -24.03
CA CYS E 162 63.15 37.86 -23.65
C CYS E 162 64.27 38.26 -22.66
N VAL E 163 64.35 37.60 -21.49
CA VAL E 163 65.45 37.87 -20.57
C VAL E 163 66.65 37.00 -20.97
N LEU E 164 67.78 37.65 -21.17
CA LEU E 164 68.98 36.95 -21.60
C LEU E 164 69.99 36.95 -20.45
N ASP E 165 70.71 35.84 -20.29
CA ASP E 165 71.64 35.65 -19.16
C ASP E 165 73.01 35.13 -19.63
N MET E 166 74.00 36.02 -19.66
CA MET E 166 75.41 35.66 -19.81
C MET E 166 75.92 35.23 -18.43
N ARG E 167 75.94 33.92 -18.14
CA ARG E 167 76.08 33.46 -16.76
C ARG E 167 77.53 33.41 -16.27
N SER E 168 78.47 33.67 -17.18
CA SER E 168 79.87 33.81 -16.83
C SER E 168 80.13 35.21 -16.24
N MET E 169 79.65 36.23 -16.94
CA MET E 169 79.77 37.62 -16.47
C MET E 169 78.79 37.97 -15.35
N ASP E 170 78.06 36.97 -14.84
CA ASP E 170 77.01 37.16 -13.83
C ASP E 170 76.03 38.28 -14.21
N PHE E 171 75.58 38.26 -15.46
CA PHE E 171 74.91 39.41 -16.09
C PHE E 171 73.63 39.04 -16.83
N LYS E 172 72.52 39.71 -16.53
CA LYS E 172 71.23 39.50 -17.20
C LYS E 172 70.73 40.76 -17.91
N SER E 173 70.10 40.61 -19.08
CA SER E 173 69.52 41.77 -19.75
C SER E 173 68.28 41.45 -20.62
N ASN E 174 67.36 42.40 -20.64
CA ASN E 174 66.13 42.30 -21.42
C ASN E 174 66.30 42.77 -22.86
N SER E 175 65.51 42.23 -23.77
CA SER E 175 65.46 42.78 -25.12
C SER E 175 64.25 42.38 -25.91
N ALA E 176 63.81 43.30 -26.78
CA ALA E 176 62.81 43.02 -27.80
C ALA E 176 63.43 43.36 -29.16
N VAL E 177 62.95 42.67 -30.21
CA VAL E 177 63.44 42.88 -31.57
C VAL E 177 62.31 43.37 -32.46
N ALA E 178 62.59 44.30 -33.36
CA ALA E 178 61.58 44.70 -34.33
C ALA E 178 62.16 44.73 -35.75
N TRP E 179 61.30 44.52 -36.73
CA TRP E 179 61.69 44.60 -38.13
C TRP E 179 60.47 44.86 -39.00
N SER E 180 60.73 45.17 -40.27
CA SER E 180 59.67 45.53 -41.20
C SER E 180 60.16 45.37 -42.63
N ASN E 181 59.23 45.30 -43.57
CA ASN E 181 59.59 45.14 -44.97
C ASN E 181 59.63 46.47 -45.69
N LYS E 182 59.41 47.55 -44.95
CA LYS E 182 59.75 48.88 -45.47
C LYS E 182 61.25 49.09 -45.23
N SER E 183 61.89 49.95 -46.03
CA SER E 183 63.32 50.24 -45.81
C SER E 183 63.52 51.70 -45.35
N ASP E 184 62.51 52.53 -45.58
CA ASP E 184 62.42 53.86 -44.95
C ASP E 184 62.27 53.71 -43.42
N PHE E 185 61.59 52.63 -43.01
CA PHE E 185 61.36 52.24 -41.61
C PHE E 185 62.58 52.40 -40.70
N ALA E 186 62.38 53.15 -39.61
CA ALA E 186 63.51 53.60 -38.80
C ALA E 186 63.54 52.97 -37.42
N CYS E 187 64.73 52.60 -36.98
CA CYS E 187 64.92 52.05 -35.65
C CYS E 187 64.64 53.07 -34.57
N ALA E 188 65.18 54.27 -34.75
CA ALA E 188 65.02 55.37 -33.79
C ALA E 188 63.65 55.39 -33.11
N ASN E 189 62.58 55.27 -33.89
CA ASN E 189 61.24 55.37 -33.32
C ASN E 189 60.47 54.03 -33.27
N ALA E 190 61.07 52.95 -33.75
CA ALA E 190 60.38 51.65 -33.88
C ALA E 190 59.58 51.22 -32.65
N PHE E 191 59.96 51.71 -31.48
CA PHE E 191 59.36 51.24 -30.24
C PHE E 191 58.51 52.27 -29.47
N ASN E 192 58.03 53.31 -30.17
CA ASN E 192 57.18 54.35 -29.58
C ASN E 192 56.14 53.74 -28.64
N ASN E 193 55.28 52.92 -29.21
CA ASN E 193 54.28 52.11 -28.49
C ASN E 193 54.80 51.57 -27.15
N GLY F 1 60.97 6.05 -17.55
CA GLY F 1 60.33 7.32 -17.87
C GLY F 1 59.15 7.19 -18.81
N ILE F 2 58.52 8.30 -19.15
CA ILE F 2 57.46 8.30 -20.15
C ILE F 2 57.91 9.01 -21.41
N THR F 3 57.88 8.31 -22.53
CA THR F 3 58.23 8.86 -23.82
C THR F 3 56.96 9.18 -24.64
N GLN F 4 57.08 10.16 -25.53
CA GLN F 4 56.09 10.40 -26.56
C GLN F 4 56.86 10.61 -27.85
N SER F 5 56.63 9.76 -28.84
CA SER F 5 57.20 10.02 -30.15
C SER F 5 56.06 10.07 -31.16
N PRO F 6 56.20 10.95 -32.16
CA PRO F 6 57.31 11.89 -32.31
C PRO F 6 56.96 13.22 -31.65
N LYS F 7 57.89 14.14 -31.59
CA LYS F 7 57.65 15.43 -30.94
C LYS F 7 56.78 16.32 -31.83
N TYR F 8 56.89 16.11 -33.14
CA TYR F 8 56.15 16.90 -34.09
C TYR F 8 55.44 15.99 -35.07
N LEU F 9 54.25 16.41 -35.49
CA LEU F 9 53.41 15.61 -36.38
C LEU F 9 52.63 16.56 -37.26
N PHE F 10 52.70 16.33 -38.55
CA PHE F 10 51.99 17.17 -39.48
C PHE F 10 51.17 16.27 -40.39
N ARG F 11 49.94 16.71 -40.71
CA ARG F 11 48.97 15.93 -41.52
C ARG F 11 48.02 16.84 -42.30
N LYS F 12 47.49 16.33 -43.41
CA LYS F 12 46.37 16.94 -44.12
C LYS F 12 45.05 16.45 -43.48
N GLU F 13 43.97 17.22 -43.59
CA GLU F 13 42.67 16.77 -43.04
C GLU F 13 42.26 15.41 -43.61
N GLY F 14 41.55 14.63 -42.81
CA GLY F 14 41.08 13.32 -43.22
C GLY F 14 42.04 12.21 -42.88
N GLN F 15 43.33 12.53 -42.79
CA GLN F 15 44.36 11.53 -42.50
C GLN F 15 44.43 11.18 -41.01
N ASN F 16 43.83 10.05 -40.63
CA ASN F 16 44.06 9.46 -39.32
C ASN F 16 45.53 9.44 -38.97
N VAL F 17 45.85 9.77 -37.72
CA VAL F 17 47.20 9.62 -37.23
C VAL F 17 47.18 9.10 -35.81
N THR F 18 48.11 8.20 -35.51
CA THR F 18 48.24 7.64 -34.18
C THR F 18 49.48 8.23 -33.48
N LEU F 19 49.24 8.84 -32.31
CA LEU F 19 50.29 9.34 -31.43
C LEU F 19 50.70 8.23 -30.48
N SER F 20 51.98 8.17 -30.16
CA SER F 20 52.49 7.12 -29.29
C SER F 20 52.79 7.63 -27.88
N CYS F 21 52.62 6.75 -26.91
CA CYS F 21 52.95 7.04 -25.52
C CYS F 21 53.41 5.78 -24.83
N GLU F 22 54.68 5.77 -24.41
CA GLU F 22 55.28 4.62 -23.73
C GLU F 22 55.82 4.99 -22.36
N GLN F 23 55.73 4.06 -21.42
CA GLN F 23 56.26 4.28 -20.10
C GLN F 23 56.78 2.98 -19.52
N ASN F 24 57.88 3.05 -18.78
CA ASN F 24 58.42 1.90 -18.05
C ASN F 24 58.56 2.22 -16.58
N LEU F 25 57.66 3.06 -16.08
CA LEU F 25 57.62 3.40 -14.67
C LEU F 25 56.85 2.36 -13.86
N ASN F 26 56.37 1.31 -14.53
CA ASN F 26 55.55 0.26 -13.90
C ASN F 26 54.21 0.81 -13.41
N HIS F 27 53.72 1.83 -14.10
CA HIS F 27 52.45 2.46 -13.79
C HIS F 27 51.28 1.72 -14.42
N ASP F 28 50.14 1.69 -13.73
CA ASP F 28 48.94 1.05 -14.28
C ASP F 28 48.01 2.01 -15.04
N ALA F 29 48.01 3.26 -14.63
CA ALA F 29 47.08 4.25 -15.18
C ALA F 29 47.77 5.17 -16.16
N MET F 30 47.10 5.43 -17.27
CA MET F 30 47.58 6.32 -18.31
C MET F 30 46.47 7.23 -18.76
N TYR F 31 46.87 8.43 -19.21
CA TYR F 31 45.98 9.55 -19.46
C TYR F 31 46.42 10.31 -20.69
N TRP F 32 45.46 10.70 -21.53
CA TRP F 32 45.71 11.64 -22.63
C TRP F 32 45.05 12.99 -22.43
N TYR F 33 45.77 14.08 -22.74
CA TYR F 33 45.23 15.44 -22.76
C TYR F 33 45.61 16.14 -24.05
N ARG F 34 44.84 17.17 -24.38
CA ARG F 34 45.21 18.10 -25.42
C ARG F 34 45.12 19.49 -24.87
N GLN F 35 45.87 20.40 -25.48
CA GLN F 35 45.92 21.75 -24.99
C GLN F 35 46.00 22.68 -26.17
N ASP F 36 45.12 23.66 -26.22
CA ASP F 36 45.21 24.69 -27.24
C ASP F 36 46.02 25.85 -26.65
N PRO F 37 46.66 26.66 -27.51
CA PRO F 37 47.50 27.78 -27.10
C PRO F 37 46.82 28.69 -26.08
N GLY F 38 47.51 28.96 -24.98
CA GLY F 38 47.01 29.82 -23.95
C GLY F 38 45.84 29.26 -23.16
N GLN F 39 45.60 27.96 -23.29
CA GLN F 39 44.52 27.32 -22.55
C GLN F 39 45.07 26.21 -21.68
N GLY F 40 44.18 25.49 -21.00
CA GLY F 40 44.59 24.42 -20.10
C GLY F 40 44.43 23.03 -20.66
N LEU F 41 44.70 22.02 -19.83
CA LEU F 41 44.58 20.64 -20.25
C LEU F 41 43.12 20.21 -20.39
N ARG F 42 42.86 19.34 -21.36
CA ARG F 42 41.55 18.73 -21.54
C ARG F 42 41.72 17.24 -21.70
N LEU F 43 41.14 16.51 -20.75
CA LEU F 43 41.19 15.05 -20.75
C LEU F 43 40.42 14.47 -21.94
N ILE F 44 41.10 13.64 -22.71
CA ILE F 44 40.52 13.00 -23.89
C ILE F 44 40.06 11.60 -23.54
N TYR F 45 40.99 10.80 -23.03
CA TYR F 45 40.76 9.42 -22.68
C TYR F 45 41.70 9.01 -21.57
N TYR F 46 41.29 8.02 -20.77
CA TYR F 46 42.25 7.44 -19.85
C TYR F 46 41.98 5.97 -19.60
N SER F 47 42.98 5.32 -19.01
CA SER F 47 42.95 3.90 -18.74
C SER F 47 43.46 3.63 -17.34
N GLN F 48 42.65 3.04 -16.47
CA GLN F 48 43.10 2.81 -15.10
C GLN F 48 43.91 1.55 -14.92
N ILE F 49 43.86 0.70 -15.94
CA ILE F 49 44.39 -0.65 -15.82
C ILE F 49 44.49 -1.21 -17.23
N VAL F 50 45.47 -2.06 -17.49
CA VAL F 50 45.56 -2.71 -18.79
C VAL F 50 44.22 -3.40 -19.12
N ASN F 51 43.87 -3.39 -20.41
CA ASN F 51 42.64 -3.98 -20.93
C ASN F 51 41.37 -3.26 -20.47
N ASP F 52 41.52 -1.99 -20.11
CA ASP F 52 40.38 -1.14 -19.80
C ASP F 52 40.67 0.31 -20.16
N PHE F 53 39.66 1.02 -20.63
CA PHE F 53 39.81 2.44 -20.84
C PHE F 53 38.46 3.11 -20.80
N GLN F 54 38.43 4.42 -20.66
CA GLN F 54 37.18 5.16 -20.53
C GLN F 54 37.35 6.59 -21.04
N LYS F 55 36.25 7.14 -21.55
CA LYS F 55 36.22 8.48 -22.14
C LYS F 55 36.49 9.58 -21.12
N GLY F 56 37.21 10.61 -21.57
CA GLY F 56 37.40 11.80 -20.79
C GLY F 56 36.35 12.82 -21.18
N ASP F 57 36.68 14.10 -21.00
CA ASP F 57 35.75 15.17 -21.27
C ASP F 57 35.66 15.51 -22.76
N ILE F 58 36.65 15.11 -23.56
CA ILE F 58 36.61 15.40 -24.99
C ILE F 58 37.11 14.19 -25.77
N ALA F 59 36.28 13.16 -25.83
CA ALA F 59 36.66 11.91 -26.49
C ALA F 59 36.23 11.85 -27.96
N GLU F 60 35.37 12.78 -28.40
CA GLU F 60 34.86 12.69 -29.77
C GLU F 60 35.96 12.83 -30.82
N GLY F 61 35.97 11.90 -31.77
CA GLY F 61 36.98 11.89 -32.80
C GLY F 61 38.23 11.13 -32.42
N TYR F 62 38.35 10.80 -31.14
CA TYR F 62 39.51 10.07 -30.66
C TYR F 62 39.23 8.61 -30.37
N SER F 63 40.29 7.84 -30.41
CA SER F 63 40.23 6.42 -30.16
C SER F 63 41.53 6.02 -29.47
N VAL F 64 41.44 5.09 -28.52
CA VAL F 64 42.60 4.60 -27.79
C VAL F 64 42.57 3.08 -27.71
N SER F 65 43.63 2.51 -27.15
CA SER F 65 43.63 1.08 -26.82
C SER F 65 44.63 0.87 -25.69
N ARG F 66 44.43 -0.21 -24.92
CA ARG F 66 45.35 -0.55 -23.83
C ARG F 66 45.55 -2.05 -23.78
N GLU F 67 46.15 -2.60 -24.83
CA GLU F 67 46.48 -4.02 -24.89
C GLU F 67 47.64 -4.34 -23.98
N LYS F 68 48.53 -3.37 -23.84
CA LYS F 68 49.72 -3.59 -23.03
C LYS F 68 49.85 -2.53 -21.95
N LYS F 69 50.39 -2.93 -20.81
CA LYS F 69 50.58 -2.04 -19.68
C LYS F 69 51.42 -0.83 -20.05
N GLU F 70 52.45 -1.03 -20.87
CA GLU F 70 53.47 -0.01 -21.16
C GLU F 70 52.99 1.05 -22.11
N SER F 71 51.96 0.76 -22.89
CA SER F 71 51.63 1.65 -23.99
C SER F 71 50.16 2.07 -24.03
N PHE F 72 49.93 3.32 -24.41
CA PHE F 72 48.58 3.85 -24.48
C PHE F 72 48.42 4.71 -25.73
N PRO F 73 48.32 4.05 -26.90
CA PRO F 73 48.25 4.76 -28.18
C PRO F 73 46.92 5.51 -28.36
N LEU F 74 47.04 6.69 -28.91
CA LEU F 74 45.92 7.58 -29.18
C LEU F 74 45.77 7.80 -30.68
N THR F 75 44.59 7.58 -31.22
CA THR F 75 44.35 7.89 -32.62
C THR F 75 43.40 9.06 -32.75
N VAL F 76 43.82 10.00 -33.60
CA VAL F 76 43.02 11.16 -33.97
C VAL F 76 42.37 10.89 -35.31
N THR F 77 41.06 10.72 -35.34
CA THR F 77 40.40 10.41 -36.60
C THR F 77 39.87 11.66 -37.23
N SER F 78 39.41 11.51 -38.47
CA SER F 78 38.78 12.59 -39.22
C SER F 78 37.43 13.02 -38.63
N ALA F 79 36.95 12.32 -37.60
CA ALA F 79 35.73 12.75 -36.93
C ALA F 79 36.03 13.95 -36.00
N GLN F 80 37.24 14.03 -35.46
CA GLN F 80 37.61 15.17 -34.61
C GLN F 80 37.72 16.44 -35.49
N ALA F 81 36.98 17.48 -35.09
CA ALA F 81 36.81 18.70 -35.89
C ALA F 81 38.00 19.66 -35.83
N ASN F 82 38.60 19.78 -34.65
CA ASN F 82 39.71 20.71 -34.45
C ASN F 82 40.92 19.98 -33.90
N PRO F 83 41.53 19.11 -34.73
CA PRO F 83 42.57 18.22 -34.17
C PRO F 83 43.88 18.91 -33.83
N THR F 84 44.18 20.07 -34.42
CA THR F 84 45.47 20.74 -34.19
C THR F 84 45.62 21.15 -32.73
N ALA F 85 46.58 20.56 -32.03
CA ALA F 85 46.83 20.92 -30.64
C ALA F 85 48.09 20.28 -30.09
N PHE F 86 48.42 20.67 -28.86
CA PHE F 86 49.48 20.02 -28.11
C PHE F 86 48.95 18.82 -27.33
N TYR F 87 49.50 17.64 -27.56
CA TYR F 87 49.00 16.43 -26.92
C TYR F 87 49.96 15.88 -25.89
N LEU F 88 49.46 15.72 -24.67
CA LEU F 88 50.24 15.26 -23.53
C LEU F 88 49.74 13.93 -22.98
N CYS F 89 50.66 12.99 -22.84
CA CYS F 89 50.43 11.74 -22.14
C CYS F 89 50.93 11.86 -20.70
N ALA F 90 50.25 11.18 -19.77
CA ALA F 90 50.71 11.07 -18.38
C ALA F 90 50.39 9.70 -17.80
N SER F 91 51.16 9.28 -16.80
CA SER F 91 50.92 8.01 -16.14
C SER F 91 50.98 8.18 -14.62
N SER F 92 50.29 7.29 -13.93
CA SER F 92 50.34 7.25 -12.47
C SER F 92 50.36 5.81 -12.02
N ILE F 93 51.00 5.57 -10.88
CA ILE F 93 51.21 4.21 -10.38
C ILE F 93 49.86 3.49 -10.19
N ARG F 94 48.89 4.21 -9.66
CA ARG F 94 47.50 3.75 -9.67
C ARG F 94 46.70 4.92 -10.20
N SER F 95 45.51 4.67 -10.75
CA SER F 95 44.70 5.78 -11.25
C SER F 95 44.38 6.73 -10.12
N SER F 96 44.13 7.99 -10.46
CA SER F 96 43.74 8.97 -9.44
C SER F 96 44.83 9.21 -8.37
N TYR F 97 46.08 9.17 -8.77
CA TYR F 97 47.16 9.60 -7.89
C TYR F 97 48.08 10.48 -8.74
N GLU F 98 49.25 10.86 -8.20
CA GLU F 98 50.10 11.85 -8.87
C GLU F 98 50.51 11.36 -10.25
N GLN F 99 50.33 12.22 -11.23
CA GLN F 99 50.64 11.85 -12.60
C GLN F 99 51.98 12.44 -12.99
N TYR F 100 52.72 11.68 -13.78
CA TYR F 100 53.95 12.15 -14.40
C TYR F 100 53.73 12.28 -15.89
N PHE F 101 54.12 13.43 -16.44
CA PHE F 101 53.81 13.74 -17.84
C PHE F 101 54.92 13.40 -18.80
N GLY F 102 54.53 13.09 -20.03
CA GLY F 102 55.49 12.85 -21.09
C GLY F 102 55.84 14.21 -21.65
N PRO F 103 56.72 14.22 -22.67
CA PRO F 103 57.22 15.52 -23.14
C PRO F 103 56.21 16.23 -24.01
N GLY F 104 55.20 15.52 -24.51
CA GLY F 104 54.22 16.14 -25.36
C GLY F 104 54.55 16.01 -26.84
N THR F 105 53.51 16.07 -27.66
CA THR F 105 53.63 15.96 -29.09
C THR F 105 52.82 17.07 -29.71
N ARG F 106 53.41 17.83 -30.64
CA ARG F 106 52.61 18.83 -31.33
C ARG F 106 52.05 18.27 -32.64
N LEU F 107 50.74 18.40 -32.81
CA LEU F 107 50.05 17.95 -34.03
C LEU F 107 49.44 19.15 -34.75
N THR F 108 49.85 19.41 -35.98
CA THR F 108 49.18 20.44 -36.75
C THR F 108 48.49 19.82 -37.95
N VAL F 109 47.26 20.22 -38.20
CA VAL F 109 46.52 19.71 -39.35
C VAL F 109 46.13 20.84 -40.30
N THR F 110 46.42 20.68 -41.58
CA THR F 110 46.07 21.72 -42.50
C THR F 110 45.18 21.16 -43.56
N GLU F 111 44.26 21.96 -44.05
CA GLU F 111 43.40 21.49 -45.09
C GLU F 111 44.07 21.61 -46.43
N ASP F 112 45.41 22.16 -46.47
CA ASP F 112 46.10 21.90 -47.73
C ASP F 112 47.61 22.07 -47.73
N LEU F 113 48.32 21.08 -48.23
CA LEU F 113 49.76 21.05 -48.22
C LEU F 113 50.49 22.16 -48.95
N LYS F 114 49.78 23.02 -49.66
CA LYS F 114 50.43 24.08 -50.39
C LYS F 114 50.70 25.25 -49.48
N ASN F 115 50.24 25.14 -48.26
CA ASN F 115 50.51 26.19 -47.29
C ASN F 115 51.87 25.96 -46.60
N VAL F 116 52.51 24.82 -46.90
CA VAL F 116 53.72 24.42 -46.20
C VAL F 116 55.00 25.05 -46.76
N PHE F 117 55.80 25.62 -45.85
CA PHE F 117 57.02 26.34 -46.23
C PHE F 117 58.10 26.13 -45.19
N PRO F 118 59.35 25.89 -45.64
CA PRO F 118 60.46 25.83 -44.69
C PRO F 118 60.85 27.24 -44.26
N PRO F 119 61.60 27.40 -43.16
CA PRO F 119 61.99 28.76 -42.80
C PRO F 119 63.06 29.32 -43.74
N GLU F 120 63.07 30.65 -43.97
CA GLU F 120 64.32 31.30 -44.37
C GLU F 120 64.96 31.86 -43.11
N VAL F 121 66.29 31.94 -43.08
CA VAL F 121 67.04 32.29 -41.88
C VAL F 121 68.13 33.32 -42.18
N ALA F 122 68.23 34.33 -41.33
CA ALA F 122 69.15 35.44 -41.51
C ALA F 122 69.78 35.76 -40.15
N VAL F 123 71.08 36.01 -40.14
CA VAL F 123 71.74 36.48 -38.93
C VAL F 123 72.08 37.95 -39.09
N PHE F 124 71.71 38.75 -38.10
CA PHE F 124 71.98 40.17 -38.12
C PHE F 124 73.12 40.45 -37.15
N GLU F 125 74.14 41.13 -37.66
CA GLU F 125 75.40 41.37 -36.93
C GLU F 125 75.28 42.46 -35.88
N PRO F 126 76.03 42.32 -34.78
CA PRO F 126 75.98 43.32 -33.71
C PRO F 126 76.20 44.77 -34.19
N SER F 127 75.53 45.69 -33.53
CA SER F 127 75.68 47.10 -33.82
C SER F 127 77.01 47.60 -33.32
N GLU F 128 77.68 48.42 -34.13
CA GLU F 128 78.97 48.98 -33.76
C GLU F 128 78.74 49.97 -32.62
N ALA F 129 77.55 50.60 -32.62
CA ALA F 129 77.15 51.42 -31.49
C ALA F 129 76.96 50.63 -30.19
N GLU F 130 76.43 49.40 -30.29
CA GLU F 130 76.26 48.59 -29.09
C GLU F 130 77.64 48.29 -28.52
N ILE F 131 78.56 47.94 -29.41
CA ILE F 131 79.89 47.54 -29.03
C ILE F 131 80.62 48.69 -28.35
N SER F 132 80.54 49.89 -28.92
CA SER F 132 81.17 51.07 -28.31
C SER F 132 80.61 51.41 -26.93
N HIS F 133 79.30 51.37 -26.81
CA HIS F 133 78.65 51.85 -25.59
C HIS F 133 78.74 50.85 -24.44
N THR F 134 78.82 49.55 -24.74
CA THR F 134 78.62 48.54 -23.70
C THR F 134 79.73 47.50 -23.67
N GLN F 135 80.52 47.47 -24.73
CA GLN F 135 81.55 46.44 -24.92
C GLN F 135 80.90 45.02 -24.89
N LYS F 136 79.65 44.96 -25.33
CA LYS F 136 78.95 43.69 -25.58
C LYS F 136 78.39 43.65 -27.01
N ALA F 137 78.19 42.45 -27.53
CA ALA F 137 77.74 42.32 -28.93
C ALA F 137 76.57 41.34 -29.05
N THR F 138 75.43 41.84 -29.50
CA THR F 138 74.26 40.98 -29.66
C THR F 138 74.03 40.66 -31.12
N LEU F 139 74.11 39.37 -31.44
CA LEU F 139 73.69 38.90 -32.73
C LEU F 139 72.21 38.53 -32.62
N VAL F 140 71.44 38.83 -33.66
CA VAL F 140 70.03 38.46 -33.69
C VAL F 140 69.82 37.50 -34.85
N CYS F 141 69.05 36.44 -34.62
CA CYS F 141 68.71 35.55 -35.70
C CYS F 141 67.19 35.62 -35.99
N LEU F 142 66.84 35.59 -37.27
CA LEU F 142 65.46 35.75 -37.69
C LEU F 142 65.06 34.63 -38.64
N ALA F 143 64.14 33.79 -38.19
CA ALA F 143 63.58 32.74 -39.03
C ALA F 143 62.20 33.20 -39.48
N THR F 144 61.96 33.20 -40.79
CA THR F 144 60.72 33.77 -41.33
C THR F 144 59.98 32.88 -42.33
N GLY F 145 58.68 33.15 -42.46
CA GLY F 145 57.83 32.50 -43.44
C GLY F 145 57.76 30.98 -43.40
N PHE F 146 57.81 30.39 -42.23
CA PHE F 146 57.64 28.95 -42.16
C PHE F 146 56.21 28.55 -41.75
N TYR F 147 55.76 27.41 -42.29
CA TYR F 147 54.52 26.75 -41.88
C TYR F 147 54.72 25.27 -42.09
N PRO F 148 54.37 24.45 -41.10
CA PRO F 148 53.75 24.82 -39.82
C PRO F 148 54.76 25.48 -38.86
N ASP F 149 54.32 25.84 -37.66
CA ASP F 149 55.21 26.42 -36.63
C ASP F 149 55.89 25.32 -35.87
N HIS F 150 56.53 24.40 -36.57
CA HIS F 150 57.21 23.27 -35.94
C HIS F 150 58.70 23.41 -36.15
N VAL F 151 59.36 24.22 -35.32
CA VAL F 151 60.79 24.46 -35.50
C VAL F 151 61.56 24.37 -34.17
N GLU F 152 62.87 24.14 -34.30
CA GLU F 152 63.80 24.17 -33.18
C GLU F 152 64.93 25.07 -33.58
N LEU F 153 65.02 26.22 -32.93
CA LEU F 153 66.10 27.15 -33.23
C LEU F 153 67.20 26.89 -32.23
N SER F 154 68.44 26.90 -32.69
CA SER F 154 69.59 26.74 -31.81
C SER F 154 70.77 27.55 -32.39
N TRP F 155 71.75 27.85 -31.53
CA TRP F 155 72.94 28.65 -31.90
C TRP F 155 74.24 27.83 -31.81
N TRP F 156 75.13 28.01 -32.77
CA TRP F 156 76.34 27.20 -32.85
C TRP F 156 77.56 28.10 -33.03
N VAL F 157 78.44 28.07 -32.03
CA VAL F 157 79.66 28.86 -32.07
C VAL F 157 80.87 27.96 -32.32
N ASN F 158 81.56 28.20 -33.44
CA ASN F 158 82.69 27.37 -33.83
C ASN F 158 82.38 25.88 -33.82
N GLY F 159 81.21 25.50 -34.37
CA GLY F 159 80.84 24.10 -34.47
C GLY F 159 80.19 23.49 -33.24
N LYS F 160 79.92 24.29 -32.21
CA LYS F 160 79.36 23.77 -30.96
C LYS F 160 78.13 24.55 -30.46
N GLU F 161 77.08 23.84 -30.05
CA GLU F 161 75.84 24.53 -29.66
C GLU F 161 76.08 25.27 -28.35
N VAL F 162 75.59 26.51 -28.25
CA VAL F 162 75.70 27.27 -27.01
C VAL F 162 74.34 27.59 -26.39
N HIS F 163 74.30 27.71 -25.06
CA HIS F 163 73.06 28.08 -24.36
C HIS F 163 73.16 29.37 -23.53
N SER F 164 74.34 29.71 -23.03
CA SER F 164 74.49 30.95 -22.27
C SER F 164 74.53 32.17 -23.22
N GLY F 165 73.90 33.27 -22.83
CA GLY F 165 73.80 34.45 -23.69
C GLY F 165 72.77 34.32 -24.81
N VAL F 166 71.96 33.27 -24.77
CA VAL F 166 70.95 33.03 -25.81
C VAL F 166 69.59 33.41 -25.29
N CYS F 167 68.81 34.13 -26.08
CA CYS F 167 67.41 34.20 -25.75
C CYS F 167 66.56 34.10 -27.00
N THR F 168 65.62 33.15 -26.99
CA THR F 168 64.74 32.90 -28.13
C THR F 168 63.28 33.22 -27.77
N ASP F 169 62.55 33.90 -28.65
CA ASP F 169 61.11 34.11 -28.45
C ASP F 169 60.39 32.83 -28.02
N PRO F 170 59.63 32.88 -26.93
CA PRO F 170 58.79 31.74 -26.51
C PRO F 170 57.78 31.35 -27.60
N GLN F 171 57.21 32.35 -28.28
CA GLN F 171 56.20 32.09 -29.31
C GLN F 171 56.60 32.66 -30.66
N PRO F 172 56.32 31.91 -31.72
CA PRO F 172 56.42 32.50 -33.06
C PRO F 172 55.39 33.60 -33.25
N LEU F 173 55.60 34.47 -34.23
CA LEU F 173 54.64 35.52 -34.60
C LEU F 173 53.92 35.14 -35.91
N LYS F 174 52.72 35.67 -36.13
CA LYS F 174 52.06 35.47 -37.40
C LYS F 174 52.53 36.51 -38.40
N GLU F 175 52.96 36.05 -39.56
CA GLU F 175 53.25 36.96 -40.64
C GLU F 175 51.94 37.40 -41.31
N GLN F 176 50.96 36.49 -41.37
CA GLN F 176 49.69 36.79 -42.02
C GLN F 176 48.54 36.47 -41.04
N PRO F 177 48.05 37.50 -40.33
CA PRO F 177 47.15 37.23 -39.20
C PRO F 177 45.78 36.65 -39.59
N ALA F 178 45.36 36.80 -40.85
CA ALA F 178 44.01 36.39 -41.23
C ALA F 178 43.81 34.88 -41.37
N LEU F 179 44.71 34.17 -42.07
CA LEU F 179 44.35 32.81 -42.49
C LEU F 179 44.87 31.69 -41.56
N ASN F 180 44.05 30.65 -41.45
CA ASN F 180 44.20 29.47 -40.59
C ASN F 180 45.62 28.88 -40.47
N ASP F 181 46.25 28.72 -41.63
CA ASP F 181 47.51 28.02 -41.78
C ASP F 181 48.61 29.00 -42.24
N SER F 182 48.67 30.17 -41.59
CA SER F 182 49.57 31.26 -42.01
C SER F 182 51.04 30.97 -41.72
N ARG F 183 51.93 31.68 -42.40
CA ARG F 183 53.37 31.53 -42.20
C ARG F 183 53.81 32.22 -40.91
N TYR F 184 54.87 31.69 -40.29
CA TYR F 184 55.35 32.19 -39.01
C TYR F 184 56.77 32.75 -39.06
N SER F 185 57.12 33.50 -38.02
CA SER F 185 58.50 33.94 -37.85
C SER F 185 58.93 33.85 -36.40
N LEU F 186 60.23 33.79 -36.20
CA LEU F 186 60.77 33.59 -34.87
C LEU F 186 62.12 34.27 -34.81
N SER F 187 62.34 35.03 -33.74
CA SER F 187 63.63 35.68 -33.53
C SER F 187 64.32 35.09 -32.33
N SER F 188 65.64 35.26 -32.31
CA SER F 188 66.46 34.81 -31.21
C SER F 188 67.70 35.69 -31.13
N ARG F 189 68.28 35.76 -29.97
CA ARG F 189 69.46 36.57 -29.80
C ARG F 189 70.52 35.91 -29.00
N LEU F 190 71.73 36.04 -29.52
CA LEU F 190 72.93 35.54 -28.87
C LEU F 190 73.80 36.73 -28.50
N ARG F 191 74.11 36.88 -27.22
CA ARG F 191 74.92 37.99 -26.80
C ARG F 191 76.28 37.54 -26.26
N VAL F 192 77.35 38.17 -26.78
CA VAL F 192 78.71 37.85 -26.36
C VAL F 192 79.51 39.13 -26.09
N SER F 193 80.75 38.97 -25.61
CA SER F 193 81.64 40.10 -25.40
C SER F 193 82.08 40.65 -26.75
N ALA F 194 82.26 41.95 -26.80
CA ALA F 194 82.80 42.59 -28.00
C ALA F 194 84.09 41.92 -28.47
N THR F 195 84.96 41.54 -27.53
CA THR F 195 86.25 40.97 -27.89
C THR F 195 86.02 39.66 -28.63
N PHE F 196 85.10 38.85 -28.12
CA PHE F 196 84.75 37.60 -28.79
C PHE F 196 84.18 37.81 -30.19
N TRP F 197 83.25 38.75 -30.34
CA TRP F 197 82.70 39.01 -31.65
C TRP F 197 83.73 39.59 -32.61
N GLN F 198 84.72 40.31 -32.07
CA GLN F 198 85.68 41.02 -32.92
C GLN F 198 86.89 40.17 -33.33
N ASN F 199 86.86 38.89 -32.96
CA ASN F 199 87.82 37.89 -33.46
C ASN F 199 87.32 37.34 -34.82
N PRO F 200 88.10 37.54 -35.90
CA PRO F 200 87.59 37.23 -37.25
C PRO F 200 87.59 35.72 -37.58
N ARG F 201 88.17 34.94 -36.68
CA ARG F 201 88.20 33.49 -36.86
C ARG F 201 87.08 32.81 -36.03
N ASN F 202 86.29 33.60 -35.30
CA ASN F 202 85.09 33.06 -34.63
C ASN F 202 83.91 33.00 -35.55
N HIS F 203 83.32 31.80 -35.63
CA HIS F 203 82.23 31.49 -36.52
C HIS F 203 80.92 31.38 -35.74
N PHE F 204 79.90 32.08 -36.20
CA PHE F 204 78.61 32.05 -35.52
C PHE F 204 77.57 31.45 -36.45
N ARG F 205 76.70 30.59 -35.92
CA ARG F 205 75.67 29.97 -36.76
C ARG F 205 74.36 29.85 -36.02
N CYS F 206 73.31 30.39 -36.63
CA CYS F 206 71.95 30.21 -36.20
C CYS F 206 71.38 29.04 -37.00
N GLN F 207 70.78 28.08 -36.31
CA GLN F 207 70.26 26.88 -36.96
C GLN F 207 68.78 26.63 -36.69
N VAL F 208 68.00 26.40 -37.74
CA VAL F 208 66.59 26.09 -37.51
C VAL F 208 66.26 24.74 -38.11
N GLN F 209 66.02 23.77 -37.23
CA GLN F 209 65.48 22.49 -37.63
C GLN F 209 63.98 22.66 -37.91
N PHE F 210 63.56 22.43 -39.14
CA PHE F 210 62.14 22.54 -39.53
C PHE F 210 61.58 21.14 -39.70
N TYR F 211 60.36 20.93 -39.20
CA TYR F 211 59.68 19.64 -39.34
C TYR F 211 58.57 19.85 -40.35
N GLY F 212 58.69 19.15 -41.47
CA GLY F 212 57.79 19.39 -42.58
C GLY F 212 57.23 18.12 -43.17
N LEU F 213 57.19 18.07 -44.50
CA LEU F 213 56.75 16.89 -45.23
C LEU F 213 57.80 15.79 -45.14
N SER F 214 57.38 14.53 -45.28
CA SER F 214 58.33 13.42 -45.38
C SER F 214 58.99 13.41 -46.76
N GLU F 215 60.06 12.63 -46.93
CA GLU F 215 60.72 12.59 -48.23
C GLU F 215 59.82 11.90 -49.27
N ASN F 216 59.03 10.94 -48.79
CA ASN F 216 58.14 10.19 -49.68
C ASN F 216 56.70 10.67 -49.66
N ASP F 217 56.49 11.95 -49.35
CA ASP F 217 55.15 12.51 -49.45
C ASP F 217 54.86 13.13 -50.82
N GLU F 218 53.62 12.93 -51.25
CA GLU F 218 53.14 13.35 -52.55
C GLU F 218 53.22 14.87 -52.69
N TRP F 219 54.09 15.33 -53.58
CA TRP F 219 54.22 16.77 -53.79
C TRP F 219 53.90 17.12 -55.24
N THR F 220 52.73 17.73 -55.44
CA THR F 220 52.19 17.90 -56.78
C THR F 220 52.54 19.26 -57.37
N GLN F 221 52.97 20.18 -56.52
CA GLN F 221 53.25 21.53 -56.99
C GLN F 221 54.73 21.74 -57.30
N ASP F 222 55.03 22.79 -58.06
CA ASP F 222 56.30 22.90 -58.77
C ASP F 222 57.50 23.18 -57.89
N ARG F 223 57.37 24.13 -56.97
CA ARG F 223 58.50 24.51 -56.13
C ARG F 223 58.97 23.31 -55.32
N ALA F 224 60.16 23.43 -54.75
CA ALA F 224 60.79 22.33 -54.01
C ALA F 224 59.89 21.80 -52.91
N LYS F 225 59.92 20.48 -52.72
CA LYS F 225 59.13 19.87 -51.67
C LYS F 225 59.64 20.30 -50.28
N PRO F 226 58.79 21.00 -49.52
CA PRO F 226 59.14 21.50 -48.19
C PRO F 226 59.30 20.36 -47.18
N VAL F 227 60.31 19.51 -47.41
CA VAL F 227 60.59 18.41 -46.49
C VAL F 227 61.18 18.93 -45.18
N THR F 228 61.12 18.06 -44.17
CA THR F 228 61.80 18.27 -42.91
C THR F 228 63.28 18.50 -43.19
N GLN F 229 63.84 19.58 -42.63
CA GLN F 229 65.16 20.06 -43.05
C GLN F 229 65.71 21.12 -42.11
N ILE F 230 67.03 21.28 -42.14
CA ILE F 230 67.74 22.30 -41.36
C ILE F 230 68.16 23.47 -42.23
N VAL F 231 67.75 24.66 -41.84
CA VAL F 231 68.08 25.87 -42.56
C VAL F 231 68.94 26.70 -41.60
N SER F 232 70.06 27.20 -42.09
CA SER F 232 71.00 27.94 -41.23
C SER F 232 71.44 29.24 -41.89
N ALA F 233 71.78 30.22 -41.05
CA ALA F 233 72.54 31.37 -41.50
C ALA F 233 73.75 31.52 -40.58
N GLU F 234 74.76 32.20 -41.11
CA GLU F 234 76.04 32.29 -40.43
C GLU F 234 76.68 33.66 -40.59
N ALA F 235 77.52 33.99 -39.62
CA ALA F 235 78.38 35.15 -39.72
C ALA F 235 79.71 34.84 -39.05
N TRP F 236 80.77 35.37 -39.63
CA TRP F 236 82.08 35.36 -39.00
C TRP F 236 82.23 36.63 -38.18
N GLY F 237 83.03 36.57 -37.12
CA GLY F 237 83.42 37.79 -36.44
C GLY F 237 84.07 38.79 -37.39
N ARG F 238 84.00 40.08 -37.03
CA ARG F 238 84.58 41.14 -37.84
C ARG F 238 85.42 42.09 -36.99
N ALA F 239 86.59 42.45 -37.52
CA ALA F 239 87.50 43.34 -36.80
C ALA F 239 87.61 44.69 -37.51
N LEU G 4 -43.90 6.25 21.31
CA LEU G 4 -44.96 6.51 22.29
C LEU G 4 -46.33 6.29 21.68
N LEU G 5 -47.21 5.75 22.48
CA LEU G 5 -48.60 5.53 22.12
C LEU G 5 -49.38 5.69 23.41
N GLU G 6 -50.26 6.68 23.47
CA GLU G 6 -51.05 6.93 24.66
C GLU G 6 -52.52 7.01 24.31
N GLN G 7 -53.39 6.45 25.16
CA GLN G 7 -54.83 6.46 24.92
C GLN G 7 -55.56 7.38 25.89
N SER G 8 -56.71 7.92 25.47
CA SER G 8 -57.54 8.76 26.33
C SER G 8 -58.99 8.58 26.00
N PRO G 9 -59.84 8.52 27.04
CA PRO G 9 -59.43 8.60 28.44
C PRO G 9 -59.16 7.21 29.02
N GLN G 10 -58.59 7.16 30.23
CA GLN G 10 -58.43 5.93 30.99
C GLN G 10 -59.75 5.18 31.03
N PHE G 11 -60.76 5.85 31.57
CA PHE G 11 -62.07 5.26 31.76
C PHE G 11 -63.11 6.29 31.37
N LEU G 12 -64.22 5.82 30.82
CA LEU G 12 -65.36 6.68 30.55
C LEU G 12 -66.64 5.90 30.68
N SER G 13 -67.59 6.47 31.42
CA SER G 13 -68.90 5.86 31.57
C SER G 13 -69.93 6.80 30.96
N ILE G 14 -70.92 6.23 30.29
CA ILE G 14 -71.95 7.04 29.66
C ILE G 14 -73.29 6.30 29.65
N GLN G 15 -74.37 7.06 29.64
CA GLN G 15 -75.71 6.48 29.61
C GLN G 15 -76.01 5.89 28.23
N GLU G 16 -76.80 4.84 28.24
CA GLU G 16 -77.29 4.22 27.02
C GLU G 16 -77.81 5.27 26.05
N GLY G 17 -77.50 5.09 24.77
CA GLY G 17 -78.05 5.90 23.72
C GLY G 17 -77.18 7.06 23.27
N GLU G 18 -76.38 7.62 24.16
CA GLU G 18 -75.61 8.81 23.80
C GLU G 18 -74.35 8.46 23.01
N ASN G 19 -73.56 9.48 22.68
CA ASN G 19 -72.39 9.31 21.82
C ASN G 19 -71.09 9.59 22.53
N LEU G 20 -69.99 9.10 21.96
CA LEU G 20 -68.70 9.16 22.65
C LEU G 20 -67.52 9.04 21.70
N THR G 21 -66.36 9.47 22.17
CA THR G 21 -65.14 9.43 21.39
C THR G 21 -63.95 9.12 22.30
N VAL G 22 -63.10 8.19 21.87
CA VAL G 22 -61.85 7.93 22.59
C VAL G 22 -60.66 8.17 21.66
N TYR G 23 -59.45 8.21 22.20
CA TYR G 23 -58.35 8.77 21.46
C TYR G 23 -57.07 7.98 21.63
N CYS G 24 -56.24 8.05 20.60
CA CYS G 24 -54.93 7.41 20.64
C CYS G 24 -53.92 8.38 20.05
N ASN G 25 -52.80 8.59 20.75
CA ASN G 25 -51.82 9.60 20.34
C ASN G 25 -50.40 9.12 20.37
N SER G 26 -49.61 9.73 19.52
CA SER G 26 -48.23 9.43 19.51
C SER G 26 -47.38 10.67 19.46
N SER G 27 -46.19 10.55 20.02
CA SER G 27 -45.18 11.58 20.00
C SER G 27 -44.39 11.43 18.72
N SER G 28 -44.54 10.31 18.04
CA SER G 28 -43.87 10.09 16.80
C SER G 28 -44.95 9.98 15.77
N VAL G 29 -44.76 9.13 14.77
CA VAL G 29 -45.68 8.94 13.67
C VAL G 29 -45.92 7.49 13.27
N PHE G 30 -47.17 7.21 12.97
CA PHE G 30 -47.63 5.89 12.58
C PHE G 30 -47.68 5.55 11.14
N SER G 31 -46.98 4.49 10.74
CA SER G 31 -47.17 3.96 9.38
C SER G 31 -48.48 3.18 9.28
N SER G 32 -48.95 2.66 10.40
CA SER G 32 -50.30 2.09 10.47
C SER G 32 -50.77 2.05 11.92
N LEU G 33 -52.08 1.97 12.11
CA LEU G 33 -52.66 2.01 13.44
C LEU G 33 -53.88 1.12 13.47
N GLN G 34 -54.01 0.35 14.56
CA GLN G 34 -55.14 -0.57 14.70
C GLN G 34 -55.98 -0.23 15.91
N TRP G 35 -57.28 -0.54 15.82
CA TRP G 35 -58.18 -0.54 16.98
C TRP G 35 -58.68 -1.94 17.20
N TYR G 36 -58.60 -2.35 18.48
CA TYR G 36 -59.06 -3.66 18.94
C TYR G 36 -60.09 -3.53 20.06
N ARG G 37 -60.94 -4.54 20.17
CA ARG G 37 -61.75 -4.73 21.35
C ARG G 37 -61.13 -5.86 22.15
N GLN G 38 -60.91 -5.71 23.46
CA GLN G 38 -60.41 -6.90 24.18
C GLN G 38 -61.13 -7.28 25.48
N GLU G 39 -61.68 -8.48 25.47
CA GLU G 39 -62.27 -9.05 26.67
C GLU G 39 -61.27 -9.90 27.41
N PRO G 40 -61.17 -9.69 28.72
CA PRO G 40 -60.11 -10.35 29.51
C PRO G 40 -60.13 -11.89 29.40
N GLY G 41 -58.95 -12.50 29.37
CA GLY G 41 -58.85 -13.95 29.21
C GLY G 41 -59.22 -14.50 27.84
N GLU G 42 -59.35 -13.59 26.86
CA GLU G 42 -59.54 -13.97 25.46
C GLU G 42 -58.64 -13.13 24.53
N GLY G 43 -58.54 -13.51 23.27
CA GLY G 43 -57.73 -12.77 22.30
C GLY G 43 -58.37 -11.45 21.93
N PRO G 44 -57.56 -10.37 21.85
CA PRO G 44 -58.07 -9.13 21.29
C PRO G 44 -58.68 -9.38 19.89
N VAL G 45 -59.76 -8.69 19.59
CA VAL G 45 -60.42 -8.81 18.31
C VAL G 45 -60.18 -7.54 17.52
N LEU G 46 -59.65 -7.71 16.31
CA LEU G 46 -59.27 -6.56 15.46
C LEU G 46 -60.51 -5.86 14.93
N LEU G 47 -60.60 -4.56 15.18
CA LEU G 47 -61.73 -3.77 14.68
C LEU G 47 -61.39 -3.18 13.32
N VAL G 48 -60.27 -2.48 13.23
CA VAL G 48 -59.93 -1.86 11.97
C VAL G 48 -58.48 -1.43 11.92
N THR G 49 -57.97 -1.27 10.71
CA THR G 49 -56.66 -0.68 10.52
C THR G 49 -56.80 0.59 9.70
N VAL G 50 -56.18 1.67 10.15
CA VAL G 50 -56.04 2.87 9.32
C VAL G 50 -54.57 3.11 8.96
N VAL G 51 -54.35 3.70 7.77
CA VAL G 51 -53.00 3.86 7.21
C VAL G 51 -52.73 5.22 6.58
N THR G 52 -53.74 5.79 5.95
CA THR G 52 -53.59 7.07 5.26
C THR G 52 -54.04 8.20 6.17
N GLY G 53 -53.24 9.25 6.33
CA GLY G 53 -53.64 10.41 7.11
C GLY G 53 -54.92 11.05 6.59
N GLY G 54 -55.84 11.38 7.48
CA GLY G 54 -57.15 11.88 7.07
C GLY G 54 -58.22 10.82 6.81
N GLU G 55 -57.81 9.57 6.68
CA GLU G 55 -58.76 8.46 6.45
C GLU G 55 -59.86 8.37 7.52
N VAL G 56 -61.09 8.17 7.05
CA VAL G 56 -62.21 7.88 7.91
C VAL G 56 -62.77 6.53 7.50
N LYS G 57 -63.02 5.68 8.49
CA LYS G 57 -63.46 4.31 8.25
C LYS G 57 -64.65 4.05 9.15
N LYS G 58 -65.60 3.28 8.69
CA LYS G 58 -66.78 3.00 9.45
C LYS G 58 -67.06 1.55 9.60
N LEU G 59 -67.56 1.16 10.76
CA LEU G 59 -67.91 -0.21 11.01
C LEU G 59 -69.13 -0.11 11.86
N LYS G 60 -70.25 -0.10 11.16
CA LYS G 60 -71.55 0.03 11.74
C LYS G 60 -71.65 1.28 12.60
N ARG G 61 -71.81 1.11 13.90
CA ARG G 61 -71.94 2.25 14.76
C ARG G 61 -70.64 2.90 15.19
N LEU G 62 -69.54 2.37 14.71
CA LEU G 62 -68.26 2.92 15.02
C LEU G 62 -67.69 3.72 13.86
N THR G 63 -66.94 4.76 14.16
CA THR G 63 -66.31 5.57 13.16
C THR G 63 -64.90 5.88 13.63
N PHE G 64 -63.93 5.44 12.87
CA PHE G 64 -62.53 5.68 13.18
C PHE G 64 -61.96 6.75 12.26
N GLN G 65 -61.19 7.67 12.82
CA GLN G 65 -60.59 8.72 12.02
C GLN G 65 -59.09 8.73 12.29
N PHE G 66 -58.31 8.95 11.24
CA PHE G 66 -56.85 9.01 11.37
C PHE G 66 -56.43 10.47 11.18
N GLY G 67 -55.54 10.98 12.02
CA GLY G 67 -55.04 12.35 11.86
C GLY G 67 -54.12 12.59 10.65
N ASP G 68 -54.26 13.75 10.02
CA ASP G 68 -53.52 14.08 8.79
C ASP G 68 -52.03 13.79 8.90
N ALA G 69 -51.44 14.04 10.07
CA ALA G 69 -50.02 13.78 10.27
C ALA G 69 -49.77 12.37 10.82
N ARG G 70 -50.83 11.58 10.95
CA ARG G 70 -50.76 10.20 11.44
C ARG G 70 -50.06 10.09 12.80
N LYS G 71 -50.39 11.03 13.70
CA LYS G 71 -49.86 11.06 15.07
C LYS G 71 -50.98 10.78 16.10
N ASP G 72 -52.22 10.73 15.61
CA ASP G 72 -53.35 10.43 16.46
C ASP G 72 -54.45 9.73 15.70
N SER G 73 -55.37 9.13 16.44
CA SER G 73 -56.56 8.56 15.86
C SER G 73 -57.68 8.57 16.89
N SER G 74 -58.91 8.57 16.40
CA SER G 74 -60.07 8.60 17.26
C SER G 74 -61.05 7.52 16.87
N LEU G 75 -61.73 6.98 17.87
CA LEU G 75 -62.76 5.97 17.71
C LEU G 75 -64.03 6.54 18.31
N HIS G 76 -65.10 6.49 17.54
CA HIS G 76 -66.36 7.12 17.91
C HIS G 76 -67.48 6.15 17.73
N ILE G 77 -68.31 6.01 18.76
CA ILE G 77 -69.51 5.19 18.67
C ILE G 77 -70.74 6.06 18.52
N THR G 78 -71.72 5.58 17.77
CA THR G 78 -72.99 6.29 17.64
C THR G 78 -74.13 5.46 18.23
N ALA G 79 -74.96 6.11 19.05
CA ALA G 79 -76.10 5.47 19.70
C ALA G 79 -75.65 4.30 20.57
N ALA G 80 -74.76 4.58 21.51
CA ALA G 80 -74.09 3.53 22.28
C ALA G 80 -75.08 2.57 22.91
N GLN G 81 -74.69 1.30 22.97
CA GLN G 81 -75.48 0.28 23.63
C GLN G 81 -74.63 -0.35 24.73
N PRO G 82 -75.28 -0.93 25.75
CA PRO G 82 -74.50 -1.56 26.83
C PRO G 82 -73.60 -2.67 26.32
N GLY G 83 -74.00 -3.31 25.22
CA GLY G 83 -73.22 -4.37 24.61
C GLY G 83 -71.83 -3.97 24.14
N ASP G 84 -71.57 -2.67 23.99
CA ASP G 84 -70.21 -2.31 23.61
C ASP G 84 -69.40 -1.77 24.79
N THR G 85 -69.89 -2.07 26.00
CA THR G 85 -69.08 -2.02 27.21
C THR G 85 -67.86 -2.91 27.04
N GLY G 86 -66.69 -2.43 27.44
CA GLY G 86 -65.50 -3.24 27.37
C GLY G 86 -64.29 -2.35 27.20
N LEU G 87 -63.12 -2.98 27.02
CA LEU G 87 -61.88 -2.26 26.81
C LEU G 87 -61.58 -2.12 25.34
N TYR G 88 -61.17 -0.93 24.94
CA TYR G 88 -60.82 -0.65 23.55
C TYR G 88 -59.35 -0.35 23.47
N LEU G 89 -58.68 -1.07 22.58
CA LEU G 89 -57.24 -1.06 22.57
C LEU G 89 -56.69 -0.45 21.29
N CYS G 90 -55.72 0.44 21.45
CA CYS G 90 -55.06 1.04 20.31
C CYS G 90 -53.65 0.44 20.13
N ALA G 91 -53.27 0.22 18.88
CA ALA G 91 -51.94 -0.30 18.57
C ALA G 91 -51.43 0.36 17.31
N GLY G 92 -50.13 0.25 17.04
CA GLY G 92 -49.61 0.83 15.83
C GLY G 92 -48.15 0.53 15.58
N ALA G 93 -47.78 0.66 14.32
CA ALA G 93 -46.38 0.63 13.93
C ALA G 93 -45.86 2.05 13.86
N ILE G 94 -44.77 2.31 14.56
CA ILE G 94 -44.19 3.64 14.55
C ILE G 94 -43.23 3.78 13.37
N GLY G 95 -43.66 4.56 12.37
CA GLY G 95 -42.86 4.81 11.17
C GLY G 95 -41.40 5.14 11.43
N PRO G 96 -41.12 6.27 12.10
CA PRO G 96 -39.72 6.71 12.31
C PRO G 96 -38.87 5.75 13.16
N SER G 97 -39.47 4.89 13.99
CA SER G 97 -38.65 3.87 14.63
C SER G 97 -38.35 2.95 13.47
N ASN G 98 -37.37 2.09 13.53
CA ASN G 98 -37.14 1.42 12.23
C ASN G 98 -37.39 -0.06 12.50
N THR G 99 -38.67 -0.35 12.74
CA THR G 99 -39.13 -1.46 13.60
C THR G 99 -40.01 -2.51 12.92
N GLY G 100 -39.88 -3.77 13.35
CA GLY G 100 -40.75 -4.82 12.84
C GLY G 100 -41.83 -5.28 13.81
N LYS G 101 -42.27 -4.41 14.72
CA LYS G 101 -43.30 -4.74 15.70
C LYS G 101 -44.35 -3.65 15.86
N LEU G 102 -45.51 -4.02 16.41
CA LEU G 102 -46.47 -3.03 16.91
C LEU G 102 -46.22 -2.71 18.39
N ILE G 103 -46.56 -1.49 18.79
CA ILE G 103 -46.62 -1.19 20.21
C ILE G 103 -48.09 -1.00 20.55
N PHE G 104 -48.45 -1.33 21.78
CA PHE G 104 -49.84 -1.25 22.21
C PHE G 104 -50.01 -0.23 23.33
N GLY G 105 -51.21 0.32 23.45
CA GLY G 105 -51.54 1.22 24.54
C GLY G 105 -52.04 0.44 25.75
N LYS G 106 -52.42 1.15 26.79
CA LYS G 106 -52.95 0.49 28.00
C LYS G 106 -54.46 0.35 27.96
N GLY G 107 -55.08 0.86 26.89
CA GLY G 107 -56.50 0.63 26.66
C GLY G 107 -57.39 1.72 27.22
N THR G 108 -58.63 1.74 26.74
CA THR G 108 -59.64 2.69 27.23
C THR G 108 -60.87 1.92 27.58
N LYS G 109 -61.25 2.01 28.84
CA LYS G 109 -62.29 1.14 29.38
C LYS G 109 -63.61 1.89 29.36
N LEU G 110 -64.55 1.34 28.59
CA LEU G 110 -65.83 1.97 28.38
C LEU G 110 -66.93 1.23 29.14
N SER G 111 -67.76 1.99 29.85
CA SER G 111 -68.92 1.43 30.54
C SER G 111 -70.16 2.11 30.02
N VAL G 112 -71.07 1.33 29.43
CA VAL G 112 -72.31 1.92 28.95
C VAL G 112 -73.44 1.49 29.87
N LYS G 113 -73.82 2.37 30.79
CA LYS G 113 -74.91 2.11 31.71
C LYS G 113 -76.22 1.92 30.94
N PRO G 114 -76.94 0.84 31.22
CA PRO G 114 -78.20 0.69 30.49
C PRO G 114 -79.28 1.64 31.00
N ASN G 115 -80.38 1.74 30.26
CA ASN G 115 -81.51 2.53 30.72
C ASN G 115 -82.52 1.66 31.44
N ILE G 116 -82.58 1.81 32.77
CA ILE G 116 -83.60 1.13 33.55
C ILE G 116 -84.76 2.08 33.81
N GLN G 117 -85.84 1.88 33.07
CA GLN G 117 -87.00 2.78 33.09
C GLN G 117 -87.88 2.54 34.32
N ASN G 118 -88.08 1.27 34.68
CA ASN G 118 -88.92 0.91 35.82
C ASN G 118 -88.20 0.25 36.97
N PRO G 119 -87.38 1.02 37.70
CA PRO G 119 -86.65 0.43 38.82
C PRO G 119 -87.57 -0.16 39.89
N ASP G 120 -87.41 -1.44 40.19
CA ASP G 120 -88.11 -2.06 41.31
C ASP G 120 -87.12 -2.69 42.31
N PRO G 121 -86.26 -1.83 42.91
CA PRO G 121 -85.12 -2.27 43.73
C PRO G 121 -85.47 -3.04 45.00
N ALA G 122 -85.24 -4.35 44.99
CA ALA G 122 -85.46 -5.18 46.16
C ALA G 122 -84.26 -6.09 46.47
N VAL G 123 -84.29 -6.74 47.63
CA VAL G 123 -83.29 -7.72 48.02
C VAL G 123 -83.97 -9.03 48.41
N TYR G 124 -83.46 -10.16 47.94
CA TYR G 124 -84.09 -11.43 48.21
C TYR G 124 -83.11 -12.40 48.80
N GLN G 125 -83.64 -13.49 49.35
CA GLN G 125 -82.81 -14.51 49.94
C GLN G 125 -83.11 -15.86 49.33
N LEU G 126 -82.09 -16.49 48.81
CA LEU G 126 -82.25 -17.69 48.01
C LEU G 126 -81.64 -18.89 48.72
N ARG G 127 -82.35 -20.01 48.74
CA ARG G 127 -81.87 -21.20 49.40
C ARG G 127 -81.39 -22.20 48.36
N ASP G 128 -80.43 -23.02 48.74
CA ASP G 128 -79.78 -24.12 48.00
C ASP G 128 -80.71 -25.33 47.66
N SER G 129 -80.99 -25.64 46.40
CA SER G 129 -81.87 -26.77 46.13
C SER G 129 -81.48 -28.02 46.95
N LYS G 130 -80.24 -28.03 47.44
CA LYS G 130 -79.69 -29.25 48.04
C LYS G 130 -79.73 -29.27 49.56
N SER G 131 -79.44 -28.13 50.20
CA SER G 131 -79.29 -28.10 51.67
C SER G 131 -80.28 -27.16 52.38
N SER G 132 -79.96 -26.83 53.61
CA SER G 132 -80.78 -25.92 54.40
C SER G 132 -79.94 -24.83 55.02
N ASP G 133 -78.80 -25.22 55.55
CA ASP G 133 -77.93 -24.25 56.16
C ASP G 133 -77.01 -23.77 55.09
N LYS G 134 -77.31 -23.00 54.15
CA LYS G 134 -76.60 -22.00 53.33
C LYS G 134 -77.57 -21.40 52.36
N SER G 135 -77.13 -20.16 52.12
CA SER G 135 -77.93 -19.23 51.36
C SER G 135 -77.20 -18.02 50.84
N VAL G 136 -77.84 -17.27 49.96
CA VAL G 136 -77.23 -16.11 49.38
C VAL G 136 -78.22 -14.98 49.33
N CYS G 137 -77.77 -13.78 49.04
CA CYS G 137 -78.63 -12.60 49.04
C CYS G 137 -78.50 -11.83 47.73
N LEU G 138 -79.64 -11.61 47.07
CA LEU G 138 -79.65 -11.02 45.73
C LEU G 138 -80.27 -9.65 45.68
N PHE G 139 -79.47 -8.66 45.33
CA PHE G 139 -79.93 -7.28 45.19
C PHE G 139 -80.18 -7.01 43.71
N THR G 140 -81.45 -6.79 43.34
CA THR G 140 -81.78 -6.65 41.92
C THR G 140 -82.84 -5.59 41.59
N ASP G 141 -82.82 -5.20 40.32
CA ASP G 141 -83.78 -4.27 39.68
C ASP G 141 -83.55 -2.80 40.03
N PHE G 142 -82.30 -2.43 40.32
CA PHE G 142 -81.98 -1.03 40.60
C PHE G 142 -81.57 -0.29 39.33
N ASP G 143 -81.56 1.04 39.38
CA ASP G 143 -81.13 1.82 38.23
C ASP G 143 -79.61 1.87 38.19
N SER G 144 -79.07 2.49 37.15
CA SER G 144 -77.65 2.40 36.84
C SER G 144 -76.83 3.52 37.47
N GLN G 145 -77.51 4.52 38.02
CA GLN G 145 -76.81 5.60 38.72
C GLN G 145 -76.50 5.15 40.15
N THR G 146 -77.01 3.98 40.52
CA THR G 146 -76.74 3.38 41.81
C THR G 146 -75.43 2.59 41.80
N ASN G 147 -74.63 2.77 42.84
CA ASN G 147 -73.34 2.07 42.95
C ASN G 147 -73.36 1.00 44.01
N VAL G 148 -72.83 -0.18 43.67
CA VAL G 148 -72.75 -1.26 44.64
C VAL G 148 -71.40 -1.24 45.32
N SER G 149 -71.37 -0.65 46.51
CA SER G 149 -70.16 -0.55 47.34
C SER G 149 -69.62 -1.94 47.65
N GLN G 150 -68.30 -2.09 47.62
CA GLN G 150 -67.71 -3.37 48.00
C GLN G 150 -67.78 -3.55 49.53
N SER G 151 -67.64 -4.78 49.99
CA SER G 151 -67.74 -5.08 51.41
C SER G 151 -66.61 -4.48 52.24
N LYS G 152 -66.92 -4.16 53.49
CA LYS G 152 -65.94 -3.69 54.45
C LYS G 152 -65.55 -4.75 55.49
N ASP G 153 -66.27 -5.88 55.52
CA ASP G 153 -65.83 -7.05 56.32
C ASP G 153 -65.24 -8.10 55.41
N SER G 154 -64.20 -8.77 55.86
CA SER G 154 -63.55 -9.80 55.07
C SER G 154 -64.34 -11.13 55.07
N ASP G 155 -65.34 -11.25 55.93
CA ASP G 155 -66.15 -12.46 56.02
C ASP G 155 -67.46 -12.36 55.20
N VAL G 156 -67.66 -11.22 54.54
CA VAL G 156 -68.84 -10.99 53.72
C VAL G 156 -68.44 -10.65 52.29
N TYR G 157 -68.83 -11.51 51.35
CA TYR G 157 -68.51 -11.27 49.95
C TYR G 157 -69.65 -10.64 49.19
N ILE G 158 -69.35 -9.56 48.48
CA ILE G 158 -70.31 -8.83 47.66
C ILE G 158 -69.73 -8.62 46.26
N THR G 159 -70.35 -9.21 45.24
CA THR G 159 -69.89 -9.02 43.87
C THR G 159 -70.28 -7.63 43.36
N ASP G 160 -69.69 -7.21 42.23
CA ASP G 160 -70.08 -5.93 41.66
C ASP G 160 -71.41 -6.09 40.89
N LYS G 161 -71.97 -4.98 40.45
CA LYS G 161 -73.23 -5.07 39.72
C LYS G 161 -72.95 -5.66 38.35
N CYS G 162 -73.82 -6.58 37.95
CA CYS G 162 -73.74 -7.16 36.62
C CYS G 162 -75.05 -6.99 35.85
N VAL G 163 -74.93 -6.53 34.60
CA VAL G 163 -76.07 -6.30 33.71
C VAL G 163 -76.46 -7.56 32.95
N LEU G 164 -77.64 -8.12 33.20
CA LEU G 164 -78.15 -9.19 32.33
C LEU G 164 -79.24 -8.68 31.38
N ASP G 165 -79.59 -9.51 30.40
CA ASP G 165 -80.52 -9.10 29.35
C ASP G 165 -81.34 -10.30 28.88
N MET G 166 -82.57 -10.41 29.41
CA MET G 166 -83.52 -11.40 28.92
C MET G 166 -83.91 -10.97 27.51
N ARG G 167 -83.66 -11.83 26.53
CA ARG G 167 -83.90 -11.47 25.14
C ARG G 167 -85.26 -11.98 24.71
N SER G 168 -85.63 -13.11 25.29
CA SER G 168 -86.95 -13.70 25.09
C SER G 168 -88.02 -12.72 25.54
N MET G 169 -87.70 -11.95 26.56
CA MET G 169 -88.66 -11.05 27.16
C MET G 169 -88.32 -9.60 26.99
N ASP G 170 -87.39 -9.30 26.09
CA ASP G 170 -86.89 -7.94 25.87
C ASP G 170 -86.84 -7.13 27.16
N PHE G 171 -86.22 -7.71 28.17
CA PHE G 171 -86.13 -7.09 29.46
C PHE G 171 -84.68 -7.14 29.97
N LYS G 172 -84.18 -5.99 30.40
CA LYS G 172 -82.83 -5.85 30.91
C LYS G 172 -82.94 -5.79 32.44
N SER G 173 -81.91 -6.20 33.18
CA SER G 173 -82.00 -6.18 34.63
C SER G 173 -80.66 -6.35 35.38
N ASN G 174 -80.36 -5.37 36.22
CA ASN G 174 -79.13 -5.34 37.04
C ASN G 174 -79.17 -6.19 38.28
N SER G 175 -77.99 -6.54 38.79
CA SER G 175 -77.94 -7.31 40.03
C SER G 175 -76.55 -7.56 40.61
N ALA G 176 -76.49 -7.52 41.95
CA ALA G 176 -75.31 -7.88 42.72
C ALA G 176 -75.69 -8.98 43.72
N VAL G 177 -74.75 -9.88 43.96
CA VAL G 177 -74.94 -10.99 44.86
C VAL G 177 -74.08 -10.79 46.12
N ALA G 178 -74.60 -11.23 47.26
CA ALA G 178 -73.83 -11.24 48.51
C ALA G 178 -74.02 -12.52 49.30
N TRP G 179 -72.92 -13.07 49.81
CA TRP G 179 -73.00 -14.21 50.72
C TRP G 179 -71.91 -14.13 51.78
N SER G 180 -72.10 -14.92 52.84
CA SER G 180 -71.21 -14.92 54.00
C SER G 180 -71.40 -16.22 54.76
N ASN G 181 -70.31 -16.95 54.98
CA ASN G 181 -70.38 -18.11 55.85
C ASN G 181 -70.20 -17.65 57.29
N LYS G 182 -71.12 -16.80 57.74
CA LYS G 182 -71.18 -16.38 59.14
C LYS G 182 -72.44 -16.95 59.75
N SER G 183 -72.74 -16.61 61.00
CA SER G 183 -73.93 -17.16 61.65
C SER G 183 -74.99 -16.07 61.85
N ASP G 184 -74.61 -14.82 61.57
CA ASP G 184 -75.38 -13.63 61.89
C ASP G 184 -75.98 -13.00 60.62
N PHE G 185 -75.45 -13.42 59.48
CA PHE G 185 -75.70 -12.75 58.20
C PHE G 185 -77.19 -12.65 57.87
N ALA G 186 -77.72 -11.43 57.93
CA ALA G 186 -79.09 -11.19 57.46
C ALA G 186 -79.03 -10.38 56.17
N CYS G 187 -79.81 -10.80 55.18
CA CYS G 187 -79.86 -10.14 53.88
C CYS G 187 -80.51 -8.76 53.97
N ALA G 188 -81.09 -8.47 55.14
CA ALA G 188 -81.75 -7.19 55.37
C ALA G 188 -80.82 -5.99 55.18
N ASN G 189 -79.57 -6.10 55.63
CA ASN G 189 -78.64 -4.97 55.54
C ASN G 189 -77.29 -5.35 54.94
N ALA G 190 -77.29 -6.35 54.06
CA ALA G 190 -76.07 -6.85 53.47
C ALA G 190 -75.41 -5.82 52.54
N PHE G 191 -76.22 -4.97 51.92
CA PHE G 191 -75.72 -4.09 50.87
C PHE G 191 -75.60 -2.62 51.25
N ASN G 192 -75.50 -2.34 52.54
CA ASN G 192 -75.48 -0.94 52.98
C ASN G 192 -74.14 -0.52 53.54
N ASN G 193 -73.07 -1.00 52.92
CA ASN G 193 -71.75 -0.42 53.11
C ASN G 193 -71.64 0.78 52.18
N SER G 194 -72.69 0.96 51.37
CA SER G 194 -73.12 2.27 50.87
C SER G 194 -74.60 2.44 51.21
N GLY H 1 -57.13 -19.47 10.53
CA GLY H 1 -57.11 -19.02 11.91
C GLY H 1 -55.76 -19.16 12.60
N ILE H 2 -55.68 -18.63 13.81
CA ILE H 2 -54.47 -18.76 14.60
C ILE H 2 -54.89 -19.42 15.90
N THR H 3 -54.28 -20.56 16.20
CA THR H 3 -54.67 -21.35 17.34
C THR H 3 -53.57 -21.33 18.42
N GLN H 4 -53.96 -21.57 19.67
CA GLN H 4 -53.02 -21.71 20.77
C GLN H 4 -53.44 -22.92 21.57
N SER H 5 -52.49 -23.71 22.05
CA SER H 5 -52.92 -24.81 22.91
C SER H 5 -51.87 -25.10 23.97
N PRO H 6 -52.32 -25.60 25.14
CA PRO H 6 -53.75 -25.69 25.48
C PRO H 6 -54.27 -24.37 26.03
N LYS H 7 -55.52 -24.33 26.43
CA LYS H 7 -56.13 -23.09 26.88
C LYS H 7 -55.73 -22.76 28.32
N TYR H 8 -55.53 -23.80 29.12
CA TYR H 8 -55.15 -23.67 30.52
C TYR H 8 -53.94 -24.57 30.77
N LEU H 9 -52.98 -24.07 31.52
CA LEU H 9 -51.79 -24.83 31.92
C LEU H 9 -51.52 -24.60 33.38
N PHE H 10 -51.23 -25.70 34.09
CA PHE H 10 -50.87 -25.65 35.50
C PHE H 10 -49.57 -26.45 35.76
N ARG H 11 -48.62 -25.86 36.46
CA ARG H 11 -47.33 -26.54 36.69
C ARG H 11 -46.73 -26.27 38.07
N LYS H 12 -45.97 -27.24 38.57
CA LYS H 12 -45.11 -26.98 39.71
C LYS H 12 -43.92 -26.18 39.19
N GLU H 13 -43.40 -25.28 40.02
CA GLU H 13 -42.24 -24.47 39.66
C GLU H 13 -41.08 -25.31 39.14
N GLY H 14 -40.42 -24.83 38.09
CA GLY H 14 -39.22 -25.46 37.59
C GLY H 14 -39.45 -26.46 36.48
N GLN H 15 -40.69 -26.90 36.31
CA GLN H 15 -41.02 -27.68 35.13
C GLN H 15 -41.13 -26.76 33.90
N ASN H 16 -40.16 -26.86 32.98
CA ASN H 16 -40.31 -26.24 31.66
C ASN H 16 -41.67 -26.53 31.04
N VAL H 17 -42.28 -25.53 30.43
CA VAL H 17 -43.50 -25.79 29.69
C VAL H 17 -43.45 -25.11 28.31
N THR H 18 -44.05 -25.74 27.31
CA THR H 18 -43.99 -25.19 25.96
C THR H 18 -45.40 -24.85 25.52
N LEU H 19 -45.63 -23.56 25.26
CA LEU H 19 -46.89 -23.06 24.72
C LEU H 19 -46.90 -23.12 23.20
N SER H 20 -47.95 -23.70 22.65
CA SER H 20 -48.02 -23.84 21.22
C SER H 20 -48.81 -22.69 20.59
N CYS H 21 -48.36 -22.27 19.41
CA CYS H 21 -49.11 -21.29 18.61
C CYS H 21 -48.94 -21.61 17.14
N GLU H 22 -50.05 -21.86 16.47
CA GLU H 22 -50.07 -22.34 15.09
C GLU H 22 -51.02 -21.44 14.27
N GLN H 23 -50.69 -21.26 13.00
CA GLN H 23 -51.48 -20.34 12.18
C GLN H 23 -51.40 -20.77 10.70
N ASN H 24 -52.53 -20.87 10.04
CA ASN H 24 -52.58 -21.13 8.62
C ASN H 24 -53.17 -19.94 7.93
N LEU H 25 -52.77 -18.76 8.36
CA LEU H 25 -53.23 -17.51 7.77
C LEU H 25 -52.28 -17.07 6.67
N ASN H 26 -51.21 -17.85 6.48
CA ASN H 26 -50.16 -17.54 5.49
C ASN H 26 -49.41 -16.29 5.94
N HIS H 27 -49.31 -16.15 7.26
CA HIS H 27 -48.62 -15.01 7.84
C HIS H 27 -47.15 -15.25 8.03
N ASP H 28 -46.35 -14.23 7.71
CA ASP H 28 -44.91 -14.37 7.90
C ASP H 28 -44.47 -14.06 9.32
N ALA H 29 -45.13 -13.12 9.98
CA ALA H 29 -44.66 -12.66 11.29
C ALA H 29 -45.53 -13.16 12.46
N MET H 30 -44.86 -13.58 13.54
CA MET H 30 -45.56 -14.05 14.75
C MET H 30 -44.96 -13.42 16.01
N TYR H 31 -45.83 -13.18 16.99
CA TYR H 31 -45.49 -12.45 18.21
C TYR H 31 -46.02 -13.15 19.47
N TRP H 32 -45.24 -13.10 20.55
CA TRP H 32 -45.70 -13.60 21.86
C TRP H 32 -45.82 -12.48 22.85
N TYR H 33 -46.95 -12.45 23.56
CA TYR H 33 -47.15 -11.46 24.61
C TYR H 33 -47.50 -12.15 25.90
N ARG H 34 -47.26 -11.44 27.00
CA ARG H 34 -47.69 -11.87 28.31
C ARG H 34 -48.52 -10.75 28.91
N GLN H 35 -49.47 -11.12 29.76
CA GLN H 35 -50.35 -10.14 30.40
C GLN H 35 -50.63 -10.58 31.84
N ASP H 36 -50.43 -9.64 32.76
CA ASP H 36 -50.74 -9.80 34.18
C ASP H 36 -52.16 -9.26 34.45
N PRO H 37 -52.85 -9.77 35.49
CA PRO H 37 -54.26 -9.39 35.69
C PRO H 37 -54.44 -7.89 35.87
N GLY H 38 -55.28 -7.26 35.06
CA GLY H 38 -55.44 -5.82 35.11
C GLY H 38 -54.39 -5.00 34.37
N GLN H 39 -53.38 -5.67 33.84
CA GLN H 39 -52.28 -4.99 33.15
C GLN H 39 -52.42 -5.07 31.63
N GLY H 40 -51.53 -4.38 30.91
CA GLY H 40 -51.56 -4.35 29.46
C GLY H 40 -50.64 -5.43 28.91
N LEU H 41 -50.38 -5.42 27.61
CA LEU H 41 -49.58 -6.45 27.00
C LEU H 41 -48.10 -6.14 27.15
N ARG H 42 -47.28 -7.17 27.22
CA ARG H 42 -45.85 -7.02 27.24
C ARG H 42 -45.25 -8.00 26.25
N LEU H 43 -44.46 -7.49 25.31
CA LEU H 43 -43.90 -8.29 24.23
C LEU H 43 -42.79 -9.19 24.74
N ILE H 44 -42.88 -10.46 24.43
CA ILE H 44 -41.85 -11.39 24.88
C ILE H 44 -40.78 -11.68 23.81
N TYR H 45 -41.25 -12.01 22.61
CA TYR H 45 -40.42 -12.54 21.54
C TYR H 45 -41.22 -12.32 20.28
N TYR H 46 -40.55 -12.06 19.17
CA TYR H 46 -41.24 -12.08 17.89
C TYR H 46 -40.35 -12.59 16.77
N SER H 47 -40.99 -12.89 15.65
CA SER H 47 -40.32 -13.49 14.51
C SER H 47 -40.86 -12.91 13.20
N GLN H 48 -40.01 -12.19 12.44
CA GLN H 48 -40.51 -11.45 11.28
C GLN H 48 -40.66 -12.32 10.05
N ILE H 49 -40.01 -13.48 10.10
CA ILE H 49 -39.84 -14.37 8.97
C ILE H 49 -39.39 -15.74 9.51
N VAL H 50 -39.75 -16.84 8.85
CA VAL H 50 -39.22 -18.15 9.22
C VAL H 50 -37.70 -18.12 9.35
N ASN H 51 -37.18 -18.86 10.34
CA ASN H 51 -35.75 -19.01 10.60
C ASN H 51 -35.12 -17.74 11.15
N ASP H 52 -35.95 -16.90 11.75
CA ASP H 52 -35.43 -15.70 12.40
C ASP H 52 -36.33 -15.30 13.55
N PHE H 53 -35.75 -14.77 14.62
CA PHE H 53 -36.52 -14.27 15.73
C PHE H 53 -35.65 -13.33 16.57
N GLN H 54 -36.30 -12.50 17.35
CA GLN H 54 -35.66 -11.53 18.21
C GLN H 54 -36.36 -11.35 19.54
N LYS H 55 -35.61 -10.99 20.55
CA LYS H 55 -36.15 -10.75 21.87
C LYS H 55 -37.10 -9.57 21.85
N GLY H 56 -38.19 -9.64 22.65
CA GLY H 56 -39.08 -8.52 22.86
C GLY H 56 -38.64 -7.79 24.12
N ASP H 57 -39.56 -7.24 24.90
CA ASP H 57 -39.16 -6.50 26.10
C ASP H 57 -38.95 -7.35 27.37
N ILE H 58 -39.66 -8.47 27.49
CA ILE H 58 -39.43 -9.36 28.63
C ILE H 58 -39.16 -10.80 28.15
N ALA H 59 -37.86 -11.11 28.02
CA ALA H 59 -37.46 -12.33 27.33
C ALA H 59 -36.75 -13.31 28.24
N GLU H 60 -36.34 -12.80 29.40
CA GLU H 60 -35.64 -13.61 30.41
C GLU H 60 -36.40 -14.88 30.76
N GLY H 61 -35.76 -16.02 30.54
CA GLY H 61 -36.35 -17.31 30.86
C GLY H 61 -37.36 -17.81 29.83
N TYR H 62 -37.47 -17.09 28.72
CA TYR H 62 -38.27 -17.53 27.59
C TYR H 62 -37.39 -17.93 26.42
N SER H 63 -37.86 -18.91 25.65
CA SER H 63 -37.19 -19.31 24.44
C SER H 63 -38.24 -19.58 23.34
N VAL H 64 -37.94 -19.22 22.10
CA VAL H 64 -38.78 -19.60 20.95
C VAL H 64 -37.97 -20.27 19.89
N SER H 65 -38.68 -20.89 18.94
CA SER H 65 -38.06 -21.27 17.68
C SER H 65 -39.02 -20.97 16.51
N ARG H 66 -38.45 -20.95 15.30
CA ARG H 66 -39.26 -20.71 14.12
C ARG H 66 -38.67 -21.47 12.93
N GLU H 67 -38.80 -22.79 12.96
CA GLU H 67 -38.33 -23.58 11.84
C GLU H 67 -39.38 -23.65 10.74
N LYS H 68 -40.63 -23.34 11.09
CA LYS H 68 -41.73 -23.39 10.14
C LYS H 68 -42.51 -22.09 10.18
N LYS H 69 -43.11 -21.75 9.05
CA LYS H 69 -43.91 -20.55 8.92
C LYS H 69 -45.14 -20.61 9.81
N GLU H 70 -45.65 -21.82 9.98
CA GLU H 70 -46.94 -22.03 10.63
C GLU H 70 -46.85 -21.95 12.15
N SER H 71 -45.70 -22.28 12.72
CA SER H 71 -45.62 -22.48 14.16
C SER H 71 -44.58 -21.59 14.86
N PHE H 72 -44.90 -21.17 16.09
CA PHE H 72 -44.05 -20.30 16.88
C PHE H 72 -44.10 -20.74 18.36
N PRO H 73 -43.44 -21.86 18.70
CA PRO H 73 -43.56 -22.35 20.08
C PRO H 73 -42.78 -21.50 21.09
N LEU H 74 -43.41 -21.21 22.22
CA LEU H 74 -42.77 -20.48 23.33
C LEU H 74 -42.55 -21.42 24.51
N THR H 75 -41.29 -21.56 24.93
CA THR H 75 -40.93 -22.37 26.08
C THR H 75 -40.62 -21.45 27.26
N VAL H 76 -41.19 -21.80 28.42
CA VAL H 76 -40.93 -21.09 29.66
C VAL H 76 -40.05 -21.95 30.56
N THR H 77 -38.92 -21.40 31.00
CA THR H 77 -38.00 -22.14 31.87
C THR H 77 -37.81 -21.51 33.25
N SER H 78 -37.06 -22.21 34.11
CA SER H 78 -36.83 -21.83 35.51
C SER H 78 -36.35 -20.40 35.69
N ALA H 79 -35.66 -19.90 34.68
CA ALA H 79 -35.07 -18.56 34.75
C ALA H 79 -36.15 -17.48 34.80
N GLN H 80 -37.33 -17.77 34.26
CA GLN H 80 -38.47 -16.86 34.39
C GLN H 80 -39.01 -16.94 35.81
N ALA H 81 -38.85 -15.84 36.54
CA ALA H 81 -39.10 -15.83 37.97
C ALA H 81 -40.57 -15.61 38.30
N ASN H 82 -41.34 -15.18 37.30
CA ASN H 82 -42.76 -14.95 37.55
C ASN H 82 -43.64 -15.48 36.42
N PRO H 83 -43.59 -16.80 36.18
CA PRO H 83 -44.18 -17.27 34.92
C PRO H 83 -45.71 -17.24 34.85
N THR H 84 -46.40 -17.10 36.00
CA THR H 84 -47.87 -17.06 36.05
C THR H 84 -48.43 -15.85 35.28
N ALA H 85 -49.18 -16.11 34.21
CA ALA H 85 -49.63 -15.04 33.32
C ALA H 85 -50.63 -15.48 32.29
N PHE H 86 -51.28 -14.51 31.64
CA PHE H 86 -52.03 -14.76 30.42
C PHE H 86 -51.11 -14.58 29.20
N TYR H 87 -50.93 -15.64 28.40
CA TYR H 87 -50.03 -15.61 27.26
C TYR H 87 -50.79 -15.57 25.92
N LEU H 88 -50.46 -14.57 25.11
CA LEU H 88 -51.12 -14.37 23.80
C LEU H 88 -50.11 -14.46 22.70
N CYS H 89 -50.45 -15.29 21.72
CA CYS H 89 -49.73 -15.30 20.47
C CYS H 89 -50.52 -14.47 19.43
N ALA H 90 -49.82 -13.77 18.55
CA ALA H 90 -50.47 -13.09 17.41
C ALA H 90 -49.62 -13.16 16.14
N SER H 91 -50.28 -12.98 15.01
CA SER H 91 -49.56 -13.04 13.74
C SER H 91 -50.05 -11.96 12.78
N SER H 92 -49.17 -11.58 11.84
CA SER H 92 -49.45 -10.55 10.85
C SER H 92 -48.86 -10.98 9.51
N ILE H 93 -49.51 -10.57 8.42
CA ILE H 93 -49.10 -11.05 7.10
C ILE H 93 -47.64 -10.65 6.81
N ARG H 94 -47.24 -9.48 7.30
CA ARG H 94 -45.82 -9.09 7.35
C ARG H 94 -45.64 -8.46 8.70
N SER H 95 -44.40 -8.40 9.17
CA SER H 95 -44.11 -7.74 10.43
C SER H 95 -44.52 -6.29 10.41
N SER H 96 -44.86 -5.76 11.59
CA SER H 96 -45.30 -4.37 11.72
C SER H 96 -46.57 -4.01 10.98
N TYR H 97 -47.44 -4.97 10.68
CA TYR H 97 -48.75 -4.62 10.16
C TYR H 97 -49.79 -5.23 11.14
N GLU H 98 -51.06 -5.16 10.79
CA GLU H 98 -52.13 -5.56 11.70
C GLU H 98 -51.97 -6.99 12.22
N GLN H 99 -52.07 -7.16 13.53
CA GLN H 99 -51.90 -8.47 14.11
C GLN H 99 -53.24 -9.09 14.45
N TYR H 100 -53.38 -10.37 14.12
CA TYR H 100 -54.55 -11.15 14.55
C TYR H 100 -54.16 -12.06 15.72
N PHE H 101 -54.91 -11.99 16.81
CA PHE H 101 -54.54 -12.74 18.02
C PHE H 101 -55.16 -14.13 18.11
N GLY H 102 -54.38 -15.11 18.59
CA GLY H 102 -54.95 -16.40 18.94
C GLY H 102 -55.72 -16.22 20.24
N PRO H 103 -56.34 -17.29 20.74
CA PRO H 103 -57.28 -17.10 21.84
C PRO H 103 -56.63 -16.99 23.22
N GLY H 104 -55.33 -17.27 23.33
CA GLY H 104 -54.62 -17.10 24.59
C GLY H 104 -54.57 -18.34 25.44
N THR H 105 -53.47 -18.48 26.19
CA THR H 105 -53.30 -19.57 27.16
C THR H 105 -53.06 -19.05 28.57
N ARG H 106 -53.85 -19.51 29.56
CA ARG H 106 -53.53 -19.19 30.96
C ARG H 106 -52.49 -20.17 31.52
N LEU H 107 -51.41 -19.62 32.04
CA LEU H 107 -50.40 -20.41 32.72
C LEU H 107 -50.37 -19.99 34.19
N THR H 108 -50.51 -20.94 35.10
CA THR H 108 -50.43 -20.63 36.50
C THR H 108 -49.39 -21.58 37.11
N VAL H 109 -48.46 -21.04 37.90
CA VAL H 109 -47.43 -21.91 38.47
C VAL H 109 -47.46 -21.82 39.99
N THR H 110 -47.25 -22.95 40.66
CA THR H 110 -47.28 -23.01 42.13
C THR H 110 -46.03 -23.75 42.68
N GLU H 111 -45.68 -23.50 43.93
CA GLU H 111 -44.54 -24.19 44.55
C GLU H 111 -44.85 -25.67 44.90
N ASP H 112 -46.10 -25.98 45.24
CA ASP H 112 -46.52 -27.39 45.18
C ASP H 112 -48.03 -27.56 45.08
N LEU H 113 -48.41 -28.73 44.57
CA LEU H 113 -49.75 -29.00 44.13
C LEU H 113 -50.79 -29.01 45.25
N LYS H 114 -50.36 -28.98 46.51
CA LYS H 114 -51.28 -29.01 47.65
C LYS H 114 -52.32 -27.89 47.57
N ASN H 115 -51.95 -26.78 46.94
CA ASN H 115 -52.83 -25.61 46.86
C ASN H 115 -53.94 -25.72 45.82
N VAL H 116 -54.00 -26.84 45.12
CA VAL H 116 -55.04 -27.04 44.11
C VAL H 116 -56.32 -27.60 44.72
N PHE H 117 -57.43 -26.90 44.52
CA PHE H 117 -58.76 -27.39 44.92
C PHE H 117 -59.75 -27.21 43.77
N PRO H 118 -60.58 -28.24 43.52
CA PRO H 118 -61.67 -28.10 42.55
C PRO H 118 -62.72 -27.18 43.15
N PRO H 119 -63.67 -26.69 42.34
CA PRO H 119 -64.69 -25.80 42.90
C PRO H 119 -65.79 -26.60 43.59
N GLU H 120 -66.53 -25.97 44.50
CA GLU H 120 -67.80 -26.53 44.96
C GLU H 120 -68.87 -25.68 44.36
N VAL H 121 -69.94 -26.30 43.88
CA VAL H 121 -70.95 -25.57 43.14
C VAL H 121 -72.31 -25.72 43.82
N ALA H 122 -72.98 -24.59 44.03
CA ALA H 122 -74.28 -24.57 44.65
C ALA H 122 -75.21 -23.71 43.81
N VAL H 123 -76.42 -24.21 43.61
CA VAL H 123 -77.44 -23.47 42.87
C VAL H 123 -78.49 -23.00 43.87
N PHE H 124 -78.85 -21.71 43.82
CA PHE H 124 -79.83 -21.16 44.76
C PHE H 124 -81.12 -20.75 44.06
N GLU H 125 -82.18 -21.53 44.29
CA GLU H 125 -83.52 -21.27 43.76
C GLU H 125 -84.00 -19.93 44.29
N PRO H 126 -84.76 -19.18 43.48
CA PRO H 126 -85.31 -17.95 44.07
C PRO H 126 -86.42 -18.36 45.03
N SER H 127 -86.74 -17.55 46.05
CA SER H 127 -87.85 -17.96 46.91
C SER H 127 -89.07 -17.14 46.54
N GLU H 128 -90.25 -17.54 47.04
CA GLU H 128 -91.52 -16.98 46.58
C GLU H 128 -91.49 -15.47 46.52
N ALA H 129 -90.73 -14.84 47.42
CA ALA H 129 -90.70 -13.38 47.49
C ALA H 129 -90.42 -12.80 46.12
N GLU H 130 -89.54 -13.44 45.35
CA GLU H 130 -89.23 -12.93 44.02
C GLU H 130 -90.34 -13.31 43.03
N ILE H 131 -90.57 -14.61 42.91
CA ILE H 131 -91.62 -15.17 42.05
C ILE H 131 -92.98 -14.50 42.27
N SER H 132 -93.32 -14.24 43.52
CA SER H 132 -94.64 -13.74 43.90
C SER H 132 -94.76 -12.22 43.70
N HIS H 133 -93.70 -11.50 44.04
CA HIS H 133 -93.71 -10.05 43.87
C HIS H 133 -93.47 -9.71 42.43
N THR H 134 -92.38 -10.25 41.90
CA THR H 134 -92.00 -9.93 40.54
C THR H 134 -92.50 -11.05 39.66
N GLN H 135 -92.24 -10.89 38.37
CA GLN H 135 -92.74 -11.77 37.35
C GLN H 135 -91.76 -12.94 37.15
N LYS H 136 -90.55 -12.72 37.66
CA LYS H 136 -89.39 -13.52 37.30
C LYS H 136 -88.89 -14.47 38.40
N ALA H 137 -87.98 -15.35 38.00
CA ALA H 137 -87.28 -16.21 38.94
C ALA H 137 -85.75 -16.09 38.72
N THR H 138 -85.12 -15.14 39.42
CA THR H 138 -83.66 -14.98 39.34
C THR H 138 -83.02 -16.10 40.11
N LEU H 139 -82.35 -16.95 39.36
CA LEU H 139 -81.67 -18.09 39.90
C LEU H 139 -80.20 -17.68 40.10
N VAL H 140 -79.46 -18.33 41.00
CA VAL H 140 -78.06 -17.94 41.25
C VAL H 140 -77.13 -19.14 41.36
N CYS H 141 -75.98 -19.08 40.67
CA CYS H 141 -74.98 -20.14 40.85
C CYS H 141 -73.76 -19.64 41.60
N LEU H 142 -73.23 -20.46 42.50
CA LEU H 142 -72.07 -20.05 43.27
C LEU H 142 -71.01 -21.12 43.19
N ALA H 143 -69.87 -20.78 42.60
CA ALA H 143 -68.71 -21.64 42.62
C ALA H 143 -67.73 -21.05 43.62
N THR H 144 -67.27 -21.88 44.56
CA THR H 144 -66.42 -21.44 45.66
C THR H 144 -65.25 -22.37 45.86
N GLY H 145 -64.21 -21.88 46.50
CA GLY H 145 -63.12 -22.73 46.93
C GLY H 145 -62.14 -23.28 45.90
N PHE H 146 -62.10 -22.73 44.69
CA PHE H 146 -61.22 -23.34 43.68
C PHE H 146 -59.91 -22.61 43.49
N TYR H 147 -58.88 -23.38 43.15
CA TYR H 147 -57.55 -22.89 42.75
C TYR H 147 -56.92 -23.90 41.79
N PRO H 148 -56.35 -23.43 40.65
CA PRO H 148 -56.28 -22.03 40.18
C PRO H 148 -57.62 -21.54 39.66
N ASP H 149 -57.67 -20.27 39.26
CA ASP H 149 -58.90 -19.71 38.72
C ASP H 149 -59.00 -20.05 37.23
N HIS H 150 -58.88 -21.34 36.95
CA HIS H 150 -59.01 -21.88 35.62
C HIS H 150 -60.39 -22.52 35.48
N VAL H 151 -61.42 -21.70 35.32
CA VAL H 151 -62.76 -22.27 35.26
C VAL H 151 -63.59 -21.67 34.13
N GLU H 152 -64.63 -22.40 33.76
CA GLU H 152 -65.58 -22.01 32.72
C GLU H 152 -66.99 -22.30 33.21
N LEU H 153 -67.74 -21.24 33.45
CA LEU H 153 -69.07 -21.38 34.01
C LEU H 153 -70.12 -21.27 32.90
N SER H 154 -70.97 -22.29 32.81
CA SER H 154 -72.09 -22.35 31.87
C SER H 154 -73.44 -22.66 32.54
N TRP H 155 -74.50 -22.03 32.03
CA TRP H 155 -75.88 -22.39 32.39
C TRP H 155 -76.53 -23.28 31.34
N TRP H 156 -77.02 -24.44 31.75
CA TRP H 156 -77.73 -25.31 30.84
C TRP H 156 -79.19 -25.49 31.24
N VAL H 157 -80.10 -24.97 30.42
CA VAL H 157 -81.53 -25.20 30.63
C VAL H 157 -82.08 -26.32 29.72
N ASN H 158 -82.47 -27.43 30.32
CA ASN H 158 -82.96 -28.59 29.59
C ASN H 158 -81.93 -29.10 28.59
N GLY H 159 -80.72 -29.29 29.08
CA GLY H 159 -79.67 -29.94 28.31
C GLY H 159 -79.12 -29.10 27.18
N LYS H 160 -79.57 -27.85 27.08
CA LYS H 160 -79.02 -26.92 26.08
C LYS H 160 -78.45 -25.67 26.75
N GLU H 161 -77.21 -25.34 26.43
CA GLU H 161 -76.58 -24.16 27.00
C GLU H 161 -77.39 -22.91 26.67
N VAL H 162 -77.42 -21.95 27.61
CA VAL H 162 -78.16 -20.71 27.41
C VAL H 162 -77.30 -19.49 27.73
N HIS H 163 -77.52 -18.40 27.01
CA HIS H 163 -76.79 -17.16 27.24
C HIS H 163 -77.71 -15.99 27.61
N SER H 164 -78.94 -16.00 27.11
CA SER H 164 -79.87 -14.91 27.38
C SER H 164 -80.41 -15.02 28.80
N GLY H 165 -80.57 -13.89 29.47
CA GLY H 165 -80.97 -13.91 30.87
C GLY H 165 -79.89 -14.47 31.78
N VAL H 166 -78.66 -14.53 31.27
CA VAL H 166 -77.50 -15.01 32.04
C VAL H 166 -76.54 -13.87 32.32
N CYS H 167 -75.93 -13.89 33.50
CA CYS H 167 -74.98 -12.86 33.90
C CYS H 167 -73.95 -13.48 34.85
N THR H 168 -72.67 -13.37 34.52
CA THR H 168 -71.62 -13.94 35.34
C THR H 168 -70.60 -12.87 35.70
N ASP H 169 -70.12 -12.89 36.95
CA ASP H 169 -69.06 -11.98 37.35
C ASP H 169 -67.96 -11.97 36.29
N PRO H 170 -67.46 -10.77 35.94
CA PRO H 170 -66.38 -10.66 34.95
C PRO H 170 -65.09 -11.33 35.45
N GLN H 171 -64.79 -11.22 36.75
CA GLN H 171 -63.66 -11.94 37.31
C GLN H 171 -64.10 -12.63 38.58
N PRO H 172 -63.49 -13.77 38.88
CA PRO H 172 -63.69 -14.40 40.20
C PRO H 172 -63.09 -13.53 41.30
N LEU H 173 -63.55 -13.70 42.53
CA LEU H 173 -63.01 -13.04 43.71
C LEU H 173 -61.99 -13.92 44.40
N LYS H 174 -61.05 -13.31 45.10
CA LYS H 174 -60.21 -14.05 46.04
C LYS H 174 -60.96 -14.26 47.32
N GLU H 175 -61.04 -15.51 47.78
CA GLU H 175 -61.65 -15.78 49.08
C GLU H 175 -60.84 -15.16 50.20
N GLN H 176 -59.51 -15.19 50.08
CA GLN H 176 -58.60 -14.62 51.08
C GLN H 176 -57.57 -13.78 50.35
N PRO H 177 -57.91 -12.50 50.12
CA PRO H 177 -57.10 -11.60 49.28
C PRO H 177 -55.66 -11.46 49.74
N ALA H 178 -55.40 -11.68 51.03
CA ALA H 178 -54.04 -11.53 51.58
C ALA H 178 -53.12 -12.61 51.07
N LEU H 179 -53.69 -13.72 50.62
CA LEU H 179 -52.87 -14.86 50.19
C LEU H 179 -52.63 -14.84 48.69
N ASN H 180 -51.35 -14.95 48.33
CA ASN H 180 -50.87 -15.11 46.96
C ASN H 180 -51.60 -16.25 46.23
N ASP H 181 -51.92 -17.27 47.02
CA ASP H 181 -52.46 -18.55 46.56
C ASP H 181 -53.92 -18.74 46.93
N SER H 182 -54.61 -17.65 47.23
CA SER H 182 -56.00 -17.69 47.67
C SER H 182 -56.83 -18.56 46.75
N ARG H 183 -57.78 -19.25 47.33
CA ARG H 183 -58.77 -19.94 46.54
C ARG H 183 -59.79 -18.91 46.06
N TYR H 184 -60.55 -19.28 45.05
CA TYR H 184 -61.38 -18.30 44.37
C TYR H 184 -62.84 -18.64 44.47
N SER H 185 -63.65 -17.63 44.26
CA SER H 185 -65.08 -17.79 44.24
C SER H 185 -65.71 -17.00 43.06
N LEU H 186 -66.78 -17.53 42.48
CA LEU H 186 -67.42 -16.90 41.32
C LEU H 186 -68.94 -17.11 41.31
N SER H 187 -69.69 -16.03 41.08
CA SER H 187 -71.14 -16.16 41.04
C SER H 187 -71.70 -15.92 39.62
N SER H 188 -72.86 -16.50 39.35
CA SER H 188 -73.58 -16.26 38.09
C SER H 188 -75.10 -16.28 38.33
N ARG H 189 -75.83 -15.50 37.55
CA ARG H 189 -77.30 -15.44 37.65
C ARG H 189 -78.00 -15.85 36.35
N LEU H 190 -79.13 -16.54 36.50
CA LEU H 190 -79.97 -16.93 35.38
C LEU H 190 -81.40 -16.49 35.62
N ARG H 191 -81.87 -15.53 34.85
CA ARG H 191 -83.21 -15.00 35.06
C ARG H 191 -84.20 -15.56 34.04
N VAL H 192 -85.09 -16.40 34.53
CA VAL H 192 -86.21 -16.94 33.76
C VAL H 192 -87.54 -16.39 34.27
N SER H 193 -88.64 -16.78 33.62
CA SER H 193 -89.99 -16.39 34.05
C SER H 193 -90.51 -17.29 35.19
N ALA H 194 -91.37 -16.72 36.05
CA ALA H 194 -91.92 -17.47 37.18
C ALA H 194 -92.61 -18.72 36.65
N THR H 195 -93.40 -18.53 35.60
CA THR H 195 -94.14 -19.63 35.00
C THR H 195 -93.15 -20.60 34.32
N PHE H 196 -91.99 -20.11 33.93
CA PHE H 196 -90.97 -21.00 33.41
C PHE H 196 -90.37 -21.84 34.52
N TRP H 197 -90.07 -21.18 35.64
CA TRP H 197 -89.41 -21.82 36.78
C TRP H 197 -90.35 -22.80 37.50
N GLN H 198 -91.65 -22.51 37.47
CA GLN H 198 -92.66 -23.35 38.13
C GLN H 198 -92.89 -24.71 37.46
N ASN H 199 -92.34 -24.91 36.26
CA ASN H 199 -92.73 -26.06 35.46
C ASN H 199 -91.59 -27.00 35.13
N PRO H 200 -91.60 -28.23 35.65
CA PRO H 200 -90.85 -29.24 34.88
C PRO H 200 -91.51 -29.42 33.49
N ARG H 201 -90.92 -30.16 32.56
CA ARG H 201 -89.68 -30.83 32.82
C ARG H 201 -88.44 -29.96 32.97
N ASN H 202 -88.56 -28.65 32.92
CA ASN H 202 -87.46 -27.71 33.05
C ASN H 202 -86.42 -28.17 34.07
N HIS H 203 -85.21 -28.23 33.56
CA HIS H 203 -84.05 -28.76 34.26
C HIS H 203 -82.95 -27.72 34.15
N PHE H 204 -82.53 -27.20 35.30
CA PHE H 204 -81.53 -26.12 35.33
C PHE H 204 -80.22 -26.63 35.88
N ARG H 205 -79.16 -26.56 35.08
CA ARG H 205 -77.86 -27.03 35.52
C ARG H 205 -76.83 -25.91 35.44
N CYS H 206 -76.20 -25.63 36.59
CA CYS H 206 -75.05 -24.73 36.63
C CYS H 206 -73.82 -25.59 36.47
N GLN H 207 -73.05 -25.30 35.43
CA GLN H 207 -71.91 -26.13 35.06
C GLN H 207 -70.59 -25.37 35.25
N VAL H 208 -69.63 -25.98 35.94
CA VAL H 208 -68.33 -25.36 36.01
C VAL H 208 -67.25 -26.33 35.65
N GLN H 209 -66.59 -26.06 34.52
CA GLN H 209 -65.46 -26.86 34.10
C GLN H 209 -64.21 -26.31 34.80
N PHE H 210 -63.51 -27.19 35.50
CA PHE H 210 -62.31 -26.83 36.24
C PHE H 210 -61.13 -27.47 35.53
N TYR H 211 -60.06 -26.69 35.36
CA TYR H 211 -58.82 -27.23 34.81
C TYR H 211 -57.79 -27.34 35.95
N GLY H 212 -57.28 -28.54 36.17
CA GLY H 212 -56.42 -28.78 37.31
C GLY H 212 -55.33 -29.76 36.98
N LEU H 213 -55.12 -30.76 37.83
CA LEU H 213 -54.03 -31.70 37.61
C LEU H 213 -54.37 -32.74 36.55
N SER H 214 -53.34 -33.37 36.00
CA SER H 214 -53.52 -34.59 35.21
C SER H 214 -52.82 -35.72 35.95
N GLU H 215 -53.30 -36.96 35.78
CA GLU H 215 -52.89 -38.04 36.67
C GLU H 215 -51.42 -38.43 36.55
N ASN H 216 -50.69 -37.72 35.69
CA ASN H 216 -49.25 -37.75 35.73
C ASN H 216 -48.75 -37.28 37.09
N ASP H 217 -49.31 -36.19 37.60
CA ASP H 217 -48.82 -35.61 38.85
C ASP H 217 -49.16 -36.51 40.04
N GLU H 218 -48.31 -36.45 41.06
CA GLU H 218 -48.41 -37.35 42.22
C GLU H 218 -49.28 -36.77 43.33
N TRP H 219 -50.54 -37.22 43.44
CA TRP H 219 -51.36 -36.71 44.53
C TRP H 219 -50.97 -37.36 45.86
N THR H 220 -50.45 -36.53 46.74
CA THR H 220 -49.81 -36.96 47.96
C THR H 220 -50.69 -36.89 49.21
N GLN H 221 -52.00 -36.71 49.03
CA GLN H 221 -52.85 -36.43 50.19
C GLN H 221 -54.14 -37.23 50.25
N ASP H 222 -54.97 -36.83 51.22
CA ASP H 222 -56.11 -37.63 51.68
C ASP H 222 -57.41 -37.30 50.98
N ARG H 223 -57.58 -36.04 50.55
CA ARG H 223 -58.76 -35.73 49.77
C ARG H 223 -58.56 -36.21 48.35
N ALA H 224 -59.64 -36.16 47.56
CA ALA H 224 -59.60 -36.58 46.17
C ALA H 224 -58.51 -35.86 45.39
N LYS H 225 -57.97 -36.50 44.37
CA LYS H 225 -56.97 -35.88 43.51
C LYS H 225 -57.64 -34.80 42.66
N PRO H 226 -57.27 -33.53 42.88
CA PRO H 226 -57.96 -32.42 42.23
C PRO H 226 -57.67 -32.33 40.73
N VAL H 227 -58.35 -33.18 39.95
CA VAL H 227 -58.12 -33.24 38.52
C VAL H 227 -59.04 -32.33 37.76
N THR H 228 -58.70 -32.10 36.49
CA THR H 228 -59.61 -31.45 35.57
C THR H 228 -60.93 -32.21 35.62
N GLN H 229 -62.04 -31.48 35.70
CA GLN H 229 -63.33 -32.09 35.96
C GLN H 229 -64.47 -31.09 35.86
N ILE H 230 -65.67 -31.61 35.62
CA ILE H 230 -66.88 -30.82 35.69
C ILE H 230 -67.47 -30.96 37.09
N VAL H 231 -67.93 -29.85 37.64
CA VAL H 231 -68.67 -29.87 38.89
C VAL H 231 -69.87 -29.03 38.60
N SER H 232 -71.03 -29.65 38.68
CA SER H 232 -72.26 -28.96 38.39
C SER H 232 -73.19 -29.07 39.56
N ALA H 233 -74.19 -28.21 39.57
CA ALA H 233 -75.28 -28.32 40.52
C ALA H 233 -76.57 -28.05 39.76
N GLU H 234 -77.55 -28.90 39.99
CA GLU H 234 -78.80 -28.80 39.23
C GLU H 234 -80.00 -28.59 40.12
N ALA H 235 -81.06 -28.14 39.47
CA ALA H 235 -82.32 -27.84 40.13
C ALA H 235 -83.43 -27.97 39.09
N TRP H 236 -84.61 -28.41 39.53
CA TRP H 236 -85.75 -28.54 38.63
C TRP H 236 -86.88 -27.64 39.11
N GLY H 237 -87.89 -27.45 38.27
CA GLY H 237 -89.07 -26.72 38.70
C GLY H 237 -89.82 -27.45 39.81
N GLY I 1 -27.50 2.65 8.18
CA GLY I 1 -28.39 1.77 8.93
C GLY I 1 -29.45 1.15 8.02
N ILE I 2 -29.45 -0.17 7.91
CA ILE I 2 -30.42 -0.82 7.03
C ILE I 2 -31.83 -0.85 7.62
N LEU I 3 -32.77 -1.31 6.80
CA LEU I 3 -34.16 -1.54 7.21
C LEU I 3 -34.27 -2.45 8.42
N GLY I 4 -35.16 -2.10 9.35
CA GLY I 4 -35.42 -2.92 10.55
C GLY I 4 -36.63 -3.84 10.46
N PHE I 5 -37.38 -3.71 9.37
CA PHE I 5 -38.45 -4.67 9.11
C PHE I 5 -38.21 -5.30 7.73
N VAL I 6 -38.56 -6.57 7.64
CA VAL I 6 -38.44 -7.31 6.40
C VAL I 6 -39.83 -7.75 5.97
N PHE I 7 -40.00 -8.01 4.68
CA PHE I 7 -41.28 -8.45 4.14
C PHE I 7 -41.01 -9.26 2.88
N THR I 8 -41.73 -10.36 2.73
CA THR I 8 -41.55 -11.25 1.58
C THR I 8 -42.16 -10.72 0.26
N LEU I 9 -41.55 -11.10 -0.86
CA LEU I 9 -42.11 -10.91 -2.21
C LEU I 9 -43.40 -11.69 -2.46
N GLY J 1 26.38 1.36 -5.29
CA GLY J 1 27.30 1.60 -6.39
C GLY J 1 28.70 1.21 -5.96
N ILE J 2 29.47 0.56 -6.84
CA ILE J 2 30.82 0.13 -6.53
C ILE J 2 31.89 1.24 -6.70
N LEU J 3 33.11 0.98 -6.23
CA LEU J 3 34.23 1.92 -6.39
C LEU J 3 34.43 2.32 -7.84
N GLY J 4 34.67 3.60 -8.05
CA GLY J 4 34.97 4.13 -9.38
C GLY J 4 36.45 4.12 -9.77
N PHE J 5 37.31 3.84 -8.79
CA PHE J 5 38.73 3.70 -9.09
C PHE J 5 39.24 2.31 -8.73
N VAL J 6 40.13 1.79 -9.56
CA VAL J 6 40.73 0.49 -9.25
C VAL J 6 42.24 0.62 -9.11
N PHE J 7 42.84 -0.37 -8.44
CA PHE J 7 44.28 -0.30 -8.10
C PHE J 7 44.75 -1.73 -7.86
N THR J 8 45.92 -2.05 -8.37
CA THR J 8 46.44 -3.41 -8.31
C THR J 8 47.02 -3.75 -6.96
N LEU J 9 47.18 -5.05 -6.74
CA LEU J 9 47.89 -5.61 -5.61
C LEU J 9 49.40 -5.44 -5.85
#